data_4XHE
#
_entry.id   4XHE
#
_cell.length_a   129.734
_cell.length_b   144.231
_cell.length_c   147.121
_cell.angle_alpha   90.000
_cell.angle_beta   90.000
_cell.angle_gamma   90.000
#
_symmetry.space_group_name_H-M   'P 21 21 21'
#
loop_
_entity.id
_entity.type
_entity.pdbx_description
1 polymer 'Soluble acetylcholine receptor'
2 non-polymer 'Pinnatoxin A'
3 non-polymer 'CALCIUM ION'
4 non-polymer 'CHLORIDE ION'
5 water water
#
_entity_poly.entity_id   1
_entity_poly.type   'polypeptide(L)'
_entity_poly.pdbx_seq_one_letter_code
;DYKDDDDKLHSQANLMRLKSDLFNRSPMYPGPTKDDPLTVTLGFTLQDIVKADSSTNEVDLVYYEQQRWKLNSLMWDPNE
YGNITDFRTSAADIWTPDITAYSSTRPVQVLSPQIAVVTHDGSVMFIPAQRLSFMCDPTGVDSEEGATCAVKFGSWVYSG
FEIDLKTDTDQVDLSSYYASSKYEILSATQTRQVQHYSCCPEPYIDVNLVVKFRERR
;
_entity_poly.pdbx_strand_id   A,B,C,D,E,F,G,H,I,J
#
loop_
_chem_comp.id
_chem_comp.type
_chem_comp.name
_chem_comp.formula
40P non-polymer 'Pinnatoxin A' 'C41 H61 N O9'
CA non-polymer 'CALCIUM ION' 'Ca 2'
CL non-polymer 'CHLORIDE ION' 'Cl -1'
#
# COMPACT_ATOMS: atom_id res chain seq x y z
N TYR A 2 5.87 31.27 36.38
CA TYR A 2 5.42 30.74 35.05
C TYR A 2 6.15 31.40 33.88
N LYS A 3 6.71 32.59 34.09
CA LYS A 3 7.54 33.22 33.05
C LYS A 3 8.77 32.37 32.74
N ASP A 4 9.44 31.89 33.79
CA ASP A 4 10.70 31.12 33.64
C ASP A 4 10.43 29.78 32.98
N ASP A 5 9.29 29.18 33.29
CA ASP A 5 8.84 27.96 32.64
C ASP A 5 8.65 28.16 31.13
N ASP A 6 8.04 29.29 30.74
CA ASP A 6 7.81 29.60 29.33
C ASP A 6 9.10 29.94 28.57
N ASP A 7 10.02 30.67 29.22
CA ASP A 7 11.34 30.92 28.64
C ASP A 7 12.02 29.58 28.29
N LYS A 8 11.96 28.62 29.21
CA LYS A 8 12.53 27.29 29.00
C LYS A 8 11.84 26.54 27.87
N LEU A 9 10.51 26.53 27.91
CA LEU A 9 9.70 25.99 26.82
C LEU A 9 10.08 26.64 25.48
N HIS A 10 10.29 27.96 25.52
CA HIS A 10 10.63 28.73 24.34
C HIS A 10 12.02 28.42 23.76
N SER A 11 13.02 28.26 24.62
CA SER A 11 14.38 27.88 24.16
C SER A 11 14.37 26.50 23.48
N GLN A 12 13.63 25.55 24.05
CA GLN A 12 13.42 24.24 23.41
C GLN A 12 12.77 24.37 22.03
N ALA A 13 11.75 25.20 21.93
CA ALA A 13 11.05 25.46 20.66
C ALA A 13 12.00 26.05 19.63
N ASN A 14 12.87 26.97 20.06
CA ASN A 14 13.89 27.53 19.17
C ASN A 14 14.89 26.45 18.73
N LEU A 15 15.36 25.61 19.66
CA LEU A 15 16.32 24.54 19.31
C LEU A 15 15.68 23.61 18.27
N MET A 16 14.43 23.22 18.51
CA MET A 16 13.70 22.35 17.57
C MET A 16 13.41 23.02 16.22
N ARG A 17 13.11 24.32 16.24
CA ARG A 17 12.95 25.06 14.98
C ARG A 17 14.26 25.07 14.18
N LEU A 18 15.39 25.29 14.85
CA LEU A 18 16.70 25.27 14.18
C LEU A 18 17.00 23.90 13.56
N LYS A 19 16.79 22.85 14.36
CA LYS A 19 17.04 21.50 13.86
C LYS A 19 16.12 21.15 12.71
N SER A 20 14.84 21.53 12.81
CA SER A 20 13.86 21.28 11.74
C SER A 20 14.20 22.07 10.46
N ASP A 21 14.59 23.32 10.60
CA ASP A 21 15.11 24.08 9.46
C ASP A 21 16.32 23.42 8.81
N LEU A 22 17.29 22.98 9.62
CA LEU A 22 18.54 22.43 9.11
C LEU A 22 18.38 21.02 8.55
N PHE A 23 17.62 20.16 9.23
CA PHE A 23 17.53 18.74 8.85
C PHE A 23 16.31 18.32 8.02
N ASN A 24 15.17 18.98 8.19
CA ASN A 24 13.93 18.57 7.51
C ASN A 24 13.48 19.48 6.37
N ARG A 25 13.66 20.79 6.54
CA ARG A 25 13.19 21.76 5.54
C ARG A 25 14.12 21.85 4.33
N SER A 26 15.44 21.81 4.57
CA SER A 26 16.42 21.93 3.50
C SER A 26 17.01 20.57 3.14
N PRO A 27 17.55 20.45 1.91
CA PRO A 27 18.29 19.22 1.57
C PRO A 27 19.57 19.11 2.41
N MET A 28 19.84 17.90 2.92
CA MET A 28 21.03 17.71 3.75
C MET A 28 22.24 17.36 2.88
N TYR A 29 23.35 17.03 3.54
CA TYR A 29 24.62 16.83 2.87
C TYR A 29 24.76 15.42 2.28
N PRO A 30 24.91 15.32 0.94
CA PRO A 30 25.10 14.03 0.32
C PRO A 30 26.54 13.51 0.45
N GLY A 31 27.44 14.37 0.92
CA GLY A 31 28.85 14.04 1.01
C GLY A 31 29.63 14.90 0.03
N PRO A 32 30.96 14.89 0.14
CA PRO A 32 31.76 15.75 -0.71
C PRO A 32 31.84 15.27 -2.17
N THR A 33 32.22 16.17 -3.05
CA THR A 33 32.45 15.90 -4.47
C THR A 33 33.67 16.67 -4.92
N LYS A 34 34.15 16.36 -6.12
CA LYS A 34 35.31 17.03 -6.68
C LYS A 34 35.09 18.54 -6.85
N ASP A 35 33.83 18.94 -7.08
CA ASP A 35 33.47 20.34 -7.22
C ASP A 35 33.07 21.00 -5.90
N ASP A 36 33.01 20.21 -4.83
CA ASP A 36 32.70 20.72 -3.50
C ASP A 36 33.47 19.92 -2.42
N PRO A 37 34.80 19.97 -2.46
CA PRO A 37 35.64 19.21 -1.51
C PRO A 37 35.48 19.69 -0.09
N LEU A 38 35.78 18.81 0.84
CA LEU A 38 35.63 19.10 2.25
C LEU A 38 37.00 18.95 2.95
N THR A 39 37.34 19.90 3.82
CA THR A 39 38.49 19.76 4.69
C THR A 39 38.11 19.14 6.03
N VAL A 40 38.76 18.05 6.39
CA VAL A 40 38.56 17.40 7.67
C VAL A 40 39.86 17.52 8.45
N THR A 41 39.77 18.10 9.64
CA THR A 41 40.91 18.25 10.51
C THR A 41 40.86 17.17 11.57
N LEU A 42 41.99 16.48 11.71
CA LEU A 42 42.11 15.31 12.54
C LEU A 42 43.21 15.56 13.60
N GLY A 43 42.94 15.13 14.82
CA GLY A 43 43.86 15.26 15.92
C GLY A 43 43.65 14.14 16.92
N PHE A 44 44.76 13.66 17.50
CA PHE A 44 44.74 12.57 18.48
C PHE A 44 45.14 13.05 19.86
N THR A 45 44.37 12.57 20.84
CA THR A 45 44.72 12.67 22.24
C THR A 45 44.94 11.28 22.76
N LEU A 46 46.21 10.89 22.92
CA LEU A 46 46.53 9.53 23.26
C LEU A 46 46.41 9.33 24.76
N GLN A 47 45.58 8.38 25.17
CA GLN A 47 45.32 8.13 26.60
C GLN A 47 46.13 7.00 27.21
N ASP A 48 46.28 5.89 26.50
CA ASP A 48 47.00 4.75 27.08
C ASP A 48 47.46 3.81 25.97
N ILE A 49 48.65 3.26 26.13
CA ILE A 49 49.00 2.04 25.45
C ILE A 49 48.64 0.93 26.45
N VAL A 50 47.66 0.13 26.09
CA VAL A 50 47.11 -0.84 27.02
C VAL A 50 47.92 -2.12 26.98
N LYS A 51 48.23 -2.59 25.77
CA LYS A 51 48.86 -3.90 25.61
C LYS A 51 49.76 -3.89 24.38
N ALA A 52 50.90 -4.56 24.48
CA ALA A 52 51.82 -4.77 23.37
C ALA A 52 52.09 -6.27 23.29
N ASP A 53 51.59 -6.92 22.26
CA ASP A 53 51.59 -8.38 22.15
C ASP A 53 52.66 -8.78 21.12
N SER A 54 53.77 -9.31 21.61
CA SER A 54 54.86 -9.71 20.73
C SER A 54 54.69 -11.10 20.11
N SER A 55 53.71 -11.87 20.57
CA SER A 55 53.42 -13.17 19.93
C SER A 55 52.63 -12.98 18.63
N THR A 56 51.90 -11.87 18.51
CA THR A 56 51.15 -11.57 17.30
C THR A 56 51.55 -10.25 16.62
N ASN A 57 52.40 -9.45 17.26
CA ASN A 57 52.70 -8.09 16.78
C ASN A 57 51.45 -7.23 16.55
N GLU A 58 50.69 -7.10 17.64
CA GLU A 58 49.56 -6.19 17.74
C GLU A 58 49.76 -5.34 18.98
N VAL A 59 49.44 -4.05 18.88
CA VAL A 59 49.42 -3.17 20.04
C VAL A 59 48.02 -2.53 20.15
N ASP A 60 47.57 -2.37 21.37
CA ASP A 60 46.25 -1.82 21.64
C ASP A 60 46.38 -0.43 22.27
N LEU A 61 45.79 0.57 21.62
CA LEU A 61 45.84 1.97 22.08
C LEU A 61 44.44 2.40 22.44
N VAL A 62 44.35 3.32 23.39
CA VAL A 62 43.11 4.03 23.72
C VAL A 62 43.40 5.53 23.51
N TYR A 63 42.56 6.21 22.73
CA TYR A 63 42.76 7.60 22.39
C TYR A 63 41.40 8.23 22.10
N TYR A 64 41.39 9.57 22.08
CA TYR A 64 40.29 10.36 21.58
C TYR A 64 40.70 10.83 20.20
N GLU A 65 39.85 10.62 19.21
CA GLU A 65 40.14 11.08 17.86
C GLU A 65 39.20 12.28 17.54
N GLN A 66 39.77 13.48 17.48
CA GLN A 66 39.01 14.70 17.21
C GLN A 66 38.88 14.89 15.71
N GLN A 67 37.65 15.00 15.22
CA GLN A 67 37.37 15.22 13.81
C GLN A 67 36.56 16.53 13.72
N ARG A 68 36.96 17.41 12.82
CA ARG A 68 36.26 18.68 12.61
CA ARG A 68 36.25 18.68 12.61
C ARG A 68 36.11 18.97 11.13
N TRP A 69 34.90 19.35 10.71
CA TRP A 69 34.67 19.84 9.36
C TRP A 69 33.63 20.96 9.41
N LYS A 70 33.41 21.62 8.28
CA LYS A 70 32.55 22.79 8.22
C LYS A 70 31.71 22.71 6.95
N LEU A 71 30.41 22.90 7.12
CA LEU A 71 29.46 22.81 6.02
C LEU A 71 28.62 24.07 5.95
N ASN A 72 28.49 24.63 4.74
CA ASN A 72 27.61 25.76 4.52
C ASN A 72 26.19 25.42 4.93
N SER A 73 25.78 24.18 4.63
CA SER A 73 24.44 23.70 4.92
C SER A 73 24.10 23.63 6.41
N LEU A 74 25.11 23.66 7.29
CA LEU A 74 24.84 23.71 8.74
C LEU A 74 25.04 25.10 9.37
N MET A 75 25.20 26.12 8.53
CA MET A 75 25.32 27.50 9.01
C MET A 75 23.95 28.08 9.35
N TRP A 76 23.92 28.96 10.35
CA TRP A 76 22.74 29.77 10.64
C TRP A 76 23.14 31.07 11.37
N ASP A 77 22.25 32.05 11.32
CA ASP A 77 22.40 33.27 12.11
C ASP A 77 21.74 33.03 13.46
N PRO A 78 22.51 33.10 14.58
CA PRO A 78 21.91 32.89 15.90
C PRO A 78 20.76 33.86 16.24
N ASN A 79 20.72 35.00 15.56
CA ASN A 79 19.61 35.97 15.73
C ASN A 79 18.26 35.49 15.24
N GLU A 80 18.28 34.60 14.26
CA GLU A 80 17.04 34.03 13.72
C GLU A 80 16.54 32.88 14.63
N TYR A 81 17.35 32.52 15.64
CA TYR A 81 17.08 31.35 16.50
C TYR A 81 17.43 31.57 17.97
N GLY A 82 16.94 32.66 18.53
CA GLY A 82 17.06 32.95 19.95
C GLY A 82 18.47 32.90 20.50
N ASN A 83 19.43 33.34 19.69
CA ASN A 83 20.85 33.35 20.06
C ASN A 83 21.46 31.98 20.39
N ILE A 84 20.93 30.92 19.77
CA ILE A 84 21.55 29.58 19.86
C ILE A 84 22.81 29.62 19.02
N THR A 85 23.94 29.28 19.64
CA THR A 85 25.22 29.30 18.93
C THR A 85 25.71 27.90 18.57
N ASP A 86 25.19 26.88 19.24
CA ASP A 86 25.55 25.49 18.94
C ASP A 86 24.52 24.51 19.47
N PHE A 87 24.55 23.28 18.95
CA PHE A 87 23.66 22.22 19.43
C PHE A 87 24.35 20.86 19.33
N ARG A 88 23.73 19.83 19.90
CA ARG A 88 24.18 18.46 19.80
C ARG A 88 23.27 17.64 18.90
N THR A 89 23.85 16.65 18.26
CA THR A 89 23.10 15.73 17.44
C THR A 89 23.79 14.36 17.44
N SER A 90 22.99 13.31 17.34
CA SER A 90 23.50 11.99 17.10
C SER A 90 24.32 11.98 15.81
N ALA A 91 25.48 11.35 15.86
CA ALA A 91 26.35 11.24 14.69
C ALA A 91 25.69 10.50 13.51
N ALA A 92 24.72 9.63 13.80
CA ALA A 92 23.99 8.89 12.75
C ALA A 92 23.02 9.78 11.98
N ASP A 93 22.65 10.91 12.57
CA ASP A 93 21.72 11.85 11.94
C ASP A 93 22.37 12.82 10.95
N ILE A 94 23.69 12.87 10.91
CA ILE A 94 24.42 13.74 10.00
C ILE A 94 25.46 12.94 9.24
N TRP A 95 25.92 13.49 8.14
CA TRP A 95 27.04 12.92 7.45
C TRP A 95 28.27 13.07 8.35
N THR A 96 29.07 12.02 8.40
CA THR A 96 30.36 12.05 9.08
C THR A 96 31.38 11.42 8.12
N PRO A 97 32.64 11.87 8.20
CA PRO A 97 33.67 11.34 7.30
C PRO A 97 34.06 9.91 7.66
N ASP A 98 34.42 9.12 6.64
CA ASP A 98 34.71 7.70 6.79
C ASP A 98 36.19 7.46 7.13
N ILE A 99 36.67 8.17 8.14
CA ILE A 99 38.06 8.09 8.58
C ILE A 99 38.30 6.72 9.22
N THR A 100 39.29 6.01 8.71
CA THR A 100 39.55 4.68 9.19
CA THR A 100 39.55 4.62 9.05
C THR A 100 41.04 4.44 9.35
N ALA A 101 41.39 3.64 10.36
CA ALA A 101 42.76 3.17 10.53
C ALA A 101 43.02 2.19 9.38
N TYR A 102 44.18 2.30 8.73
CA TYR A 102 44.47 1.45 7.57
C TYR A 102 45.07 0.10 7.90
N SER A 103 45.58 -0.07 9.12
CA SER A 103 46.22 -1.30 9.54
C SER A 103 45.74 -1.83 10.90
N SER A 104 44.45 -1.61 11.20
CA SER A 104 43.80 -2.26 12.34
C SER A 104 43.78 -3.77 12.13
N THR A 105 43.77 -4.50 13.24
CA THR A 105 43.65 -5.96 13.22
C THR A 105 42.35 -6.46 13.83
N ARG A 106 41.58 -5.54 14.43
CA ARG A 106 40.26 -5.85 14.97
CA ARG A 106 40.25 -5.85 14.95
C ARG A 106 39.38 -4.62 14.74
N PRO A 107 38.05 -4.81 14.70
CA PRO A 107 37.20 -3.65 14.58
C PRO A 107 37.44 -2.71 15.76
N VAL A 108 37.45 -1.43 15.48
CA VAL A 108 37.64 -0.42 16.51
CA VAL A 108 37.64 -0.42 16.49
C VAL A 108 36.48 -0.49 17.49
N GLN A 109 36.78 -0.29 18.76
CA GLN A 109 35.74 -0.28 19.77
C GLN A 109 35.52 1.14 20.26
N VAL A 110 34.28 1.62 20.19
CA VAL A 110 33.97 2.99 20.55
C VAL A 110 33.61 3.05 22.03
N LEU A 111 34.18 4.03 22.73
CA LEU A 111 34.10 4.15 24.17
C LEU A 111 33.27 5.38 24.63
N SER A 112 32.85 6.21 23.69
CA SER A 112 32.10 7.44 24.00
C SER A 112 30.77 7.48 23.26
N PRO A 113 29.80 8.25 23.76
CA PRO A 113 28.52 8.33 23.03
C PRO A 113 28.67 8.99 21.67
N GLN A 114 28.01 8.44 20.68
CA GLN A 114 28.22 8.97 19.33
C GLN A 114 27.34 10.21 19.09
N ILE A 115 27.81 11.35 19.60
CA ILE A 115 27.11 12.62 19.51
C ILE A 115 28.09 13.66 18.99
N ALA A 116 27.65 14.53 18.08
CA ALA A 116 28.52 15.53 17.50
C ALA A 116 28.06 16.92 17.94
N VAL A 117 28.99 17.87 17.98
CA VAL A 117 28.64 19.26 18.30
C VAL A 117 28.63 20.09 17.00
N VAL A 118 27.50 20.74 16.74
CA VAL A 118 27.33 21.62 15.58
C VAL A 118 27.28 23.08 16.06
N THR A 119 28.12 23.93 15.47
CA THR A 119 28.24 25.35 15.81
C THR A 119 27.66 26.21 14.67
N HIS A 120 27.23 27.44 14.97
CA HIS A 120 26.49 28.27 14.00
C HIS A 120 27.30 28.66 12.76
N ASP A 121 28.63 28.67 12.87
CA ASP A 121 29.49 28.85 11.69
C ASP A 121 29.45 27.63 10.74
N GLY A 122 28.65 26.61 11.06
CA GLY A 122 28.56 25.42 10.22
C GLY A 122 29.58 24.34 10.55
N SER A 123 30.41 24.55 11.56
CA SER A 123 31.42 23.55 11.90
C SER A 123 30.87 22.45 12.79
N VAL A 124 31.37 21.25 12.55
CA VAL A 124 30.96 20.08 13.30
C VAL A 124 32.21 19.56 13.97
N MET A 125 32.09 19.23 15.26
CA MET A 125 33.16 18.61 16.02
C MET A 125 32.63 17.27 16.50
N PHE A 126 33.38 16.20 16.21
CA PHE A 126 33.03 14.83 16.58
C PHE A 126 34.28 14.13 17.13
N ILE A 127 34.21 13.64 18.37
CA ILE A 127 35.40 13.16 19.08
C ILE A 127 35.16 11.76 19.65
N PRO A 128 35.21 10.74 18.77
CA PRO A 128 35.02 9.41 19.27
C PRO A 128 36.26 8.94 20.10
N ALA A 129 35.98 8.49 21.33
CA ALA A 129 36.98 7.77 22.14
C ALA A 129 37.03 6.34 21.64
N GLN A 130 38.25 5.78 21.48
CA GLN A 130 38.39 4.50 20.77
C GLN A 130 39.47 3.63 21.39
N ARG A 131 39.23 2.32 21.34
CA ARG A 131 40.29 1.31 21.57
C ARG A 131 40.54 0.62 20.24
N LEU A 132 41.79 0.65 19.81
CA LEU A 132 42.23 0.17 18.52
C LEU A 132 43.35 -0.86 18.70
N SER A 133 43.24 -2.01 18.05
CA SER A 133 44.33 -2.97 17.92
C SER A 133 44.84 -2.78 16.50
N PHE A 134 46.15 -2.60 16.37
CA PHE A 134 46.77 -2.43 15.06
C PHE A 134 48.11 -3.13 14.98
N MET A 135 48.61 -3.26 13.75
CA MET A 135 49.85 -3.96 13.49
C MET A 135 51.05 -3.19 13.99
N CYS A 136 51.85 -3.85 14.84
CA CYS A 136 52.99 -3.22 15.49
C CYS A 136 53.94 -4.26 16.11
N ASP A 137 55.22 -4.15 15.80
CA ASP A 137 56.28 -5.00 16.38
C ASP A 137 56.89 -4.28 17.55
N PRO A 138 56.57 -4.68 18.79
CA PRO A 138 57.06 -3.96 19.94
C PRO A 138 58.52 -4.29 20.32
N THR A 139 59.30 -4.88 19.40
CA THR A 139 60.71 -5.10 19.64
CA THR A 139 60.71 -5.10 19.66
C THR A 139 61.34 -3.78 20.08
N GLY A 140 62.13 -3.83 21.16
CA GLY A 140 62.80 -2.67 21.70
C GLY A 140 62.07 -2.05 22.89
N VAL A 141 60.83 -2.44 23.10
CA VAL A 141 60.00 -1.83 24.15
C VAL A 141 60.65 -1.97 25.54
N ASP A 142 61.40 -3.06 25.72
CA ASP A 142 62.09 -3.31 27.01
C ASP A 142 63.49 -2.67 27.10
N SER A 143 63.77 -1.68 26.25
CA SER A 143 65.04 -0.96 26.24
C SER A 143 64.79 0.54 26.39
N GLU A 144 65.88 1.28 26.61
CA GLU A 144 65.81 2.73 26.75
C GLU A 144 65.40 3.41 25.46
N GLU A 145 65.80 2.87 24.32
CA GLU A 145 65.46 3.43 23.03
C GLU A 145 63.97 3.21 22.73
N GLY A 146 63.41 2.10 23.23
CA GLY A 146 61.97 1.83 23.12
C GLY A 146 61.58 1.26 21.78
N ALA A 147 60.29 1.00 21.62
CA ALA A 147 59.72 0.49 20.39
C ALA A 147 59.16 1.66 19.58
N THR A 148 58.97 1.47 18.28
CA THR A 148 58.25 2.45 17.47
C THR A 148 57.19 1.76 16.66
N CYS A 149 56.00 2.33 16.64
CA CYS A 149 54.95 1.83 15.76
CA CYS A 149 54.98 1.84 15.73
C CYS A 149 54.19 2.97 15.13
N ALA A 150 53.46 2.64 14.07
CA ALA A 150 52.83 3.62 13.28
C ALA A 150 51.56 3.05 12.65
N VAL A 151 50.56 3.90 12.54
CA VAL A 151 49.32 3.50 11.91
C VAL A 151 48.74 4.72 11.21
N LYS A 152 48.32 4.49 9.98
CA LYS A 152 47.75 5.52 9.14
C LYS A 152 46.23 5.57 9.26
N PHE A 153 45.73 6.81 9.32
CA PHE A 153 44.30 7.10 9.30
C PHE A 153 43.93 7.89 8.06
N GLY A 154 42.82 7.52 7.44
CA GLY A 154 42.33 8.28 6.31
C GLY A 154 40.98 7.85 5.86
N SER A 155 40.45 8.57 4.86
CA SER A 155 39.17 8.21 4.24
C SER A 155 39.34 6.85 3.53
N TRP A 156 38.35 6.00 3.63
CA TRP A 156 38.39 4.75 2.87
C TRP A 156 38.07 4.92 1.38
N VAL A 157 37.12 5.80 1.05
CA VAL A 157 36.60 5.88 -0.32
C VAL A 157 36.76 7.24 -1.03
N TYR A 158 37.33 8.24 -0.37
CA TYR A 158 37.54 9.55 -0.97
C TYR A 158 39.00 9.95 -1.13
N SER A 159 39.36 10.45 -2.31
CA SER A 159 40.69 10.99 -2.53
C SER A 159 40.84 12.37 -1.89
N GLY A 160 42.07 12.89 -1.89
CA GLY A 160 42.37 14.26 -1.47
C GLY A 160 41.69 15.38 -2.26
N PHE A 161 41.12 15.09 -3.42
CA PHE A 161 40.30 16.04 -4.17
C PHE A 161 38.83 16.06 -3.73
N GLU A 162 38.45 15.17 -2.81
CA GLU A 162 37.10 15.16 -2.22
C GLU A 162 37.15 15.45 -0.72
N ILE A 163 38.08 14.80 -0.01
CA ILE A 163 38.30 15.07 1.40
C ILE A 163 39.75 15.46 1.57
N ASP A 164 40.02 16.73 1.88
CA ASP A 164 41.38 17.11 2.23
C ASP A 164 41.54 17.00 3.73
N LEU A 165 42.38 16.05 4.12
CA LEU A 165 42.65 15.77 5.51
CA LEU A 165 42.70 15.74 5.51
C LEU A 165 43.80 16.67 5.97
N LYS A 166 43.69 17.19 7.18
CA LYS A 166 44.78 17.97 7.73
CA LYS A 166 44.61 18.18 7.76
C LYS A 166 44.85 17.86 9.24
N THR A 167 46.02 18.21 9.79
CA THR A 167 46.22 18.26 11.23
C THR A 167 46.47 19.74 11.58
N ASP A 168 46.14 20.15 12.79
CA ASP A 168 46.42 21.52 13.27
C ASP A 168 47.83 21.58 13.85
N THR A 169 48.31 20.44 14.31
CA THR A 169 49.67 20.31 14.78
C THR A 169 50.12 18.88 14.53
N ASP A 170 51.43 18.70 14.37
CA ASP A 170 52.01 17.37 14.25
C ASP A 170 52.30 16.69 15.60
N GLN A 171 52.04 17.40 16.69
CA GLN A 171 52.29 16.86 18.01
C GLN A 171 50.99 16.26 18.56
N VAL A 172 51.02 14.97 18.83
CA VAL A 172 49.89 14.28 19.50
C VAL A 172 49.73 14.92 20.87
N ASP A 173 48.50 15.19 21.28
CA ASP A 173 48.21 15.65 22.63
C ASP A 173 48.42 14.51 23.63
N LEU A 174 49.45 14.68 24.46
CA LEU A 174 49.78 13.74 25.51
C LEU A 174 49.36 14.23 26.90
N SER A 175 48.64 15.35 26.99
CA SER A 175 48.26 15.93 28.29
C SER A 175 47.22 15.11 29.07
N SER A 176 46.66 14.08 28.45
CA SER A 176 45.75 13.17 29.13
C SER A 176 46.33 11.76 29.17
N TYR A 177 47.60 11.59 28.84
CA TYR A 177 48.17 10.25 28.85
C TYR A 177 48.20 9.69 30.27
N TYR A 178 47.72 8.46 30.43
CA TYR A 178 47.63 7.81 31.74
C TYR A 178 49.01 7.67 32.39
N ALA A 179 49.25 8.38 33.50
CA ALA A 179 50.57 8.42 34.15
C ALA A 179 51.07 7.07 34.67
N SER A 180 50.15 6.15 34.96
CA SER A 180 50.53 4.85 35.47
C SER A 180 50.32 3.71 34.48
N SER A 181 50.40 4.04 33.18
CA SER A 181 50.35 3.02 32.13
C SER A 181 51.54 2.06 32.27
N LYS A 182 51.43 0.84 31.75
CA LYS A 182 52.60 -0.06 31.64
C LYS A 182 53.66 0.52 30.73
N TYR A 183 53.24 1.39 29.81
CA TYR A 183 54.15 2.01 28.83
C TYR A 183 54.21 3.52 28.92
N GLU A 184 55.43 4.01 28.83
CA GLU A 184 55.63 5.46 28.78
CA GLU A 184 55.79 5.43 28.81
C GLU A 184 55.92 5.90 27.36
N ILE A 185 55.38 7.07 27.02
CA ILE A 185 55.54 7.62 25.68
C ILE A 185 56.84 8.41 25.62
N LEU A 186 57.68 8.06 24.65
CA LEU A 186 58.86 8.84 24.34
C LEU A 186 58.54 9.94 23.34
N SER A 187 57.72 9.65 22.33
CA SER A 187 57.19 10.72 21.45
C SER A 187 55.99 10.20 20.70
N ALA A 188 55.11 11.11 20.28
CA ALA A 188 53.97 10.73 19.48
C ALA A 188 53.67 11.87 18.51
N THR A 189 53.63 11.54 17.22
CA THR A 189 53.47 12.51 16.18
C THR A 189 52.31 12.10 15.29
N GLN A 190 51.69 13.09 14.68
CA GLN A 190 50.56 12.90 13.78
C GLN A 190 50.79 13.74 12.54
N THR A 191 51.14 13.09 11.44
CA THR A 191 51.66 13.78 10.27
C THR A 191 50.86 13.48 9.03
N ARG A 192 50.33 14.53 8.40
CA ARG A 192 49.65 14.40 7.12
C ARG A 192 50.65 13.97 6.05
N GLN A 193 50.33 12.90 5.32
CA GLN A 193 51.17 12.41 4.20
C GLN A 193 50.38 12.35 2.92
N VAL A 194 51.07 12.64 1.82
CA VAL A 194 50.52 12.60 0.48
C VAL A 194 51.15 11.45 -0.27
N GLN A 195 50.32 10.75 -1.05
CA GLN A 195 50.76 9.64 -1.89
C GLN A 195 50.04 9.74 -3.22
N HIS A 196 50.76 9.46 -4.31
CA HIS A 196 50.14 9.35 -5.62
C HIS A 196 50.33 7.94 -6.15
N TYR A 197 49.32 7.47 -6.86
CA TYR A 197 49.36 6.20 -7.58
C TYR A 197 49.56 6.51 -9.07
N SER A 198 50.19 5.59 -9.79
CA SER A 198 50.52 5.78 -11.21
C SER A 198 49.30 5.90 -12.12
N CYS A 199 48.24 5.21 -11.75
CA CYS A 199 46.97 5.24 -12.48
C CYS A 199 46.30 6.61 -12.54
N CYS A 200 46.62 7.50 -11.61
CA CYS A 200 45.68 8.49 -11.14
C CYS A 200 46.39 9.80 -10.75
N PRO A 201 45.91 10.96 -11.23
CA PRO A 201 46.59 12.23 -10.89
C PRO A 201 46.27 12.76 -9.49
N GLU A 202 45.14 12.35 -8.92
CA GLU A 202 44.68 12.92 -7.65
C GLU A 202 45.54 12.42 -6.47
N PRO A 203 45.79 13.29 -5.48
CA PRO A 203 46.57 12.90 -4.32
C PRO A 203 45.72 12.12 -3.33
N TYR A 204 46.36 11.20 -2.63
CA TYR A 204 45.72 10.43 -1.56
C TYR A 204 46.42 10.80 -0.24
N ILE A 205 45.61 11.08 0.76
CA ILE A 205 46.06 11.72 1.98
C ILE A 205 45.79 10.80 3.15
N ASP A 206 46.73 10.75 4.09
CA ASP A 206 46.46 10.09 5.34
C ASP A 206 47.13 10.89 6.45
N VAL A 207 46.76 10.61 7.70
CA VAL A 207 47.49 11.11 8.85
C VAL A 207 48.19 9.90 9.48
N ASN A 208 49.50 9.97 9.57
CA ASN A 208 50.31 8.91 10.16
C ASN A 208 50.57 9.16 11.64
N LEU A 209 50.06 8.26 12.47
CA LEU A 209 50.26 8.29 13.90
C LEU A 209 51.47 7.46 14.22
N VAL A 210 52.53 8.10 14.70
CA VAL A 210 53.78 7.41 15.04
C VAL A 210 54.01 7.54 16.54
N VAL A 211 54.04 6.41 17.24
CA VAL A 211 54.22 6.41 18.68
C VAL A 211 55.52 5.69 19.03
N LYS A 212 56.40 6.37 19.76
CA LYS A 212 57.59 5.73 20.32
C LYS A 212 57.39 5.56 21.82
N PHE A 213 57.55 4.34 22.30
CA PHE A 213 57.21 4.01 23.67
C PHE A 213 58.11 2.92 24.27
N ARG A 214 58.11 2.84 25.59
CA ARG A 214 58.87 1.80 26.29
C ARG A 214 58.19 1.38 27.59
N GLU A 215 58.60 0.23 28.12
CA GLU A 215 58.11 -0.22 29.42
C GLU A 215 58.48 0.83 30.45
N ARG A 216 57.50 1.24 31.24
CA ARG A 216 57.71 2.23 32.30
CA ARG A 216 57.72 2.22 32.31
C ARG A 216 58.55 1.56 33.41
N ARG A 217 59.60 2.23 33.87
CA ARG A 217 60.44 1.62 34.93
C ARG A 217 60.63 2.53 36.14
N ASP B 1 -13.58 21.96 34.53
CA ASP B 1 -13.88 20.52 34.23
C ASP B 1 -13.51 19.61 35.40
N TYR B 2 -14.37 18.62 35.65
CA TYR B 2 -14.08 17.59 36.63
C TYR B 2 -13.09 16.62 36.02
N LYS B 3 -12.43 15.84 36.86
CA LYS B 3 -11.50 14.84 36.37
C LYS B 3 -11.99 13.47 36.81
N ASP B 4 -13.20 13.09 36.39
CA ASP B 4 -13.84 11.83 36.82
C ASP B 4 -14.00 10.78 35.72
N ASP B 5 -13.94 11.19 34.45
CA ASP B 5 -14.15 10.27 33.32
C ASP B 5 -13.10 9.15 33.26
N ASP B 6 -11.86 9.48 33.64
CA ASP B 6 -10.77 8.51 33.67
C ASP B 6 -10.93 7.44 34.77
N ASP B 7 -11.66 7.78 35.85
CA ASP B 7 -11.87 6.86 36.97
C ASP B 7 -12.62 5.60 36.54
N LYS B 8 -13.43 5.73 35.49
CA LYS B 8 -14.25 4.65 34.95
C LYS B 8 -13.46 3.68 34.07
N LEU B 9 -12.18 3.98 33.79
CA LEU B 9 -11.40 3.18 32.85
C LEU B 9 -10.46 2.22 33.56
N HIS B 10 -10.15 1.12 32.87
CA HIS B 10 -9.18 0.14 33.31
C HIS B 10 -7.81 0.81 33.53
N SER B 11 -7.08 0.41 34.57
CA SER B 11 -5.75 0.99 34.81
C SER B 11 -4.84 0.89 33.59
N GLN B 12 -4.86 -0.26 32.91
CA GLN B 12 -4.10 -0.43 31.67
C GLN B 12 -4.51 0.56 30.59
N ALA B 13 -5.81 0.83 30.49
CA ALA B 13 -6.32 1.80 29.53
C ALA B 13 -5.72 3.17 29.80
N ASN B 14 -5.78 3.58 31.07
CA ASN B 14 -5.24 4.87 31.50
C ASN B 14 -3.70 4.96 31.33
N LEU B 15 -3.01 3.84 31.56
CA LEU B 15 -1.56 3.79 31.37
C LEU B 15 -1.20 4.04 29.90
N MET B 16 -1.94 3.41 28.99
CA MET B 16 -1.66 3.57 27.57
C MET B 16 -2.01 4.97 27.09
N ARG B 17 -3.03 5.57 27.67
CA ARG B 17 -3.39 6.94 27.34
C ARG B 17 -2.32 7.93 27.84
N LEU B 18 -1.77 7.67 29.02
CA LEU B 18 -0.71 8.51 29.59
C LEU B 18 0.53 8.50 28.70
N LYS B 19 1.01 7.30 28.40
CA LYS B 19 2.17 7.12 27.52
C LYS B 19 1.95 7.77 26.16
N SER B 20 0.74 7.60 25.64
CA SER B 20 0.34 8.18 24.36
C SER B 20 0.41 9.70 24.39
N ASP B 21 -0.12 10.30 25.44
CA ASP B 21 -0.07 11.77 25.56
C ASP B 21 1.37 12.30 25.71
N LEU B 22 2.18 11.65 26.54
CA LEU B 22 3.56 12.08 26.77
C LEU B 22 4.47 11.86 25.55
N PHE B 23 4.32 10.70 24.90
CA PHE B 23 5.24 10.28 23.83
C PHE B 23 4.76 10.56 22.41
N ASN B 24 3.54 10.13 22.09
CA ASN B 24 3.02 10.25 20.71
C ASN B 24 2.63 11.68 20.34
N ARG B 25 2.11 12.44 21.31
CA ARG B 25 1.59 13.78 21.07
C ARG B 25 2.65 14.86 21.30
N SER B 26 3.14 14.97 22.54
CA SER B 26 4.09 16.03 22.89
C SER B 26 5.29 15.92 21.96
N PRO B 27 5.67 17.04 21.31
CA PRO B 27 6.98 17.00 20.69
C PRO B 27 7.96 16.93 21.85
N MET B 28 8.85 15.95 21.83
CA MET B 28 9.61 15.62 23.04
C MET B 28 10.84 16.51 23.21
N TYR B 29 11.74 16.07 24.08
CA TYR B 29 12.78 16.91 24.66
C TYR B 29 14.08 16.83 23.85
N PRO B 30 14.54 17.97 23.29
CA PRO B 30 15.74 17.97 22.46
C PRO B 30 17.04 17.90 23.27
N GLY B 31 16.93 17.74 24.59
CA GLY B 31 18.11 17.78 25.43
C GLY B 31 18.33 19.19 25.93
N PRO B 32 19.28 19.34 26.86
CA PRO B 32 19.50 20.61 27.52
C PRO B 32 20.20 21.63 26.65
N THR B 33 20.10 22.88 27.08
CA THR B 33 20.76 24.01 26.46
C THR B 33 21.18 24.99 27.57
N LYS B 34 21.95 26.02 27.22
CA LYS B 34 22.38 27.00 28.21
C LYS B 34 21.16 27.74 28.78
N ASP B 35 20.15 27.92 27.94
CA ASP B 35 18.87 28.53 28.34
C ASP B 35 17.93 27.60 29.10
N ASP B 36 18.22 26.30 29.07
CA ASP B 36 17.38 25.30 29.73
C ASP B 36 18.30 24.17 30.24
N PRO B 37 19.09 24.46 31.27
CA PRO B 37 20.04 23.45 31.73
C PRO B 37 19.35 22.36 32.54
N LEU B 38 19.97 21.20 32.61
CA LEU B 38 19.41 20.05 33.31
C LEU B 38 20.33 19.64 34.44
N THR B 39 19.74 19.39 35.60
CA THR B 39 20.47 18.75 36.69
C THR B 39 20.36 17.24 36.54
N VAL B 40 21.50 16.56 36.64
CA VAL B 40 21.55 15.11 36.64
C VAL B 40 22.33 14.69 37.88
N THR B 41 21.68 13.88 38.71
CA THR B 41 22.28 13.38 39.94
C THR B 41 22.79 11.98 39.66
N LEU B 42 24.05 11.75 40.04
CA LEU B 42 24.77 10.53 39.74
C LEU B 42 25.24 9.92 41.05
N GLY B 43 25.10 8.61 41.18
CA GLY B 43 25.59 7.88 42.34
C GLY B 43 25.98 6.45 41.98
N PHE B 44 26.99 5.93 42.67
CA PHE B 44 27.47 4.58 42.45
C PHE B 44 27.24 3.68 43.65
N THR B 45 26.85 2.45 43.34
CA THR B 45 26.77 1.34 44.27
C THR B 45 27.72 0.27 43.73
N LEU B 46 28.88 0.12 44.38
CA LEU B 46 29.90 -0.79 43.88
C LEU B 46 29.57 -2.18 44.35
N GLN B 47 29.49 -3.10 43.39
CA GLN B 47 29.10 -4.47 43.64
C GLN B 47 30.30 -5.40 43.73
N ASP B 48 31.30 -5.21 42.87
CA ASP B 48 32.47 -6.08 42.85
C ASP B 48 33.63 -5.48 42.06
N ILE B 49 34.86 -5.68 42.54
CA ILE B 49 36.06 -5.58 41.72
C ILE B 49 36.33 -7.02 41.25
N VAL B 50 36.10 -7.29 39.97
CA VAL B 50 36.17 -8.67 39.47
C VAL B 50 37.58 -9.10 39.17
N LYS B 51 38.33 -8.20 38.57
CA LYS B 51 39.64 -8.52 38.01
C LYS B 51 40.57 -7.30 38.10
N ALA B 52 41.82 -7.50 38.49
CA ALA B 52 42.84 -6.45 38.48
C ALA B 52 44.03 -7.02 37.72
N ASP B 53 44.28 -6.52 36.52
CA ASP B 53 45.30 -7.07 35.61
C ASP B 53 46.54 -6.20 35.67
N SER B 54 47.60 -6.71 36.31
CA SER B 54 48.86 -5.99 36.39
C SER B 54 49.69 -6.09 35.11
N SER B 55 49.30 -6.92 34.15
CA SER B 55 50.02 -6.96 32.88
C SER B 55 49.61 -5.88 31.89
N THR B 56 48.38 -5.34 32.03
CA THR B 56 47.90 -4.24 31.17
C THR B 56 47.51 -2.98 31.98
N ASN B 57 47.49 -3.09 33.31
CA ASN B 57 47.00 -2.04 34.20
C ASN B 57 45.56 -1.62 33.84
N GLU B 58 44.69 -2.64 33.81
CA GLU B 58 43.26 -2.50 33.69
C GLU B 58 42.62 -3.20 34.89
N VAL B 59 41.61 -2.56 35.45
CA VAL B 59 40.79 -3.16 36.50
C VAL B 59 39.33 -3.18 36.03
N ASP B 60 38.62 -4.26 36.38
CA ASP B 60 37.25 -4.46 35.99
C ASP B 60 36.34 -4.33 37.20
N LEU B 61 35.35 -3.44 37.13
CA LEU B 61 34.41 -3.19 38.22
C LEU B 61 33.02 -3.55 37.79
N VAL B 62 32.20 -4.02 38.72
CA VAL B 62 30.76 -4.14 38.49
C VAL B 62 30.06 -3.25 39.51
N TYR B 63 29.13 -2.45 39.03
CA TYR B 63 28.48 -1.47 39.87
C TYR B 63 27.10 -1.14 39.25
N TYR B 64 26.23 -0.56 40.08
CA TYR B 64 24.99 0.03 39.63
C TYR B 64 25.21 1.54 39.57
N GLU B 65 24.88 2.15 38.44
CA GLU B 65 25.06 3.59 38.25
C GLU B 65 23.70 4.25 38.28
N GLN B 66 23.38 4.92 39.39
CA GLN B 66 22.07 5.56 39.51
C GLN B 66 22.10 6.95 38.89
N GLN B 67 21.16 7.22 37.97
CA GLN B 67 21.05 8.50 37.29
C GLN B 67 19.62 9.01 37.52
N ARG B 68 19.49 10.27 37.87
CA ARG B 68 18.17 10.88 38.10
C ARG B 68 18.14 12.28 37.49
N TRP B 69 17.05 12.59 36.82
CA TRP B 69 16.80 13.93 36.29
C TRP B 69 15.30 14.16 36.23
N LYS B 70 14.88 15.39 35.92
CA LYS B 70 13.46 15.77 36.00
C LYS B 70 13.14 16.68 34.81
N LEU B 71 12.11 16.32 34.05
CA LEU B 71 11.69 17.10 32.88
C LEU B 71 10.24 17.57 33.07
N ASN B 72 9.98 18.83 32.73
CA ASN B 72 8.61 19.36 32.73
C ASN B 72 7.75 18.61 31.73
N SER B 73 8.33 18.28 30.60
CA SER B 73 7.62 17.55 29.53
C SER B 73 7.20 16.12 29.89
N LEU B 74 7.62 15.63 31.06
CA LEU B 74 7.21 14.30 31.51
C LEU B 74 6.32 14.37 32.74
N MET B 75 5.87 15.57 33.11
CA MET B 75 4.94 15.74 34.24
C MET B 75 3.52 15.42 33.83
N TRP B 76 2.72 14.92 34.77
CA TRP B 76 1.28 14.76 34.56
C TRP B 76 0.53 14.78 35.88
N ASP B 77 -0.78 14.98 35.81
CA ASP B 77 -1.63 14.93 36.98
C ASP B 77 -2.19 13.52 37.06
N PRO B 78 -1.88 12.78 38.16
CA PRO B 78 -2.42 11.44 38.30
C PRO B 78 -3.95 11.41 38.26
N ASN B 79 -4.58 12.51 38.68
CA ASN B 79 -6.04 12.61 38.71
C ASN B 79 -6.72 12.58 37.33
N GLU B 80 -5.95 12.84 36.27
CA GLU B 80 -6.44 12.70 34.90
C GLU B 80 -6.24 11.29 34.34
N TYR B 81 -5.50 10.44 35.06
CA TYR B 81 -5.13 9.11 34.54
C TYR B 81 -5.30 8.02 35.60
N GLY B 82 -6.45 7.99 36.26
CA GLY B 82 -6.79 6.94 37.24
C GLY B 82 -5.81 6.81 38.41
N ASN B 83 -5.24 7.92 38.85
CA ASN B 83 -4.26 7.99 39.94
C ASN B 83 -2.94 7.24 39.71
N ILE B 84 -2.60 6.98 38.44
CA ILE B 84 -1.29 6.46 38.10
C ILE B 84 -0.25 7.52 38.45
N THR B 85 0.70 7.16 39.31
CA THR B 85 1.74 8.06 39.80
C THR B 85 3.11 7.80 39.16
N ASP B 86 3.23 6.70 38.44
CA ASP B 86 4.52 6.30 37.83
C ASP B 86 4.32 5.28 36.72
N PHE B 87 5.34 5.13 35.86
CA PHE B 87 5.34 4.08 34.86
C PHE B 87 6.77 3.73 34.45
N ARG B 88 6.90 2.70 33.62
CA ARG B 88 8.19 2.26 33.12
C ARG B 88 8.24 2.45 31.62
N THR B 89 9.43 2.75 31.13
CA THR B 89 9.63 2.94 29.71
C THR B 89 11.03 2.46 29.34
N SER B 90 11.16 1.95 28.13
CA SER B 90 12.47 1.63 27.59
C SER B 90 13.32 2.91 27.62
N ALA B 91 14.58 2.79 28.03
CA ALA B 91 15.49 3.92 28.07
C ALA B 91 15.75 4.46 26.66
N ALA B 92 15.55 3.61 25.65
CA ALA B 92 15.66 4.01 24.24
C ALA B 92 14.49 4.89 23.78
N ASP B 93 13.37 4.89 24.50
CA ASP B 93 12.21 5.73 24.13
C ASP B 93 12.18 7.13 24.78
N ILE B 94 13.20 7.46 25.57
CA ILE B 94 13.32 8.79 26.13
C ILE B 94 14.75 9.27 25.95
N TRP B 95 14.95 10.57 26.12
CA TRP B 95 16.27 11.14 26.21
C TRP B 95 16.95 10.63 27.46
N THR B 96 18.23 10.29 27.35
CA THR B 96 19.02 9.97 28.54
C THR B 96 20.35 10.74 28.47
N PRO B 97 20.93 11.08 29.64
CA PRO B 97 22.19 11.83 29.65
C PRO B 97 23.38 11.00 29.11
N ASP B 98 24.31 11.68 28.47
CA ASP B 98 25.48 11.04 27.85
C ASP B 98 26.63 10.90 28.85
N ILE B 99 26.32 10.37 30.03
CA ILE B 99 27.33 10.21 31.10
C ILE B 99 28.28 9.09 30.70
N THR B 100 29.57 9.38 30.73
CA THR B 100 30.57 8.49 30.16
C THR B 100 31.74 8.37 31.10
N ALA B 101 32.29 7.17 31.23
CA ALA B 101 33.58 7.01 31.90
C ALA B 101 34.63 7.64 30.97
N TYR B 102 35.52 8.46 31.52
CA TYR B 102 36.50 9.13 30.67
C TYR B 102 37.76 8.29 30.42
N SER B 103 37.99 7.25 31.21
CA SER B 103 39.21 6.43 31.08
C SER B 103 38.93 4.93 31.06
N SER B 104 37.80 4.55 30.48
CA SER B 104 37.52 3.16 30.16
C SER B 104 38.51 2.67 29.10
N THR B 105 38.70 1.36 29.04
CA THR B 105 39.56 0.77 28.03
C THR B 105 38.83 -0.22 27.11
N ARG B 106 37.57 -0.50 27.41
CA ARG B 106 36.70 -1.39 26.63
C ARG B 106 35.31 -0.77 26.70
N PRO B 107 34.43 -1.07 25.73
CA PRO B 107 33.06 -0.57 25.89
C PRO B 107 32.38 -1.14 27.14
N VAL B 108 31.60 -0.32 27.83
CA VAL B 108 30.87 -0.78 29.02
C VAL B 108 29.92 -1.88 28.61
N GLN B 109 29.76 -2.86 29.47
CA GLN B 109 28.80 -3.94 29.25
C GLN B 109 27.65 -3.76 30.22
N VAL B 110 26.43 -3.67 29.67
CA VAL B 110 25.22 -3.47 30.45
C VAL B 110 24.65 -4.81 30.92
N LEU B 111 24.35 -4.89 32.21
CA LEU B 111 23.97 -6.14 32.88
C LEU B 111 22.51 -6.21 33.28
N SER B 112 21.81 -5.09 33.16
CA SER B 112 20.40 -5.00 33.53
C SER B 112 19.51 -4.55 32.36
N PRO B 113 18.20 -4.83 32.45
CA PRO B 113 17.27 -4.33 31.44
C PRO B 113 17.29 -2.81 31.39
N GLN B 114 17.34 -2.27 30.17
CA GLN B 114 17.41 -0.82 29.95
C GLN B 114 16.00 -0.19 30.00
N ILE B 115 15.53 -0.05 31.23
CA ILE B 115 14.22 0.44 31.54
C ILE B 115 14.35 1.52 32.62
N ALA B 116 13.61 2.61 32.41
CA ALA B 116 13.64 3.76 33.29
C ALA B 116 12.31 3.89 34.02
N VAL B 117 12.35 4.51 35.20
CA VAL B 117 11.15 4.77 35.96
C VAL B 117 10.83 6.25 35.85
N VAL B 118 9.60 6.54 35.44
CA VAL B 118 9.12 7.91 35.32
C VAL B 118 8.00 8.15 36.32
N THR B 119 8.15 9.21 37.11
CA THR B 119 7.18 9.56 38.15
C THR B 119 6.48 10.86 37.73
N HIS B 120 5.30 11.08 38.30
CA HIS B 120 4.36 12.10 37.77
C HIS B 120 4.87 13.55 37.91
N ASP B 121 5.83 13.76 38.81
CA ASP B 121 6.53 15.05 38.95
C ASP B 121 7.50 15.32 37.80
N GLY B 122 7.70 14.32 36.94
CA GLY B 122 8.54 14.46 35.75
C GLY B 122 9.94 13.86 35.96
N SER B 123 10.18 13.28 37.12
CA SER B 123 11.50 12.75 37.42
C SER B 123 11.66 11.37 36.80
N VAL B 124 12.88 11.14 36.32
CA VAL B 124 13.24 9.91 35.69
C VAL B 124 14.36 9.29 36.54
N MET B 125 14.23 8.00 36.85
CA MET B 125 15.30 7.25 37.53
CA MET B 125 15.32 7.28 37.50
C MET B 125 15.75 6.13 36.60
N PHE B 126 17.04 6.07 36.34
CA PHE B 126 17.60 5.09 35.43
C PHE B 126 18.85 4.55 36.12
N ILE B 127 18.91 3.22 36.29
CA ILE B 127 19.99 2.58 37.08
C ILE B 127 20.54 1.36 36.35
N PRO B 128 21.36 1.61 35.33
CA PRO B 128 22.00 0.55 34.63
C PRO B 128 23.07 -0.12 35.52
N ALA B 129 23.02 -1.46 35.58
CA ALA B 129 24.12 -2.24 36.15
C ALA B 129 25.12 -2.42 35.02
N GLN B 130 26.40 -2.27 35.34
CA GLN B 130 27.44 -2.21 34.30
C GLN B 130 28.71 -2.92 34.72
N ARG B 131 29.38 -3.53 33.75
CA ARG B 131 30.78 -3.94 33.94
C ARG B 131 31.69 -2.99 33.15
N LEU B 132 32.69 -2.45 33.84
CA LEU B 132 33.61 -1.44 33.28
C LEU B 132 35.05 -1.90 33.43
N SER B 133 35.80 -1.90 32.33
CA SER B 133 37.27 -2.01 32.37
C SER B 133 37.82 -0.59 32.26
N PHE B 134 38.70 -0.23 33.19
CA PHE B 134 39.30 1.11 33.15
C PHE B 134 40.77 1.10 33.56
N MET B 135 41.46 2.22 33.29
CA MET B 135 42.89 2.34 33.48
C MET B 135 43.20 2.40 34.96
N CYS B 136 43.95 1.42 35.44
CA CYS B 136 44.27 1.33 36.87
C CYS B 136 45.51 0.46 37.07
N ASP B 137 46.47 0.99 37.81
CA ASP B 137 47.68 0.26 38.19
C ASP B 137 47.39 -0.36 39.56
N PRO B 138 47.29 -1.70 39.64
CA PRO B 138 46.98 -2.36 40.90
C PRO B 138 48.19 -2.67 41.79
N THR B 139 49.37 -2.10 41.48
CA THR B 139 50.53 -2.26 42.35
C THR B 139 50.16 -1.90 43.79
N GLY B 140 50.53 -2.76 44.74
CA GLY B 140 50.16 -2.56 46.14
C GLY B 140 48.91 -3.31 46.57
N VAL B 141 48.19 -3.92 45.62
CA VAL B 141 46.97 -4.65 45.95
C VAL B 141 47.28 -5.84 46.88
N ASP B 142 48.47 -6.40 46.75
CA ASP B 142 48.92 -7.50 47.61
C ASP B 142 49.66 -7.02 48.87
N SER B 143 49.28 -5.85 49.39
CA SER B 143 49.87 -5.32 50.62
C SER B 143 48.76 -4.78 51.50
N GLU B 144 49.08 -4.45 52.75
CA GLU B 144 48.08 -3.97 53.70
C GLU B 144 47.50 -2.62 53.28
N GLU B 145 48.35 -1.77 52.69
CA GLU B 145 47.96 -0.43 52.28
C GLU B 145 47.09 -0.48 51.01
N GLY B 146 47.19 -1.56 50.25
CA GLY B 146 46.35 -1.74 49.04
C GLY B 146 46.74 -0.86 47.85
N ALA B 147 45.87 -0.85 46.83
CA ALA B 147 46.06 -0.06 45.61
C ALA B 147 44.98 1.01 45.57
N THR B 148 45.25 2.11 44.87
CA THR B 148 44.28 3.17 44.67
C THR B 148 44.12 3.44 43.19
N CYS B 149 42.89 3.63 42.75
CA CYS B 149 42.62 3.97 41.37
CA CYS B 149 42.64 4.02 41.38
C CYS B 149 41.43 4.91 41.31
N ALA B 150 41.32 5.60 40.18
CA ALA B 150 40.32 6.60 40.01
C ALA B 150 39.84 6.59 38.59
N VAL B 151 38.57 6.91 38.42
CA VAL B 151 38.00 7.07 37.10
C VAL B 151 36.92 8.15 37.21
N LYS B 152 36.98 9.11 36.29
CA LYS B 152 36.00 10.18 36.21
C LYS B 152 34.86 9.83 35.26
N PHE B 153 33.68 10.28 35.63
CA PHE B 153 32.46 10.12 34.86
C PHE B 153 31.87 11.49 34.62
N GLY B 154 31.33 11.71 33.43
CA GLY B 154 30.68 12.98 33.15
C GLY B 154 30.11 12.97 31.77
N SER B 155 29.44 14.05 31.43
CA SER B 155 28.88 14.23 30.11
C SER B 155 30.02 14.30 29.11
N TRP B 156 29.82 13.72 27.94
CA TRP B 156 30.82 13.83 26.88
C TRP B 156 30.74 15.16 26.15
N VAL B 157 29.53 15.65 25.91
CA VAL B 157 29.36 16.79 25.02
C VAL B 157 28.72 18.03 25.67
N TYR B 158 28.34 17.98 26.94
CA TYR B 158 27.70 19.14 27.60
C TYR B 158 28.56 19.69 28.72
N SER B 159 28.69 21.02 28.75
CA SER B 159 29.38 21.71 29.82
C SER B 159 28.48 21.75 31.04
N GLY B 160 29.03 22.29 32.13
CA GLY B 160 28.29 22.56 33.36
C GLY B 160 27.21 23.62 33.25
N PHE B 161 27.21 24.40 32.16
CA PHE B 161 26.09 25.31 31.90
C PHE B 161 24.93 24.65 31.17
N GLU B 162 25.08 23.37 30.83
CA GLU B 162 24.06 22.63 30.11
C GLU B 162 23.58 21.43 30.92
N ILE B 163 24.52 20.65 31.46
CA ILE B 163 24.17 19.61 32.41
C ILE B 163 24.92 19.89 33.70
N ASP B 164 24.20 20.21 34.75
CA ASP B 164 24.83 20.32 36.07
C ASP B 164 24.77 18.93 36.67
N LEU B 165 25.95 18.35 36.86
CA LEU B 165 26.05 17.03 37.43
C LEU B 165 26.17 17.20 38.93
N LYS B 166 25.31 16.51 39.66
CA LYS B 166 25.28 16.53 41.13
C LYS B 166 25.44 15.12 41.70
N THR B 167 25.70 15.05 42.99
CA THR B 167 25.69 13.81 43.77
C THR B 167 24.88 14.05 45.05
N ASP B 168 24.32 13.00 45.62
CA ASP B 168 23.63 13.07 46.92
C ASP B 168 24.58 12.81 48.08
N THR B 169 25.73 12.21 47.78
CA THR B 169 26.71 11.89 48.79
C THR B 169 28.05 11.71 48.09
N ASP B 170 29.14 11.87 48.84
CA ASP B 170 30.45 11.60 48.30
C ASP B 170 30.95 10.21 48.74
N GLN B 171 30.06 9.45 49.36
CA GLN B 171 30.37 8.10 49.77
C GLN B 171 29.77 7.14 48.74
N VAL B 172 30.61 6.27 48.18
CA VAL B 172 30.10 5.21 47.29
C VAL B 172 29.33 4.23 48.16
N ASP B 173 28.15 3.82 47.73
CA ASP B 173 27.37 2.80 48.45
C ASP B 173 28.06 1.44 48.34
N LEU B 174 28.52 0.94 49.48
CA LEU B 174 29.19 -0.35 49.59
C LEU B 174 28.30 -1.40 50.27
N SER B 175 27.02 -1.11 50.43
CA SER B 175 26.12 -2.03 51.15
C SER B 175 25.69 -3.26 50.31
N SER B 176 26.04 -3.27 49.03
CA SER B 176 25.80 -4.42 48.14
C SER B 176 27.12 -5.03 47.68
N TYR B 177 28.24 -4.67 48.33
CA TYR B 177 29.54 -5.13 47.86
C TYR B 177 29.73 -6.62 48.15
N TYR B 178 30.20 -7.35 47.14
CA TYR B 178 30.26 -8.80 47.20
C TYR B 178 31.23 -9.25 48.29
N ALA B 179 30.67 -9.86 49.33
CA ALA B 179 31.43 -10.20 50.52
C ALA B 179 32.55 -11.21 50.24
N SER B 180 32.43 -12.03 49.18
CA SER B 180 33.49 -13.00 48.84
C SER B 180 34.30 -12.66 47.56
N SER B 181 34.40 -11.38 47.26
CA SER B 181 35.23 -10.89 46.14
C SER B 181 36.68 -11.25 46.39
N LYS B 182 37.48 -11.32 45.34
CA LYS B 182 38.93 -11.44 45.53
C LYS B 182 39.52 -10.18 46.17
N TYR B 183 38.81 -9.07 46.07
CA TYR B 183 39.32 -7.79 46.59
C TYR B 183 38.37 -7.19 47.61
N GLU B 184 38.96 -6.69 48.69
CA GLU B 184 38.19 -5.97 49.69
CA GLU B 184 38.30 -5.98 49.78
C GLU B 184 38.40 -4.48 49.51
N ILE B 185 37.34 -3.72 49.77
CA ILE B 185 37.35 -2.26 49.63
C ILE B 185 37.79 -1.62 50.93
N LEU B 186 38.79 -0.76 50.85
CA LEU B 186 39.25 -0.01 51.99
C LEU B 186 38.50 1.30 52.04
N SER B 187 38.33 1.93 50.87
CA SER B 187 37.46 3.09 50.77
C SER B 187 36.99 3.30 49.34
N ALA B 188 35.87 3.99 49.20
CA ALA B 188 35.34 4.31 47.88
C ALA B 188 34.55 5.63 47.97
N THR B 189 35.01 6.64 47.25
CA THR B 189 34.41 7.97 47.26
C THR B 189 34.03 8.38 45.85
N GLN B 190 33.04 9.26 45.75
CA GLN B 190 32.59 9.82 44.49
C GLN B 190 32.47 11.33 44.71
N THR B 191 33.35 12.08 44.07
CA THR B 191 33.50 13.51 44.34
C THR B 191 33.18 14.28 43.10
N ARG B 192 32.16 15.11 43.18
CA ARG B 192 31.86 16.05 42.11
C ARG B 192 32.97 17.07 42.05
N GLN B 193 33.58 17.23 40.88
CA GLN B 193 34.66 18.19 40.65
C GLN B 193 34.27 19.14 39.53
N VAL B 194 34.54 20.43 39.72
CA VAL B 194 34.40 21.43 38.69
C VAL B 194 35.79 21.76 38.13
N GLN B 195 35.89 21.72 36.81
CA GLN B 195 37.13 21.98 36.10
CA GLN B 195 37.14 22.00 36.12
C GLN B 195 36.98 23.26 35.27
N HIS B 196 37.99 24.13 35.34
CA HIS B 196 38.04 25.33 34.53
C HIS B 196 39.23 25.25 33.57
N TYR B 197 38.98 25.52 32.29
CA TYR B 197 40.02 25.45 31.25
C TYR B 197 40.43 26.85 30.80
N SER B 198 41.73 27.03 30.52
CA SER B 198 42.26 28.30 29.98
C SER B 198 41.44 28.85 28.83
N CYS B 199 41.01 27.96 27.93
CA CYS B 199 40.38 28.34 26.67
C CYS B 199 39.02 28.96 26.83
N CYS B 200 38.30 28.58 27.89
CA CYS B 200 36.86 28.62 27.89
C CYS B 200 36.32 29.06 29.23
N PRO B 201 35.21 29.84 29.22
CA PRO B 201 34.57 30.34 30.45
C PRO B 201 33.61 29.37 31.14
N GLU B 202 33.07 28.40 30.40
CA GLU B 202 32.14 27.43 30.97
CA GLU B 202 32.14 27.40 30.94
C GLU B 202 32.87 26.49 31.92
N PRO B 203 32.24 26.15 33.05
CA PRO B 203 32.83 25.14 33.91
C PRO B 203 32.51 23.77 33.35
N TYR B 204 33.36 22.79 33.65
CA TYR B 204 33.11 21.40 33.24
C TYR B 204 33.02 20.55 34.50
N ILE B 205 32.05 19.63 34.55
CA ILE B 205 31.79 18.87 35.76
C ILE B 205 32.02 17.38 35.51
N ASP B 206 32.67 16.73 36.48
CA ASP B 206 32.77 15.28 36.50
C ASP B 206 32.59 14.77 37.91
N VAL B 207 32.31 13.48 38.02
CA VAL B 207 32.33 12.80 39.30
C VAL B 207 33.51 11.83 39.30
N ASN B 208 34.43 12.04 40.23
CA ASN B 208 35.63 11.23 40.33
C ASN B 208 35.41 10.06 41.30
N LEU B 209 35.43 8.84 40.76
CA LEU B 209 35.27 7.64 41.55
C LEU B 209 36.66 7.15 41.95
N VAL B 210 36.93 7.13 43.24
CA VAL B 210 38.24 6.73 43.77
C VAL B 210 38.02 5.56 44.69
N VAL B 211 38.68 4.45 44.38
CA VAL B 211 38.53 3.23 45.11
C VAL B 211 39.90 2.75 45.60
N LYS B 212 39.98 2.44 46.89
CA LYS B 212 41.17 1.86 47.49
C LYS B 212 40.83 0.45 47.84
N PHE B 213 41.64 -0.50 47.40
CA PHE B 213 41.29 -1.90 47.55
C PHE B 213 42.53 -2.77 47.74
N ARG B 214 42.33 -3.97 48.26
CA ARG B 214 43.41 -4.94 48.36
C ARG B 214 42.89 -6.36 48.28
N GLU B 215 43.81 -7.29 48.10
CA GLU B 215 43.44 -8.69 48.02
C GLU B 215 42.97 -9.12 49.39
N ARG B 216 41.78 -9.72 49.47
CA ARG B 216 41.21 -10.23 50.72
CA ARG B 216 41.29 -10.15 50.76
C ARG B 216 42.13 -11.35 51.22
N ARG B 217 42.51 -11.32 52.50
CA ARG B 217 43.44 -12.34 53.03
C ARG B 217 42.70 -13.60 53.46
N ASP C 7 -8.93 -27.42 3.85
CA ASP C 7 -9.14 -27.25 5.32
C ASP C 7 -7.87 -26.86 6.07
N LYS C 8 -6.71 -27.13 5.47
CA LYS C 8 -5.44 -26.69 6.05
C LYS C 8 -5.17 -25.22 5.74
N LEU C 9 -5.77 -24.71 4.65
CA LEU C 9 -5.89 -23.26 4.41
C LEU C 9 -6.79 -22.62 5.47
N HIS C 10 -7.84 -23.34 5.90
CA HIS C 10 -8.75 -22.86 6.95
C HIS C 10 -8.12 -22.86 8.36
N SER C 11 -7.31 -23.87 8.69
CA SER C 11 -6.59 -23.85 9.98
C SER C 11 -5.56 -22.69 10.00
N GLN C 12 -4.84 -22.51 8.90
CA GLN C 12 -3.94 -21.36 8.74
C GLN C 12 -4.69 -20.04 8.87
N ALA C 13 -5.84 -19.93 8.18
CA ALA C 13 -6.63 -18.70 8.19
C ALA C 13 -7.20 -18.44 9.59
N ASN C 14 -7.63 -19.51 10.26
CA ASN C 14 -8.14 -19.40 11.62
C ASN C 14 -7.07 -18.87 12.58
N LEU C 15 -5.84 -19.34 12.42
CA LEU C 15 -4.70 -18.86 13.24
C LEU C 15 -4.37 -17.38 12.97
N MET C 16 -4.32 -17.02 11.68
CA MET C 16 -4.10 -15.63 11.26
CA MET C 16 -4.08 -15.62 11.31
C MET C 16 -5.22 -14.75 11.82
N ARG C 17 -6.44 -15.26 11.78
CA ARG C 17 -7.60 -14.54 12.32
C ARG C 17 -7.50 -14.40 13.85
N LEU C 18 -7.09 -15.47 14.54
CA LEU C 18 -6.80 -15.39 15.99
C LEU C 18 -5.71 -14.35 16.29
N LYS C 19 -4.60 -14.41 15.57
CA LYS C 19 -3.49 -13.49 15.86
C LYS C 19 -3.87 -12.05 15.52
N SER C 20 -4.61 -11.86 14.42
CA SER C 20 -5.11 -10.53 14.11
C SER C 20 -6.03 -10.00 15.20
N ASP C 21 -6.97 -10.82 15.67
CA ASP C 21 -7.90 -10.39 16.73
C ASP C 21 -7.17 -10.01 18.03
N LEU C 22 -6.14 -10.76 18.40
CA LEU C 22 -5.40 -10.50 19.63
C LEU C 22 -4.40 -9.35 19.46
N PHE C 23 -3.64 -9.36 18.37
CA PHE C 23 -2.48 -8.45 18.21
C PHE C 23 -2.81 -7.09 17.58
N ASN C 24 -3.73 -7.08 16.62
CA ASN C 24 -3.98 -5.89 15.81
C ASN C 24 -5.30 -5.16 16.11
N ARG C 25 -6.26 -5.84 16.73
CA ARG C 25 -7.62 -5.29 16.90
C ARG C 25 -8.06 -5.17 18.35
N SER C 26 -7.10 -5.21 19.28
CA SER C 26 -7.36 -4.93 20.69
C SER C 26 -6.08 -4.31 21.30
N PRO C 27 -6.22 -3.59 22.42
CA PRO C 27 -5.02 -2.96 22.97
C PRO C 27 -4.06 -4.00 23.52
N MET C 28 -2.80 -3.93 23.09
CA MET C 28 -1.75 -4.80 23.62
C MET C 28 -1.43 -4.46 25.09
N TYR C 29 -0.89 -5.43 25.81
CA TYR C 29 -0.55 -5.27 27.23
C TYR C 29 0.65 -4.35 27.44
N PRO C 30 0.46 -3.24 28.18
CA PRO C 30 1.51 -2.24 28.44
C PRO C 30 2.37 -2.52 29.67
N GLY C 31 2.09 -3.60 30.39
CA GLY C 31 2.83 -3.91 31.60
C GLY C 31 1.93 -3.82 32.82
N PRO C 32 2.40 -4.30 33.96
CA PRO C 32 1.59 -4.28 35.16
C PRO C 32 1.47 -2.90 35.79
N THR C 33 0.47 -2.75 36.65
CA THR C 33 0.22 -1.53 37.38
C THR C 33 -0.13 -1.93 38.81
N LYS C 34 -0.08 -0.96 39.72
CA LYS C 34 -0.43 -1.23 41.11
C LYS C 34 -1.87 -1.68 41.25
N ASP C 35 -2.75 -1.13 40.43
CA ASP C 35 -4.17 -1.50 40.47
C ASP C 35 -4.37 -2.89 39.90
N ASP C 36 -3.53 -3.28 38.94
CA ASP C 36 -3.63 -4.59 38.29
C ASP C 36 -2.25 -5.27 38.19
N PRO C 37 -1.77 -5.85 39.30
CA PRO C 37 -0.45 -6.47 39.25
C PRO C 37 -0.47 -7.78 38.47
N LEU C 38 0.71 -8.28 38.12
CA LEU C 38 0.84 -9.51 37.35
C LEU C 38 1.64 -10.53 38.13
N THR C 39 1.15 -11.76 38.18
CA THR C 39 1.92 -12.84 38.73
C THR C 39 2.85 -13.42 37.67
N VAL C 40 4.11 -13.55 38.02
CA VAL C 40 5.11 -14.21 37.19
C VAL C 40 5.72 -15.33 38.00
N THR C 41 5.64 -16.53 37.44
CA THR C 41 6.22 -17.71 38.07
C THR C 41 7.53 -18.09 37.39
N LEU C 42 8.56 -18.29 38.19
CA LEU C 42 9.93 -18.47 37.74
C LEU C 42 10.46 -19.80 38.27
N GLY C 43 11.15 -20.52 37.41
CA GLY C 43 11.76 -21.81 37.75
C GLY C 43 13.02 -22.03 36.96
N PHE C 44 14.02 -22.66 37.59
CA PHE C 44 15.28 -22.97 36.92
C PHE C 44 15.47 -24.46 36.71
N THR C 45 16.02 -24.76 35.54
CA THR C 45 16.49 -26.09 35.19
C THR C 45 18.00 -25.98 34.90
N LEU C 46 18.83 -26.49 35.82
CA LEU C 46 20.26 -26.27 35.72
C LEU C 46 20.88 -27.31 34.78
N GLN C 47 21.53 -26.86 33.71
CA GLN C 47 22.12 -27.80 32.75
C GLN C 47 23.60 -28.07 32.95
N ASP C 48 24.36 -27.05 33.31
CA ASP C 48 25.80 -27.25 33.43
C ASP C 48 26.43 -26.11 34.22
N ILE C 49 27.39 -26.46 35.07
CA ILE C 49 28.38 -25.50 35.54
C ILE C 49 29.57 -25.69 34.61
N VAL C 50 29.84 -24.67 33.80
CA VAL C 50 30.87 -24.78 32.75
C VAL C 50 32.25 -24.49 33.28
N LYS C 51 32.35 -23.46 34.12
CA LYS C 51 33.60 -22.85 34.51
C LYS C 51 33.47 -22.27 35.90
N ALA C 52 34.47 -22.52 36.74
CA ALA C 52 34.58 -21.85 38.03
C ALA C 52 35.97 -21.24 38.09
N ASP C 53 36.03 -19.92 38.18
CA ASP C 53 37.27 -19.20 38.04
C ASP C 53 37.71 -18.62 39.39
N SER C 54 38.72 -19.24 40.01
CA SER C 54 39.19 -18.81 41.33
C SER C 54 40.13 -17.60 41.27
N SER C 55 40.54 -17.15 40.08
CA SER C 55 41.33 -15.93 40.00
C SER C 55 40.48 -14.65 39.96
N THR C 56 39.22 -14.75 39.57
CA THR C 56 38.30 -13.59 39.59
C THR C 56 37.04 -13.81 40.45
N ASN C 57 36.87 -15.02 40.96
CA ASN C 57 35.65 -15.41 41.68
C ASN C 57 34.39 -15.16 40.87
N GLU C 58 34.38 -15.81 39.71
CA GLU C 58 33.22 -15.88 38.84
C GLU C 58 32.99 -17.34 38.45
N VAL C 59 31.72 -17.71 38.34
CA VAL C 59 31.32 -19.05 37.91
CA VAL C 59 31.36 -19.03 37.85
C VAL C 59 30.32 -18.88 36.76
N ASP C 60 30.39 -19.78 35.79
CA ASP C 60 29.56 -19.74 34.61
C ASP C 60 28.59 -20.93 34.62
N LEU C 61 27.30 -20.63 34.46
CA LEU C 61 26.22 -21.61 34.48
C LEU C 61 25.46 -21.56 33.18
N VAL C 62 25.00 -22.72 32.73
CA VAL C 62 24.02 -22.83 31.67
C VAL C 62 22.77 -23.43 32.28
N TYR C 63 21.62 -22.79 32.02
CA TYR C 63 20.37 -23.23 32.57
C TYR C 63 19.25 -22.80 31.64
N TYR C 64 18.10 -23.42 31.84
CA TYR C 64 16.87 -22.98 31.24
C TYR C 64 16.09 -22.22 32.30
N GLU C 65 15.60 -21.03 31.97
CA GLU C 65 14.84 -20.22 32.89
C GLU C 65 13.40 -20.19 32.43
N GLN C 66 12.54 -20.89 33.15
CA GLN C 66 11.12 -20.96 32.82
C GLN C 66 10.38 -19.81 33.46
N GLN C 67 9.63 -19.07 32.64
CA GLN C 67 8.83 -17.94 33.09
C GLN C 67 7.39 -18.09 32.60
N ARG C 68 6.43 -17.86 33.48
CA ARG C 68 5.02 -18.03 33.10
C ARG C 68 4.16 -16.93 33.71
N TRP C 69 3.29 -16.37 32.89
CA TRP C 69 2.32 -15.38 33.33
C TRP C 69 1.08 -15.54 32.50
N LYS C 70 0.03 -14.81 32.89
CA LYS C 70 -1.28 -14.98 32.28
C LYS C 70 -1.94 -13.63 32.11
N LEU C 71 -2.51 -13.40 30.93
CA LEU C 71 -3.14 -12.12 30.60
C LEU C 71 -4.55 -12.35 30.08
N ASN C 72 -5.51 -11.63 30.64
CA ASN C 72 -6.86 -11.56 30.08
C ASN C 72 -6.85 -11.21 28.60
N SER C 73 -5.97 -10.27 28.22
CA SER C 73 -5.85 -9.85 26.82
C SER C 73 -5.35 -10.93 25.85
N LEU C 74 -4.96 -12.10 26.36
CA LEU C 74 -4.51 -13.19 25.49
C LEU C 74 -5.44 -14.41 25.53
N MET C 75 -6.63 -14.29 26.13
CA MET C 75 -7.55 -15.42 26.23
C MET C 75 -8.46 -15.49 25.00
N TRP C 76 -8.87 -16.70 24.64
CA TRP C 76 -9.86 -16.90 23.58
C TRP C 76 -10.57 -18.22 23.77
N ASP C 77 -11.73 -18.34 23.12
CA ASP C 77 -12.46 -19.58 23.07
C ASP C 77 -11.96 -20.37 21.85
N PRO C 78 -11.33 -21.54 22.06
CA PRO C 78 -10.90 -22.36 20.93
C PRO C 78 -12.01 -22.68 19.93
N ASN C 79 -13.25 -22.78 20.39
CA ASN C 79 -14.39 -23.03 19.50
C ASN C 79 -14.64 -21.91 18.49
N GLU C 80 -14.27 -20.68 18.82
CA GLU C 80 -14.38 -19.57 17.87
C GLU C 80 -13.27 -19.57 16.82
N TYR C 81 -12.23 -20.39 16.99
CA TYR C 81 -11.06 -20.36 16.11
C TYR C 81 -10.59 -21.75 15.68
N GLY C 82 -11.51 -22.56 15.19
CA GLY C 82 -11.18 -23.87 14.63
C GLY C 82 -10.46 -24.80 15.57
N ASN C 83 -10.80 -24.73 16.86
CA ASN C 83 -10.19 -25.54 17.92
C ASN C 83 -8.69 -25.29 18.16
N ILE C 84 -8.20 -24.11 17.80
CA ILE C 84 -6.81 -23.75 18.12
C ILE C 84 -6.73 -23.50 19.62
N THR C 85 -5.84 -24.22 20.29
CA THR C 85 -5.68 -24.09 21.74
C THR C 85 -4.38 -23.40 22.14
N ASP C 86 -3.45 -23.24 21.20
CA ASP C 86 -2.23 -22.49 21.48
C ASP C 86 -1.56 -22.05 20.18
N PHE C 87 -0.64 -21.11 20.32
CA PHE C 87 0.21 -20.66 19.22
C PHE C 87 1.58 -20.19 19.73
N ARG C 88 2.45 -19.82 18.79
CA ARG C 88 3.77 -19.31 19.11
C ARG C 88 3.90 -17.86 18.67
N THR C 89 4.70 -17.11 19.41
CA THR C 89 4.96 -15.72 19.08
C THR C 89 6.42 -15.40 19.43
N SER C 90 7.06 -14.61 18.59
CA SER C 90 8.34 -14.04 18.95
C SER C 90 8.18 -13.31 20.29
N ALA C 91 9.13 -13.50 21.17
CA ALA C 91 9.14 -12.81 22.46
C ALA C 91 9.23 -11.28 22.28
N ALA C 92 9.78 -10.84 21.16
CA ALA C 92 9.90 -9.40 20.88
C ALA C 92 8.54 -8.75 20.60
N ASP C 93 7.54 -9.54 20.19
CA ASP C 93 6.22 -9.02 19.79
C ASP C 93 5.19 -8.96 20.91
N ILE C 94 5.59 -9.38 22.11
CA ILE C 94 4.74 -9.26 23.30
C ILE C 94 5.54 -8.68 24.47
N TRP C 95 4.83 -8.19 25.47
CA TRP C 95 5.44 -7.82 26.73
C TRP C 95 6.05 -9.08 27.39
N THR C 96 7.22 -8.92 27.99
CA THR C 96 7.84 -9.97 28.79
C THR C 96 8.39 -9.32 30.05
N PRO C 97 8.52 -10.10 31.12
CA PRO C 97 8.97 -9.52 32.37
C PRO C 97 10.49 -9.27 32.39
N ASP C 98 10.89 -8.24 33.14
CA ASP C 98 12.28 -7.80 33.23
C ASP C 98 13.07 -8.56 34.31
N ILE C 99 12.95 -9.89 34.33
CA ILE C 99 13.65 -10.71 35.29
C ILE C 99 15.16 -10.70 35.04
N THR C 100 15.93 -10.39 36.06
CA THR C 100 17.33 -10.11 35.94
C THR C 100 18.11 -10.78 37.06
N ALA C 101 19.31 -11.26 36.75
CA ALA C 101 20.23 -11.73 37.77
C ALA C 101 20.79 -10.47 38.41
N TYR C 102 20.79 -10.41 39.73
CA TYR C 102 21.24 -9.21 40.42
C TYR C 102 22.77 -9.11 40.58
N SER C 103 23.50 -10.21 40.41
CA SER C 103 24.94 -10.24 40.65
C SER C 103 25.70 -10.93 39.50
N SER C 104 25.19 -10.81 38.29
CA SER C 104 25.94 -11.18 37.09
C SER C 104 27.17 -10.30 36.93
N THR C 105 28.19 -10.83 36.24
CA THR C 105 29.39 -10.06 35.96
C THR C 105 29.64 -9.85 34.47
N ARG C 106 28.83 -10.50 33.62
CA ARG C 106 28.90 -10.35 32.17
CA ARG C 106 28.90 -10.35 32.17
C ARG C 106 27.46 -10.35 31.65
N PRO C 107 27.21 -9.69 30.52
CA PRO C 107 25.83 -9.77 30.05
C PRO C 107 25.41 -11.24 29.81
N VAL C 108 24.17 -11.59 30.13
CA VAL C 108 23.66 -12.95 29.92
CA VAL C 108 23.68 -12.95 29.92
C VAL C 108 23.66 -13.26 28.42
N GLN C 109 23.91 -14.50 28.06
CA GLN C 109 23.97 -14.90 26.67
C GLN C 109 22.85 -15.89 26.42
N VAL C 110 21.99 -15.58 25.46
CA VAL C 110 20.82 -16.38 25.20
C VAL C 110 21.17 -17.49 24.20
N LEU C 111 20.75 -18.71 24.49
CA LEU C 111 21.14 -19.89 23.71
C LEU C 111 19.98 -20.49 22.89
N SER C 112 18.77 -19.98 23.10
CA SER C 112 17.56 -20.55 22.48
C SER C 112 16.81 -19.49 21.67
N PRO C 113 15.96 -19.93 20.72
CA PRO C 113 15.19 -18.97 19.93
C PRO C 113 14.23 -18.23 20.82
N GLN C 114 14.11 -16.92 20.64
CA GLN C 114 13.31 -16.12 21.54
C GLN C 114 11.81 -16.18 21.12
N ILE C 115 11.18 -17.30 21.45
CA ILE C 115 9.81 -17.61 21.06
C ILE C 115 9.04 -18.08 22.31
N ALA C 116 7.83 -17.55 22.48
CA ALA C 116 6.96 -17.88 23.60
C ALA C 116 5.76 -18.68 23.12
N VAL C 117 5.16 -19.42 24.05
CA VAL C 117 4.00 -20.24 23.81
C VAL C 117 2.83 -19.60 24.52
N VAL C 118 1.78 -19.30 23.76
CA VAL C 118 0.57 -18.70 24.31
C VAL C 118 -0.57 -19.69 24.19
N THR C 119 -1.29 -19.93 25.30
CA THR C 119 -2.38 -20.88 25.36
CA THR C 119 -2.40 -20.87 25.29
C THR C 119 -3.72 -20.11 25.52
N HIS C 120 -4.82 -20.76 25.18
CA HIS C 120 -6.15 -20.13 25.12
C HIS C 120 -6.68 -19.56 26.45
N ASP C 121 -6.12 -20.02 27.58
CA ASP C 121 -6.46 -19.45 28.87
C ASP C 121 -5.72 -18.14 29.13
N GLY C 122 -4.92 -17.70 28.17
CA GLY C 122 -4.17 -16.46 28.29
C GLY C 122 -2.78 -16.62 28.89
N SER C 123 -2.40 -17.85 29.23
CA SER C 123 -1.09 -18.07 29.84
CA SER C 123 -1.09 -18.07 29.85
C SER C 123 0.01 -18.02 28.78
N VAL C 124 1.14 -17.41 29.14
CA VAL C 124 2.31 -17.29 28.26
C VAL C 124 3.44 -18.06 28.95
N MET C 125 4.10 -18.95 28.22
CA MET C 125 5.28 -19.65 28.71
CA MET C 125 5.27 -19.70 28.69
C MET C 125 6.48 -19.27 27.84
N PHE C 126 7.56 -18.89 28.51
CA PHE C 126 8.76 -18.39 27.86
C PHE C 126 9.94 -18.99 28.61
N ILE C 127 10.77 -19.75 27.89
CA ILE C 127 11.84 -20.55 28.49
C ILE C 127 13.19 -20.31 27.79
N PRO C 128 13.79 -19.15 28.04
CA PRO C 128 15.09 -18.91 27.42
C PRO C 128 16.20 -19.77 28.07
N ALA C 129 16.99 -20.43 27.25
CA ALA C 129 18.23 -21.07 27.71
C ALA C 129 19.30 -19.97 27.74
N GLN C 130 20.09 -19.91 28.81
CA GLN C 130 21.06 -18.83 29.02
C GLN C 130 22.36 -19.36 29.58
N ARG C 131 23.47 -18.70 29.23
CA ARG C 131 24.74 -18.82 29.95
C ARG C 131 24.97 -17.53 30.72
N LEU C 132 25.22 -17.68 32.01
CA LEU C 132 25.36 -16.58 32.96
C LEU C 132 26.69 -16.70 33.71
N SER C 133 27.45 -15.60 33.75
CA SER C 133 28.60 -15.45 34.65
C SER C 133 28.16 -14.63 35.83
N PHE C 134 28.41 -15.14 37.03
CA PHE C 134 28.07 -14.40 38.23
C PHE C 134 29.12 -14.55 39.33
N MET C 135 28.98 -13.69 40.34
CA MET C 135 29.93 -13.60 41.45
C MET C 135 29.82 -14.82 42.33
N CYS C 136 30.92 -15.54 42.47
CA CYS C 136 30.94 -16.77 43.22
C CYS C 136 32.38 -17.13 43.57
N ASP C 137 32.62 -17.34 44.86
CA ASP C 137 33.91 -17.78 45.34
C ASP C 137 33.90 -19.30 45.34
N PRO C 138 34.65 -19.92 44.41
CA PRO C 138 34.63 -21.38 44.32
C PRO C 138 35.55 -22.11 45.33
N THR C 139 36.04 -21.41 46.35
CA THR C 139 36.87 -22.06 47.39
C THR C 139 36.13 -23.26 47.99
N GLY C 140 36.85 -24.38 48.11
CA GLY C 140 36.28 -25.64 48.52
C GLY C 140 35.80 -26.54 47.40
N VAL C 141 35.77 -26.05 46.17
CA VAL C 141 35.24 -26.85 45.07
C VAL C 141 36.04 -28.14 44.86
N ASP C 142 37.32 -28.12 45.23
CA ASP C 142 38.19 -29.30 45.13
C ASP C 142 38.23 -30.17 46.39
N SER C 143 37.19 -30.07 47.22
CA SER C 143 37.05 -30.93 48.40
C SER C 143 35.70 -31.62 48.35
N GLU C 144 35.45 -32.53 49.29
CA GLU C 144 34.21 -33.30 49.32
C GLU C 144 32.98 -32.47 49.70
N GLU C 145 33.17 -31.53 50.61
CA GLU C 145 32.09 -30.64 51.04
C GLU C 145 31.72 -29.61 49.96
N GLY C 146 32.67 -29.31 49.06
CA GLY C 146 32.38 -28.53 47.88
C GLY C 146 32.36 -27.03 48.11
N ALA C 147 31.86 -26.30 47.11
CA ALA C 147 31.72 -24.85 47.18
C ALA C 147 30.25 -24.52 47.17
N THR C 148 29.90 -23.34 47.66
CA THR C 148 28.51 -22.89 47.65
C THR C 148 28.48 -21.50 47.11
N CYS C 149 27.53 -21.24 46.23
CA CYS C 149 27.32 -19.90 45.72
CA CYS C 149 27.31 -19.90 45.70
C CYS C 149 25.84 -19.63 45.49
N ALA C 150 25.54 -18.35 45.32
CA ALA C 150 24.17 -17.90 45.23
C ALA C 150 24.07 -16.69 44.34
N VAL C 151 22.94 -16.61 43.65
CA VAL C 151 22.62 -15.44 42.83
C VAL C 151 21.12 -15.25 42.93
N LYS C 152 20.70 -13.99 43.15
CA LYS C 152 19.29 -13.62 43.20
C LYS C 152 18.78 -13.21 41.82
N PHE C 153 17.52 -13.53 41.54
CA PHE C 153 16.84 -13.08 40.33
C PHE C 153 15.55 -12.37 40.70
N GLY C 154 15.23 -11.36 39.92
CA GLY C 154 14.00 -10.61 40.16
C GLY C 154 13.81 -9.55 39.12
N SER C 155 12.66 -8.88 39.18
CA SER C 155 12.39 -7.77 38.31
C SER C 155 13.36 -6.67 38.65
N TRP C 156 13.90 -6.00 37.64
CA TRP C 156 14.76 -4.82 37.88
C TRP C 156 13.99 -3.58 38.37
N VAL C 157 12.77 -3.37 37.87
CA VAL C 157 12.07 -2.08 38.03
C VAL C 157 10.67 -2.16 38.64
N TYR C 158 10.19 -3.37 38.95
CA TYR C 158 8.84 -3.56 39.50
C TYR C 158 8.91 -4.18 40.90
N SER C 159 8.20 -3.59 41.85
CA SER C 159 8.05 -4.15 43.18
C SER C 159 7.06 -5.34 43.15
N GLY C 160 6.89 -5.98 44.30
CA GLY C 160 5.90 -7.04 44.50
C GLY C 160 4.45 -6.59 44.38
N PHE C 161 4.21 -5.28 44.44
CA PHE C 161 2.86 -4.74 44.19
C PHE C 161 2.59 -4.56 42.69
N GLU C 162 3.57 -4.85 41.84
CA GLU C 162 3.42 -4.71 40.39
C GLU C 162 3.64 -6.06 39.70
N ILE C 163 4.75 -6.72 40.03
CA ILE C 163 5.00 -8.09 39.61
C ILE C 163 5.14 -8.97 40.84
N ASP C 164 4.19 -9.89 40.99
CA ASP C 164 4.22 -10.80 42.14
C ASP C 164 4.94 -12.06 41.69
N LEU C 165 6.22 -12.14 42.05
CA LEU C 165 7.09 -13.19 41.60
C LEU C 165 6.90 -14.38 42.49
N LYS C 166 6.68 -15.54 41.88
CA LYS C 166 6.46 -16.78 42.59
C LYS C 166 7.35 -17.90 42.03
N THR C 167 7.39 -19.01 42.74
CA THR C 167 7.96 -20.25 42.22
C THR C 167 6.91 -21.33 42.41
N ASP C 168 7.08 -22.45 41.72
CA ASP C 168 6.23 -23.63 41.91
C ASP C 168 6.88 -24.62 42.88
N THR C 169 8.19 -24.50 43.06
CA THR C 169 8.93 -25.42 43.89
C THR C 169 10.24 -24.74 44.29
N ASP C 170 10.75 -25.08 45.48
CA ASP C 170 12.07 -24.56 45.85
C ASP C 170 13.19 -25.50 45.42
N GLN C 171 12.89 -26.55 44.68
CA GLN C 171 13.91 -27.45 44.17
C GLN C 171 14.23 -27.08 42.72
N VAL C 172 15.48 -26.69 42.46
CA VAL C 172 15.97 -26.51 41.09
C VAL C 172 15.92 -27.86 40.38
N ASP C 173 15.39 -27.85 39.17
CA ASP C 173 15.27 -29.05 38.34
C ASP C 173 16.67 -29.46 37.84
N LEU C 174 17.12 -30.64 38.27
CA LEU C 174 18.44 -31.16 37.94
C LEU C 174 18.36 -32.34 36.96
N SER C 175 17.18 -32.60 36.40
CA SER C 175 17.01 -33.79 35.58
C SER C 175 17.68 -33.68 34.21
N SER C 176 18.06 -32.45 33.81
CA SER C 176 18.81 -32.24 32.57
C SER C 176 20.25 -31.87 32.81
N TYR C 177 20.77 -32.10 34.01
CA TYR C 177 22.13 -31.66 34.34
C TYR C 177 23.12 -32.56 33.63
N TYR C 178 24.11 -31.96 32.99
CA TYR C 178 25.07 -32.69 32.18
C TYR C 178 25.90 -33.67 33.04
N ALA C 179 25.72 -34.96 32.77
CA ALA C 179 26.39 -36.01 33.55
C ALA C 179 27.91 -35.99 33.48
N SER C 180 28.50 -35.40 32.45
CA SER C 180 29.96 -35.37 32.34
C SER C 180 30.55 -33.96 32.49
N SER C 181 29.84 -33.11 33.21
CA SER C 181 30.36 -31.80 33.62
C SER C 181 31.61 -31.98 34.45
N LYS C 182 32.48 -30.98 34.45
CA LYS C 182 33.60 -30.91 35.36
C LYS C 182 33.12 -30.86 36.80
N TYR C 183 31.89 -30.40 37.01
CA TYR C 183 31.34 -30.21 38.36
C TYR C 183 30.09 -31.00 38.56
N GLU C 184 29.96 -31.62 39.72
CA GLU C 184 28.72 -32.31 40.07
C GLU C 184 27.94 -31.45 41.08
N ILE C 185 26.63 -31.55 41.02
CA ILE C 185 25.76 -30.77 41.91
C ILE C 185 25.49 -31.56 43.19
N LEU C 186 25.84 -30.96 44.31
CA LEU C 186 25.47 -31.52 45.60
C LEU C 186 24.05 -31.09 45.99
N SER C 187 23.67 -29.86 45.67
CA SER C 187 22.28 -29.43 45.86
C SER C 187 22.04 -28.15 45.11
N ALA C 188 20.78 -27.91 44.78
CA ALA C 188 20.44 -26.70 44.10
C ALA C 188 18.99 -26.32 44.42
N THR C 189 18.82 -25.13 44.99
CA THR C 189 17.52 -24.68 45.49
C THR C 189 17.24 -23.27 44.97
N GLN C 190 15.96 -22.95 44.89
CA GLN C 190 15.47 -21.67 44.39
C GLN C 190 14.41 -21.18 45.36
N THR C 191 14.74 -20.19 46.19
CA THR C 191 13.92 -19.82 47.35
C THR C 191 13.39 -18.41 47.18
N ARG C 192 12.08 -18.26 47.22
CA ARG C 192 11.45 -16.95 47.14
C ARG C 192 11.77 -16.15 48.41
N GLN C 193 12.20 -14.91 48.24
CA GLN C 193 12.53 -14.05 49.36
C GLN C 193 11.76 -12.74 49.22
N VAL C 194 11.32 -12.20 50.36
CA VAL C 194 10.61 -10.94 50.37
C VAL C 194 11.40 -10.00 51.25
N GLN C 195 11.62 -8.79 50.76
CA GLN C 195 12.41 -7.81 51.49
C GLN C 195 11.69 -6.48 51.51
N HIS C 196 11.82 -5.76 52.62
CA HIS C 196 11.32 -4.39 52.71
C HIS C 196 12.48 -3.41 52.91
N TYR C 197 12.31 -2.20 52.36
CA TYR C 197 13.29 -1.12 52.52
C TYR C 197 12.67 -0.03 53.39
N SER C 198 13.50 0.67 54.20
CA SER C 198 13.00 1.68 55.14
C SER C 198 12.25 2.79 54.44
N CYS C 199 12.71 3.16 53.24
CA CYS C 199 12.11 4.25 52.48
C CYS C 199 10.63 4.06 52.15
N CYS C 200 10.18 2.81 52.02
CA CYS C 200 9.03 2.52 51.17
C CYS C 200 8.18 1.37 51.72
N PRO C 201 6.84 1.41 51.51
CA PRO C 201 5.97 0.34 52.02
C PRO C 201 5.97 -0.97 51.23
N GLU C 202 6.22 -0.90 49.93
CA GLU C 202 6.12 -2.06 49.01
C GLU C 202 7.08 -3.18 49.38
N PRO C 203 6.66 -4.42 49.22
CA PRO C 203 7.58 -5.55 49.31
C PRO C 203 8.37 -5.71 48.01
N TYR C 204 9.60 -6.18 48.13
CA TYR C 204 10.44 -6.49 46.96
C TYR C 204 10.75 -7.98 47.02
N ILE C 205 10.61 -8.64 45.88
CA ILE C 205 10.66 -10.11 45.81
C ILE C 205 11.82 -10.53 44.91
N ASP C 206 12.56 -11.55 45.35
CA ASP C 206 13.57 -12.18 44.52
C ASP C 206 13.52 -13.71 44.69
N VAL C 207 14.17 -14.42 43.79
CA VAL C 207 14.38 -15.87 43.92
C VAL C 207 15.88 -16.09 44.04
N ASN C 208 16.29 -16.65 45.17
CA ASN C 208 17.68 -16.92 45.45
C ASN C 208 18.02 -18.31 44.98
N LEU C 209 18.82 -18.39 43.93
CA LEU C 209 19.34 -19.65 43.40
C LEU C 209 20.63 -19.96 44.16
N VAL C 210 20.61 -21.03 44.95
CA VAL C 210 21.75 -21.41 45.77
C VAL C 210 22.20 -22.78 45.28
N VAL C 211 23.46 -22.88 44.86
CA VAL C 211 23.99 -24.08 44.25
C VAL C 211 25.24 -24.52 44.99
N LYS C 212 25.23 -25.77 45.45
CA LYS C 212 26.40 -26.41 46.05
C LYS C 212 26.91 -27.46 45.09
N PHE C 213 28.21 -27.38 44.81
CA PHE C 213 28.81 -28.17 43.77
C PHE C 213 30.25 -28.50 44.10
N ARG C 214 30.80 -29.46 43.39
CA ARG C 214 32.20 -29.80 43.58
C ARG C 214 32.77 -30.42 42.32
N GLU C 215 34.09 -30.42 42.22
CA GLU C 215 34.79 -31.10 41.14
C GLU C 215 34.43 -32.59 41.14
N ARG C 216 34.13 -33.09 39.96
CA ARG C 216 33.73 -34.48 39.77
C ARG C 216 34.95 -35.40 39.89
N ARG C 217 34.73 -36.60 40.43
CA ARG C 217 35.79 -37.58 40.63
C ARG C 217 35.96 -38.44 39.38
N ASP D 7 15.16 -8.77 -22.60
CA ASP D 7 15.10 -10.05 -21.84
C ASP D 7 15.50 -9.81 -20.39
N LYS D 8 16.70 -9.26 -20.20
CA LYS D 8 17.27 -9.05 -18.86
C LYS D 8 16.47 -8.04 -18.03
N LEU D 9 15.82 -7.09 -18.69
CA LEU D 9 14.90 -6.16 -18.01
C LEU D 9 13.57 -6.88 -17.67
N HIS D 10 13.20 -7.87 -18.48
CA HIS D 10 12.02 -8.74 -18.21
C HIS D 10 12.32 -9.83 -17.16
N SER D 11 13.55 -10.35 -17.18
CA SER D 11 13.98 -11.33 -16.19
C SER D 11 13.88 -10.73 -14.79
N GLN D 12 14.46 -9.55 -14.62
CA GLN D 12 14.39 -8.79 -13.36
C GLN D 12 12.96 -8.37 -13.02
N ALA D 13 12.17 -8.01 -14.03
CA ALA D 13 10.78 -7.56 -13.80
C ALA D 13 9.90 -8.70 -13.29
N ASN D 14 10.01 -9.87 -13.91
CA ASN D 14 9.29 -11.07 -13.47
C ASN D 14 9.69 -11.53 -12.06
N LEU D 15 10.99 -11.51 -11.76
CA LEU D 15 11.49 -11.90 -10.44
C LEU D 15 10.91 -10.98 -9.37
N MET D 16 11.00 -9.67 -9.59
CA MET D 16 10.42 -8.70 -8.66
C MET D 16 8.90 -8.86 -8.55
N ARG D 17 8.24 -9.24 -9.64
CA ARG D 17 6.79 -9.47 -9.64
C ARG D 17 6.39 -10.75 -8.89
N LEU D 18 7.19 -11.81 -9.04
CA LEU D 18 6.98 -13.06 -8.30
C LEU D 18 7.13 -12.83 -6.80
N LYS D 19 8.20 -12.13 -6.42
CA LYS D 19 8.42 -11.80 -5.02
C LYS D 19 7.24 -10.99 -4.47
N SER D 20 6.80 -9.98 -5.23
CA SER D 20 5.64 -9.17 -4.85
C SER D 20 4.38 -10.03 -4.61
N ASP D 21 4.13 -10.99 -5.51
CA ASP D 21 2.94 -11.85 -5.40
C ASP D 21 3.00 -12.82 -4.22
N LEU D 22 4.17 -13.35 -3.91
CA LEU D 22 4.32 -14.26 -2.77
C LEU D 22 4.40 -13.50 -1.44
N PHE D 23 5.17 -12.41 -1.41
CA PHE D 23 5.49 -11.70 -0.17
C PHE D 23 4.57 -10.51 0.15
N ASN D 24 3.69 -10.14 -0.78
CA ASN D 24 2.85 -8.95 -0.59
C ASN D 24 1.36 -9.10 -0.93
N ARG D 25 0.98 -10.15 -1.66
CA ARG D 25 -0.41 -10.28 -2.14
C ARG D 25 -1.11 -11.60 -1.79
N SER D 26 -0.46 -12.41 -0.96
CA SER D 26 -1.12 -13.54 -0.29
C SER D 26 -0.59 -13.53 1.13
N PRO D 27 -1.31 -14.21 2.06
CA PRO D 27 -0.81 -14.21 3.43
C PRO D 27 0.45 -15.06 3.57
N MET D 28 1.42 -14.54 4.32
CA MET D 28 2.63 -15.29 4.62
C MET D 28 2.35 -16.35 5.70
N TYR D 29 3.25 -17.32 5.78
CA TYR D 29 3.10 -18.50 6.61
C TYR D 29 3.26 -18.19 8.09
N PRO D 30 2.22 -18.47 8.90
CA PRO D 30 2.25 -18.23 10.34
C PRO D 30 2.95 -19.34 11.16
N GLY D 31 3.56 -20.31 10.49
CA GLY D 31 4.20 -21.43 11.17
C GLY D 31 3.25 -22.62 11.24
N PRO D 32 3.76 -23.78 11.64
CA PRO D 32 2.94 -25.00 11.64
C PRO D 32 1.93 -25.08 12.78
N THR D 33 0.89 -25.88 12.60
CA THR D 33 -0.08 -26.17 13.65
C THR D 33 -0.33 -27.68 13.65
N LYS D 34 -1.06 -28.14 14.66
CA LYS D 34 -1.39 -29.56 14.80
C LYS D 34 -2.28 -30.03 13.63
N ASP D 35 -3.10 -29.13 13.10
CA ASP D 35 -3.91 -29.43 11.90
C ASP D 35 -3.09 -29.37 10.59
N ASP D 36 -2.03 -28.57 10.57
CA ASP D 36 -1.21 -28.35 9.38
C ASP D 36 0.28 -28.49 9.72
N PRO D 37 0.72 -29.71 10.06
CA PRO D 37 2.08 -29.94 10.49
C PRO D 37 3.08 -29.84 9.34
N LEU D 38 4.32 -29.48 9.64
CA LEU D 38 5.35 -29.25 8.65
C LEU D 38 6.49 -30.24 8.85
N THR D 39 6.89 -30.91 7.78
CA THR D 39 8.08 -31.76 7.80
C THR D 39 9.31 -30.89 7.55
N VAL D 40 10.30 -31.03 8.43
CA VAL D 40 11.58 -30.38 8.25
C VAL D 40 12.66 -31.45 8.26
N THR D 41 13.45 -31.52 7.19
CA THR D 41 14.53 -32.49 7.06
C THR D 41 15.86 -31.84 7.34
N LEU D 42 16.64 -32.47 8.19
CA LEU D 42 17.82 -31.88 8.79
C LEU D 42 18.98 -32.81 8.51
N GLY D 43 20.13 -32.24 8.16
CA GLY D 43 21.35 -33.00 7.95
C GLY D 43 22.57 -32.18 8.26
N PHE D 44 23.63 -32.84 8.72
CA PHE D 44 24.88 -32.18 9.03
C PHE D 44 26.02 -32.55 8.07
N THR D 45 26.80 -31.54 7.71
CA THR D 45 28.06 -31.71 7.01
C THR D 45 29.13 -31.20 7.97
N LEU D 46 29.87 -32.12 8.59
CA LEU D 46 30.86 -31.71 9.59
C LEU D 46 32.15 -31.29 8.92
N GLN D 47 32.57 -30.06 9.17
CA GLN D 47 33.75 -29.49 8.56
C GLN D 47 35.01 -29.60 9.45
N ASP D 48 34.86 -29.38 10.75
CA ASP D 48 36.02 -29.36 11.63
C ASP D 48 35.63 -29.48 13.11
N ILE D 49 36.45 -30.18 13.86
CA ILE D 49 36.47 -30.05 15.30
C ILE D 49 37.64 -29.12 15.58
N VAL D 50 37.30 -27.89 15.96
CA VAL D 50 38.30 -26.84 16.11
C VAL D 50 39.06 -27.02 17.39
N LYS D 51 38.35 -27.26 18.49
CA LYS D 51 38.93 -27.24 19.82
C LYS D 51 38.17 -28.15 20.79
N ALA D 52 38.90 -28.85 21.65
CA ALA D 52 38.29 -29.67 22.71
C ALA D 52 38.92 -29.24 24.02
N ASP D 53 38.11 -28.71 24.93
CA ASP D 53 38.61 -28.05 26.12
C ASP D 53 38.28 -28.90 27.34
N SER D 54 39.30 -29.57 27.89
CA SER D 54 39.09 -30.45 29.05
C SER D 54 39.05 -29.72 30.38
N SER D 55 39.36 -28.43 30.41
CA SER D 55 39.27 -27.65 31.65
C SER D 55 37.82 -27.23 31.93
N THR D 56 37.00 -27.16 30.88
CA THR D 56 35.58 -26.80 31.02
C THR D 56 34.63 -27.84 30.40
N ASN D 57 35.15 -28.88 29.73
CA ASN D 57 34.32 -29.86 29.02
C ASN D 57 33.38 -29.19 28.03
N GLU D 58 34.01 -28.42 27.14
CA GLU D 58 33.37 -27.84 25.96
C GLU D 58 34.17 -28.24 24.74
N VAL D 59 33.46 -28.56 23.68
CA VAL D 59 34.06 -28.82 22.38
C VAL D 59 33.43 -27.88 21.36
N ASP D 60 34.24 -27.43 20.39
CA ASP D 60 33.82 -26.51 19.35
C ASP D 60 33.86 -27.19 17.99
N LEU D 61 32.73 -27.20 17.30
CA LEU D 61 32.59 -27.76 15.97
C LEU D 61 32.20 -26.68 14.98
N VAL D 62 32.63 -26.87 13.74
CA VAL D 62 32.17 -26.10 12.61
C VAL D 62 31.51 -27.08 11.64
N TYR D 63 30.28 -26.75 11.21
CA TYR D 63 29.52 -27.61 10.34
C TYR D 63 28.58 -26.76 9.51
N TYR D 64 28.05 -27.37 8.43
CA TYR D 64 26.97 -26.80 7.67
C TYR D 64 25.71 -27.57 8.06
N GLU D 65 24.67 -26.86 8.50
CA GLU D 65 23.42 -27.50 8.92
C GLU D 65 22.37 -27.32 7.83
N GLN D 66 22.04 -28.39 7.13
CA GLN D 66 21.11 -28.29 6.02
C GLN D 66 19.67 -28.49 6.50
N GLN D 67 18.80 -27.54 6.18
CA GLN D 67 17.40 -27.58 6.56
C GLN D 67 16.51 -27.44 5.34
N ARG D 68 15.51 -28.30 5.23
CA ARG D 68 14.63 -28.32 4.07
C ARG D 68 13.17 -28.46 4.47
N TRP D 69 12.31 -27.63 3.91
CA TRP D 69 10.88 -27.75 4.16
C TRP D 69 10.14 -27.27 2.93
N LYS D 70 8.84 -27.48 2.91
CA LYS D 70 8.07 -27.19 1.72
C LYS D 70 6.73 -26.58 2.09
N LEU D 71 6.40 -25.48 1.42
CA LEU D 71 5.16 -24.74 1.68
C LEU D 71 4.32 -24.56 0.40
N ASN D 72 3.02 -24.87 0.50
CA ASN D 72 2.08 -24.55 -0.58
C ASN D 72 2.02 -23.06 -0.90
N SER D 73 2.22 -22.23 0.11
CA SER D 73 2.22 -20.78 -0.07
C SER D 73 3.46 -20.24 -0.80
N LEU D 74 4.52 -21.04 -0.94
CA LEU D 74 5.69 -20.64 -1.75
C LEU D 74 5.73 -21.30 -3.14
N MET D 75 4.58 -21.82 -3.58
CA MET D 75 4.49 -22.47 -4.90
C MET D 75 4.16 -21.44 -5.97
N TRP D 76 4.66 -21.70 -7.18
CA TRP D 76 4.25 -20.92 -8.34
C TRP D 76 4.46 -21.71 -9.63
N ASP D 77 3.73 -21.27 -10.64
CA ASP D 77 3.84 -21.79 -11.99
C ASP D 77 4.89 -20.96 -12.70
N PRO D 78 6.01 -21.58 -13.12
CA PRO D 78 7.07 -20.83 -13.79
C PRO D 78 6.62 -20.17 -15.11
N ASN D 79 5.60 -20.75 -15.75
CA ASN D 79 5.04 -20.21 -16.98
C ASN D 79 4.45 -18.81 -16.83
N GLU D 80 3.95 -18.51 -15.64
CA GLU D 80 3.35 -17.22 -15.36
C GLU D 80 4.37 -16.16 -14.94
N TYR D 81 5.63 -16.57 -14.80
CA TYR D 81 6.70 -15.67 -14.35
C TYR D 81 7.99 -15.85 -15.16
N GLY D 82 7.84 -16.01 -16.48
CA GLY D 82 8.99 -16.01 -17.38
C GLY D 82 9.96 -17.15 -17.20
N ASN D 83 9.45 -18.32 -16.81
CA ASN D 83 10.26 -19.53 -16.58
C ASN D 83 11.22 -19.48 -15.37
N ILE D 84 11.02 -18.52 -14.46
CA ILE D 84 11.79 -18.50 -13.21
C ILE D 84 11.41 -19.73 -12.39
N THR D 85 12.39 -20.58 -12.08
CA THR D 85 12.12 -21.82 -11.33
C THR D 85 12.65 -21.80 -9.90
N ASP D 86 13.47 -20.81 -9.55
CA ASP D 86 13.83 -20.61 -8.16
C ASP D 86 14.21 -19.17 -7.91
N PHE D 87 14.39 -18.81 -6.66
CA PHE D 87 14.93 -17.51 -6.31
C PHE D 87 15.56 -17.54 -4.92
N ARG D 88 16.10 -16.41 -4.47
CA ARG D 88 16.75 -16.33 -3.18
C ARG D 88 16.09 -15.29 -2.32
N THR D 89 16.14 -15.51 -1.02
CA THR D 89 15.50 -14.59 -0.09
C THR D 89 16.31 -14.56 1.18
N SER D 90 16.37 -13.39 1.80
CA SER D 90 16.91 -13.28 3.13
C SER D 90 16.08 -14.20 4.02
N ALA D 91 16.76 -14.96 4.87
CA ALA D 91 16.09 -15.86 5.80
C ALA D 91 15.21 -15.11 6.80
N ALA D 92 15.52 -13.82 7.03
CA ALA D 92 14.68 -12.92 7.83
C ALA D 92 13.32 -12.63 7.18
N ASP D 93 13.24 -12.75 5.87
CA ASP D 93 12.01 -12.39 5.17
C ASP D 93 11.02 -13.54 5.04
N ILE D 94 11.41 -14.74 5.47
CA ILE D 94 10.52 -15.89 5.47
C ILE D 94 10.45 -16.52 6.86
N TRP D 95 9.41 -17.30 7.11
CA TRP D 95 9.40 -18.18 8.28
C TRP D 95 10.57 -19.19 8.17
N THR D 96 11.30 -19.40 9.26
CA THR D 96 12.25 -20.50 9.32
C THR D 96 12.05 -21.30 10.63
N PRO D 97 12.45 -22.58 10.63
CA PRO D 97 12.22 -23.42 11.81
C PRO D 97 13.21 -23.14 12.95
N ASP D 98 12.69 -23.20 14.17
CA ASP D 98 13.45 -22.90 15.37
C ASP D 98 14.34 -24.07 15.84
N ILE D 99 15.10 -24.65 14.93
CA ILE D 99 15.96 -25.80 15.24
C ILE D 99 17.12 -25.30 16.07
N THR D 100 17.33 -25.92 17.23
CA THR D 100 18.29 -25.46 18.24
C THR D 100 19.09 -26.64 18.77
N ALA D 101 20.37 -26.43 19.00
CA ALA D 101 21.17 -27.37 19.79
C ALA D 101 20.65 -27.30 21.24
N TYR D 102 20.46 -28.47 21.86
CA TYR D 102 19.87 -28.51 23.20
C TYR D 102 20.91 -28.38 24.34
N SER D 103 22.20 -28.51 24.00
CA SER D 103 23.28 -28.51 24.99
C SER D 103 24.47 -27.62 24.59
N SER D 104 24.18 -26.53 23.89
CA SER D 104 25.18 -25.52 23.60
C SER D 104 25.62 -24.81 24.90
N THR D 105 26.82 -24.26 24.88
CA THR D 105 27.30 -23.48 26.01
C THR D 105 27.58 -22.03 25.66
N ARG D 106 27.49 -21.68 24.38
CA ARG D 106 27.64 -20.29 23.91
CA ARG D 106 27.62 -20.30 23.91
C ARG D 106 26.67 -20.10 22.74
N PRO D 107 26.24 -18.86 22.48
CA PRO D 107 25.36 -18.66 21.32
C PRO D 107 26.06 -19.15 20.05
N VAL D 108 25.31 -19.78 19.14
CA VAL D 108 25.87 -20.25 17.87
CA VAL D 108 25.89 -20.26 17.89
C VAL D 108 26.39 -19.06 17.08
N GLN D 109 27.50 -19.24 16.36
CA GLN D 109 28.05 -18.17 15.52
C GLN D 109 27.86 -18.57 14.08
N VAL D 110 27.20 -17.70 13.31
CA VAL D 110 26.84 -18.02 11.96
C VAL D 110 27.96 -17.53 11.06
N LEU D 111 28.39 -18.39 10.13
CA LEU D 111 29.54 -18.14 9.27
C LEU D 111 29.19 -17.87 7.80
N SER D 112 27.93 -18.07 7.45
CA SER D 112 27.51 -17.95 6.07
C SER D 112 26.41 -16.91 5.98
N PRO D 113 26.24 -16.30 4.78
CA PRO D 113 25.16 -15.32 4.58
C PRO D 113 23.81 -15.95 4.82
N GLN D 114 22.94 -15.25 5.51
CA GLN D 114 21.67 -15.84 5.91
C GLN D 114 20.64 -15.72 4.76
N ILE D 115 20.81 -16.60 3.78
CA ILE D 115 20.01 -16.54 2.55
C ILE D 115 19.49 -17.96 2.27
N ALA D 116 18.22 -18.05 1.87
CA ALA D 116 17.55 -19.33 1.61
C ALA D 116 17.21 -19.43 0.14
N VAL D 117 17.10 -20.66 -0.35
CA VAL D 117 16.74 -20.95 -1.74
C VAL D 117 15.29 -21.47 -1.84
N VAL D 118 14.48 -20.77 -2.64
CA VAL D 118 13.06 -21.12 -2.81
C VAL D 118 12.85 -21.65 -4.22
N THR D 119 12.23 -22.83 -4.32
CA THR D 119 11.94 -23.44 -5.61
C THR D 119 10.44 -23.37 -5.87
N HIS D 120 10.06 -23.44 -7.15
CA HIS D 120 8.67 -23.29 -7.58
C HIS D 120 7.72 -24.36 -7.05
N ASP D 121 8.25 -25.53 -6.66
CA ASP D 121 7.46 -26.55 -5.96
C ASP D 121 7.17 -26.18 -4.50
N GLY D 122 7.64 -25.02 -4.05
CA GLY D 122 7.39 -24.55 -2.69
C GLY D 122 8.46 -24.95 -1.68
N SER D 123 9.49 -25.66 -2.12
CA SER D 123 10.52 -26.15 -1.21
CA SER D 123 10.54 -26.15 -1.23
C SER D 123 11.55 -25.06 -0.87
N VAL D 124 11.95 -25.01 0.39
CA VAL D 124 12.93 -24.04 0.85
C VAL D 124 14.13 -24.81 1.35
N MET D 125 15.31 -24.33 0.96
CA MET D 125 16.58 -24.90 1.39
C MET D 125 17.33 -23.78 2.09
N PHE D 126 17.78 -24.05 3.31
CA PHE D 126 18.47 -23.09 4.14
C PHE D 126 19.62 -23.86 4.79
N ILE D 127 20.84 -23.39 4.58
CA ILE D 127 22.04 -24.13 4.99
C ILE D 127 23.02 -23.18 5.70
N PRO D 128 22.70 -22.81 6.96
CA PRO D 128 23.68 -22.02 7.73
C PRO D 128 24.94 -22.81 8.06
N ALA D 129 26.10 -22.19 7.86
CA ALA D 129 27.36 -22.67 8.40
C ALA D 129 27.47 -22.07 9.79
N GLN D 130 27.86 -22.89 10.77
CA GLN D 130 27.85 -22.53 12.19
C GLN D 130 29.12 -22.98 12.91
N ARG D 131 29.57 -22.17 13.86
CA ARG D 131 30.48 -22.66 14.91
C ARG D 131 29.68 -22.79 16.21
N LEU D 132 29.76 -23.99 16.78
CA LEU D 132 29.04 -24.33 18.02
C LEU D 132 30.00 -24.85 19.08
N SER D 133 29.85 -24.28 20.29
CA SER D 133 30.44 -24.76 21.52
C SER D 133 29.35 -25.52 22.27
N PHE D 134 29.62 -26.77 22.62
CA PHE D 134 28.63 -27.58 23.32
C PHE D 134 29.27 -28.43 24.41
N MET D 135 28.42 -29.00 25.26
CA MET D 135 28.88 -29.79 26.39
C MET D 135 29.48 -31.10 25.98
N CYS D 136 30.73 -31.34 26.36
CA CYS D 136 31.41 -32.54 25.95
C CYS D 136 32.67 -32.79 26.76
N ASP D 137 32.77 -33.99 27.33
CA ASP D 137 33.97 -34.45 28.01
C ASP D 137 34.87 -35.13 26.99
N PRO D 138 36.03 -34.50 26.67
CA PRO D 138 36.94 -35.08 25.65
C PRO D 138 37.92 -36.12 26.18
N THR D 139 37.67 -36.65 27.39
CA THR D 139 38.46 -37.76 27.91
C THR D 139 38.56 -38.89 26.86
N GLY D 140 39.78 -39.35 26.64
CA GLY D 140 40.08 -40.39 25.65
C GLY D 140 40.56 -39.85 24.32
N VAL D 141 40.46 -38.52 24.12
CA VAL D 141 40.78 -37.91 22.82
C VAL D 141 42.23 -38.19 22.39
N ASP D 142 43.13 -38.23 23.36
CA ASP D 142 44.52 -38.63 23.10
C ASP D 142 44.78 -40.15 23.24
N SER D 143 43.82 -40.96 22.79
CA SER D 143 43.94 -42.43 22.82
C SER D 143 43.54 -42.94 21.45
N GLU D 144 43.86 -44.21 21.16
CA GLU D 144 43.47 -44.78 19.89
C GLU D 144 41.95 -44.88 19.81
N GLU D 145 41.29 -45.14 20.94
CA GLU D 145 39.84 -45.29 20.99
C GLU D 145 39.11 -43.95 20.89
N GLY D 146 39.79 -42.87 21.27
CA GLY D 146 39.26 -41.52 21.07
C GLY D 146 38.20 -41.10 22.07
N ALA D 147 37.65 -39.91 21.86
CA ALA D 147 36.58 -39.37 22.71
C ALA D 147 35.25 -39.52 21.98
N THR D 148 34.16 -39.37 22.72
CA THR D 148 32.83 -39.46 22.14
C THR D 148 31.98 -38.35 22.69
N CYS D 149 31.38 -37.56 21.81
CA CYS D 149 30.41 -36.60 22.27
CA CYS D 149 30.49 -36.47 22.18
C CYS D 149 29.17 -36.55 21.43
N ALA D 150 28.14 -35.96 22.00
CA ALA D 150 26.83 -36.00 21.43
C ALA D 150 26.10 -34.71 21.78
N VAL D 151 25.31 -34.20 20.84
CA VAL D 151 24.47 -33.04 21.07
C VAL D 151 23.19 -33.22 20.27
N LYS D 152 22.07 -32.96 20.91
CA LYS D 152 20.76 -33.04 20.28
C LYS D 152 20.35 -31.71 19.64
N PHE D 153 19.72 -31.82 18.47
CA PHE D 153 19.08 -30.69 17.80
C PHE D 153 17.61 -30.96 17.65
N GLY D 154 16.79 -29.93 17.86
CA GLY D 154 15.37 -30.04 17.65
C GLY D 154 14.70 -28.69 17.78
N SER D 155 13.42 -28.65 17.45
CA SER D 155 12.64 -27.43 17.64
C SER D 155 12.56 -27.08 19.12
N TRP D 156 12.67 -25.81 19.45
CA TRP D 156 12.53 -25.38 20.84
C TRP D 156 11.10 -25.42 21.33
N VAL D 157 10.14 -25.08 20.45
CA VAL D 157 8.79 -24.83 20.89
C VAL D 157 7.72 -25.65 20.18
N TYR D 158 8.09 -26.51 19.24
CA TYR D 158 7.09 -27.30 18.50
C TYR D 158 7.32 -28.80 18.74
N SER D 159 6.25 -29.53 19.08
CA SER D 159 6.30 -30.97 19.18
C SER D 159 6.38 -31.62 17.81
N GLY D 160 6.50 -32.93 17.80
CA GLY D 160 6.43 -33.69 16.57
C GLY D 160 5.08 -33.72 15.89
N PHE D 161 4.02 -33.28 16.55
CA PHE D 161 2.73 -33.09 15.88
C PHE D 161 2.61 -31.76 15.12
N GLU D 162 3.60 -30.88 15.29
CA GLU D 162 3.65 -29.60 14.59
C GLU D 162 4.86 -29.51 13.65
N ILE D 163 6.05 -29.88 14.12
CA ILE D 163 7.18 -30.01 13.20
C ILE D 163 7.65 -31.47 13.22
N ASP D 164 7.49 -32.13 12.08
CA ASP D 164 7.96 -33.51 11.96
C ASP D 164 9.39 -33.48 11.47
N LEU D 165 10.31 -33.64 12.41
CA LEU D 165 11.72 -33.58 12.09
C LEU D 165 12.16 -34.92 11.50
N LYS D 166 12.81 -34.87 10.35
CA LYS D 166 13.30 -36.07 9.64
C LYS D 166 14.76 -35.89 9.24
N THR D 167 15.43 -37.00 8.94
CA THR D 167 16.72 -36.98 8.25
C THR D 167 16.62 -37.80 6.95
N ASP D 168 17.55 -37.57 6.05
CA ASP D 168 17.68 -38.36 4.81
C ASP D 168 18.65 -39.51 4.98
N THR D 169 19.45 -39.47 6.03
CA THR D 169 20.43 -40.52 6.30
C THR D 169 20.89 -40.32 7.71
N ASP D 170 21.39 -41.39 8.33
CA ASP D 170 21.94 -41.29 9.69
C ASP D 170 23.48 -41.15 9.70
N GLN D 171 24.08 -40.97 8.51
CA GLN D 171 25.51 -40.74 8.39
C GLN D 171 25.76 -39.26 8.18
N VAL D 172 26.52 -38.63 9.06
CA VAL D 172 26.96 -37.23 8.89
C VAL D 172 27.85 -37.19 7.66
N ASP D 173 27.64 -36.21 6.79
CA ASP D 173 28.47 -36.01 5.61
C ASP D 173 29.85 -35.53 6.04
N LEU D 174 30.85 -36.36 5.80
CA LEU D 174 32.24 -36.08 6.15
C LEU D 174 33.11 -35.79 4.90
N SER D 175 32.48 -35.54 3.76
CA SER D 175 33.22 -35.33 2.52
C SER D 175 33.85 -33.95 2.45
N SER D 176 33.44 -33.02 3.32
CA SER D 176 34.10 -31.70 3.43
C SER D 176 34.95 -31.59 4.71
N TYR D 177 35.21 -32.69 5.41
CA TYR D 177 35.91 -32.61 6.72
C TYR D 177 37.35 -32.20 6.50
N TYR D 178 37.83 -31.30 7.32
CA TYR D 178 39.14 -30.70 7.11
C TYR D 178 40.22 -31.72 7.36
N ALA D 179 40.94 -32.07 6.30
CA ALA D 179 41.98 -33.11 6.35
C ALA D 179 43.11 -32.88 7.35
N SER D 180 43.40 -31.62 7.70
CA SER D 180 44.50 -31.35 8.64
C SER D 180 44.03 -30.74 9.97
N SER D 181 42.79 -31.05 10.33
CA SER D 181 42.28 -30.74 11.66
C SER D 181 43.18 -31.32 12.74
N LYS D 182 43.12 -30.74 13.94
CA LYS D 182 43.78 -31.32 15.10
C LYS D 182 43.17 -32.68 15.47
N TYR D 183 41.90 -32.86 15.12
CA TYR D 183 41.15 -34.07 15.44
C TYR D 183 40.73 -34.82 14.19
N GLU D 184 40.98 -36.12 14.23
CA GLU D 184 40.58 -37.06 13.20
C GLU D 184 39.21 -37.63 13.58
N ILE D 185 38.29 -37.73 12.62
CA ILE D 185 36.96 -38.31 12.90
C ILE D 185 36.95 -39.84 12.74
N LEU D 186 36.50 -40.54 13.78
CA LEU D 186 36.37 -42.00 13.75
C LEU D 186 34.99 -42.41 13.26
N SER D 187 33.97 -41.66 13.69
CA SER D 187 32.63 -41.78 13.14
C SER D 187 31.77 -40.55 13.48
N ALA D 188 30.79 -40.26 12.63
CA ALA D 188 29.82 -39.20 12.91
C ALA D 188 28.47 -39.64 12.41
N THR D 189 27.52 -39.73 13.35
CA THR D 189 26.16 -40.12 13.01
C THR D 189 25.13 -39.08 13.47
N GLN D 190 23.96 -39.14 12.86
CA GLN D 190 22.87 -38.17 13.09
C GLN D 190 21.56 -38.98 13.13
N THR D 191 21.13 -39.34 14.33
CA THR D 191 20.04 -40.30 14.52
C THR D 191 18.81 -39.60 15.02
N ARG D 192 17.70 -39.79 14.32
CA ARG D 192 16.43 -39.29 14.75
C ARG D 192 16.00 -40.06 15.98
N GLN D 193 15.63 -39.33 17.04
CA GLN D 193 15.12 -39.93 18.28
C GLN D 193 13.72 -39.40 18.58
N VAL D 194 12.86 -40.29 19.08
CA VAL D 194 11.53 -39.93 19.50
C VAL D 194 11.42 -40.17 21.00
N GLN D 195 11.01 -39.13 21.72
CA GLN D 195 10.78 -39.17 23.17
CA GLN D 195 10.79 -39.19 23.16
C GLN D 195 9.29 -38.96 23.44
N HIS D 196 8.79 -39.56 24.51
CA HIS D 196 7.42 -39.38 24.94
C HIS D 196 7.46 -39.12 26.43
N TYR D 197 6.85 -38.01 26.85
CA TYR D 197 6.77 -37.68 28.26
C TYR D 197 5.42 -38.17 28.77
N SER D 198 5.39 -38.57 30.03
CA SER D 198 4.19 -39.16 30.61
CA SER D 198 4.18 -39.17 30.58
C SER D 198 3.03 -38.17 30.62
N CYS D 199 3.34 -36.88 30.78
CA CYS D 199 2.32 -35.80 30.82
C CYS D 199 1.48 -35.67 29.55
N CYS D 200 2.04 -36.11 28.42
CA CYS D 200 1.66 -35.58 27.12
C CYS D 200 1.62 -36.66 26.03
N PRO D 201 0.56 -36.69 25.22
CA PRO D 201 0.43 -37.71 24.16
C PRO D 201 1.34 -37.49 22.96
N GLU D 202 1.72 -36.25 22.71
CA GLU D 202 2.50 -35.95 21.50
C GLU D 202 3.96 -36.40 21.62
N PRO D 203 4.54 -36.87 20.50
CA PRO D 203 5.94 -37.25 20.46
C PRO D 203 6.83 -36.00 20.38
N TYR D 204 8.03 -36.09 20.95
CA TYR D 204 9.02 -35.02 20.85
C TYR D 204 10.21 -35.58 20.06
N ILE D 205 10.63 -34.86 19.03
CA ILE D 205 11.63 -35.38 18.10
C ILE D 205 12.95 -34.61 18.23
N ASP D 206 14.07 -35.34 18.18
CA ASP D 206 15.36 -34.69 18.00
C ASP D 206 16.30 -35.46 17.10
N VAL D 207 17.31 -34.78 16.60
CA VAL D 207 18.36 -35.43 15.84
C VAL D 207 19.62 -35.39 16.70
N ASN D 208 20.11 -36.58 17.03
CA ASN D 208 21.24 -36.73 17.92
C ASN D 208 22.54 -36.86 17.11
N LEU D 209 23.38 -35.85 17.20
CA LEU D 209 24.65 -35.80 16.49
C LEU D 209 25.70 -36.36 17.43
N VAL D 210 26.26 -37.50 17.06
CA VAL D 210 27.24 -38.19 17.89
C VAL D 210 28.55 -38.24 17.11
N VAL D 211 29.63 -37.72 17.68
CA VAL D 211 30.91 -37.74 17.00
C VAL D 211 31.97 -38.40 17.88
N LYS D 212 32.70 -39.34 17.28
CA LYS D 212 33.81 -40.01 17.92
C LYS D 212 35.04 -39.56 17.21
N PHE D 213 36.03 -39.10 17.97
CA PHE D 213 37.18 -38.41 17.39
C PHE D 213 38.40 -38.59 18.29
N ARG D 214 39.59 -38.38 17.71
CA ARG D 214 40.83 -38.44 18.46
C ARG D 214 41.86 -37.51 17.81
N GLU D 215 42.88 -37.18 18.58
CA GLU D 215 43.96 -36.28 18.16
C GLU D 215 44.67 -36.91 16.98
N ARG D 216 44.94 -36.10 15.95
CA ARG D 216 45.53 -36.61 14.71
CA ARG D 216 45.53 -36.61 14.71
C ARG D 216 46.98 -37.06 14.92
N ARG D 217 47.47 -37.89 13.98
CA ARG D 217 48.81 -38.53 14.05
C ARG D 217 49.84 -37.80 13.18
N ASP E 7 27.84 27.55 -7.31
CA ASP E 7 28.29 26.36 -8.10
C ASP E 7 28.53 25.12 -7.21
N LYS E 8 28.83 25.35 -5.93
CA LYS E 8 28.91 24.26 -4.95
C LYS E 8 27.49 23.81 -4.58
N LEU E 9 26.58 24.78 -4.47
CA LEU E 9 25.16 24.51 -4.30
C LEU E 9 24.67 23.56 -5.40
N HIS E 10 24.97 23.91 -6.65
CA HIS E 10 24.49 23.16 -7.80
C HIS E 10 25.13 21.77 -7.89
N SER E 11 26.40 21.68 -7.50
CA SER E 11 27.10 20.38 -7.43
C SER E 11 26.38 19.42 -6.47
N GLN E 12 26.07 19.89 -5.26
CA GLN E 12 25.33 19.11 -4.28
C GLN E 12 23.95 18.74 -4.77
N ALA E 13 23.27 19.70 -5.41
CA ALA E 13 21.93 19.49 -5.93
C ALA E 13 21.94 18.41 -7.01
N ASN E 14 22.97 18.43 -7.86
CA ASN E 14 23.10 17.43 -8.93
C ASN E 14 23.32 16.01 -8.39
N LEU E 15 24.14 15.88 -7.34
CA LEU E 15 24.38 14.58 -6.72
C LEU E 15 23.12 14.05 -6.02
N MET E 16 22.41 14.92 -5.31
CA MET E 16 21.15 14.54 -4.67
C MET E 16 20.15 14.07 -5.73
N ARG E 17 20.10 14.79 -6.85
CA ARG E 17 19.23 14.42 -7.95
C ARG E 17 19.61 13.07 -8.57
N LEU E 18 20.90 12.87 -8.80
CA LEU E 18 21.40 11.58 -9.31
C LEU E 18 20.96 10.43 -8.41
N LYS E 19 21.21 10.56 -7.11
CA LYS E 19 20.91 9.47 -6.17
C LYS E 19 19.41 9.17 -6.09
N SER E 20 18.55 10.18 -6.02
CA SER E 20 17.09 9.91 -6.04
C SER E 20 16.63 9.34 -7.38
N ASP E 21 17.19 9.82 -8.50
CA ASP E 21 16.88 9.22 -9.79
C ASP E 21 17.21 7.71 -9.85
N LEU E 22 18.33 7.30 -9.25
CA LEU E 22 18.78 5.90 -9.31
C LEU E 22 18.17 5.02 -8.21
N PHE E 23 18.02 5.59 -7.01
CA PHE E 23 17.58 4.83 -5.83
C PHE E 23 16.07 4.89 -5.57
N ASN E 24 15.41 5.97 -5.99
CA ASN E 24 13.98 6.15 -5.69
C ASN E 24 13.08 6.03 -6.92
N ARG E 25 13.57 6.45 -8.08
CA ARG E 25 12.76 6.48 -9.30
C ARG E 25 13.07 5.31 -10.23
N SER E 26 13.46 4.18 -9.69
CA SER E 26 13.88 3.07 -10.53
C SER E 26 13.84 1.75 -9.75
N PRO E 27 13.31 0.68 -10.39
CA PRO E 27 13.29 -0.63 -9.71
C PRO E 27 14.70 -1.18 -9.50
N MET E 28 15.20 -1.10 -8.28
CA MET E 28 16.59 -1.44 -8.03
C MET E 28 16.86 -2.94 -8.09
N TYR E 29 18.11 -3.24 -8.42
CA TYR E 29 18.56 -4.60 -8.69
C TYR E 29 18.19 -5.58 -7.58
N PRO E 30 17.40 -6.62 -7.92
CA PRO E 30 17.02 -7.66 -6.96
C PRO E 30 18.00 -8.82 -6.88
N GLY E 31 19.11 -8.76 -7.61
CA GLY E 31 20.05 -9.87 -7.66
C GLY E 31 19.97 -10.65 -8.97
N PRO E 32 20.95 -11.52 -9.22
CA PRO E 32 21.06 -12.22 -10.49
C PRO E 32 20.01 -13.33 -10.69
N THR E 33 19.85 -13.75 -11.93
CA THR E 33 19.01 -14.89 -12.31
C THR E 33 19.75 -15.69 -13.38
N LYS E 34 19.24 -16.87 -13.73
CA LYS E 34 19.91 -17.70 -14.75
C LYS E 34 19.80 -17.06 -16.14
N ASP E 35 18.74 -16.28 -16.37
CA ASP E 35 18.61 -15.53 -17.62
C ASP E 35 19.38 -14.23 -17.63
N ASP E 36 19.82 -13.77 -16.46
CA ASP E 36 20.48 -12.48 -16.29
C ASP E 36 21.62 -12.63 -15.26
N PRO E 37 22.69 -13.32 -15.65
CA PRO E 37 23.80 -13.60 -14.73
C PRO E 37 24.69 -12.38 -14.53
N LEU E 38 25.29 -12.27 -13.36
CA LEU E 38 26.13 -11.13 -13.05
C LEU E 38 27.57 -11.58 -12.93
N THR E 39 28.49 -10.85 -13.57
CA THR E 39 29.90 -11.10 -13.36
C THR E 39 30.35 -10.36 -12.12
N VAL E 40 31.04 -11.08 -11.24
CA VAL E 40 31.65 -10.47 -10.08
C VAL E 40 33.12 -10.80 -10.09
N THR E 41 33.99 -9.78 -10.03
CA THR E 41 35.41 -10.00 -10.04
C THR E 41 35.96 -9.78 -8.64
N LEU E 42 36.77 -10.73 -8.20
CA LEU E 42 37.26 -10.82 -6.82
C LEU E 42 38.77 -10.82 -6.82
N GLY E 43 39.35 -10.09 -5.87
CA GLY E 43 40.81 -10.11 -5.68
C GLY E 43 41.16 -9.79 -4.24
N PHE E 44 42.34 -10.26 -3.82
CA PHE E 44 42.80 -10.08 -2.46
C PHE E 44 44.12 -9.32 -2.38
N THR E 45 44.19 -8.46 -1.38
CA THR E 45 45.38 -7.76 -1.02
C THR E 45 45.67 -8.18 0.42
N LEU E 46 46.70 -8.98 0.62
CA LEU E 46 46.94 -9.58 1.95
C LEU E 46 47.78 -8.59 2.74
N GLN E 47 47.29 -8.20 3.91
CA GLN E 47 47.97 -7.19 4.76
C GLN E 47 48.79 -7.81 5.91
N ASP E 48 48.31 -8.91 6.50
CA ASP E 48 49.00 -9.49 7.64
C ASP E 48 48.52 -10.90 7.88
N ILE E 49 49.45 -11.78 8.25
CA ILE E 49 49.12 -12.99 8.97
C ILE E 49 49.32 -12.65 10.45
N VAL E 50 48.21 -12.52 11.18
CA VAL E 50 48.26 -12.00 12.54
C VAL E 50 48.69 -13.09 13.52
N LYS E 51 48.11 -14.28 13.37
CA LYS E 51 48.20 -15.34 14.35
C LYS E 51 48.09 -16.71 13.68
N ALA E 52 48.93 -17.65 14.08
CA ALA E 52 48.83 -19.05 13.65
C ALA E 52 48.80 -19.96 14.87
N ASP E 53 47.64 -20.52 15.16
CA ASP E 53 47.39 -21.27 16.39
C ASP E 53 47.53 -22.78 16.11
N SER E 54 48.58 -23.40 16.65
CA SER E 54 48.82 -24.83 16.42
C SER E 54 48.05 -25.72 17.40
N SER E 55 47.41 -25.13 18.39
CA SER E 55 46.59 -25.90 19.33
C SER E 55 45.19 -26.17 18.77
N THR E 56 44.74 -25.34 17.82
CA THR E 56 43.44 -25.50 17.19
C THR E 56 43.52 -25.58 15.66
N ASN E 57 44.69 -25.35 15.09
CA ASN E 57 44.85 -25.25 13.63
C ASN E 57 43.87 -24.25 13.00
N GLU E 58 44.01 -23.01 13.47
CA GLU E 58 43.33 -21.86 12.94
C GLU E 58 44.39 -20.81 12.69
N VAL E 59 44.27 -20.15 11.55
CA VAL E 59 45.11 -19.01 11.25
C VAL E 59 44.24 -17.77 11.03
N ASP E 60 44.76 -16.61 11.44
CA ASP E 60 44.05 -15.34 11.32
C ASP E 60 44.76 -14.42 10.32
N LEU E 61 44.04 -14.03 9.27
CA LEU E 61 44.52 -13.15 8.20
C LEU E 61 43.77 -11.81 8.28
N VAL E 62 44.47 -10.75 7.91
CA VAL E 62 43.88 -9.45 7.62
C VAL E 62 44.17 -9.14 6.15
N TYR E 63 43.13 -8.76 5.41
CA TYR E 63 43.24 -8.50 3.97
C TYR E 63 42.14 -7.53 3.54
N TYR E 64 42.34 -6.97 2.36
CA TYR E 64 41.33 -6.20 1.68
C TYR E 64 40.79 -7.13 0.60
N GLU E 65 39.49 -7.23 0.55
CA GLU E 65 38.82 -8.07 -0.44
C GLU E 65 38.12 -7.19 -1.45
N GLN E 66 38.67 -7.09 -2.66
CA GLN E 66 38.10 -6.24 -3.69
C GLN E 66 37.02 -6.97 -4.51
N GLN E 67 35.84 -6.37 -4.59
CA GLN E 67 34.71 -6.95 -5.32
C GLN E 67 34.25 -5.92 -6.33
N ARG E 68 33.99 -6.34 -7.56
CA ARG E 68 33.53 -5.41 -8.58
C ARG E 68 32.45 -6.07 -9.42
N TRP E 69 31.37 -5.36 -9.67
CA TRP E 69 30.32 -5.84 -10.58
C TRP E 69 29.72 -4.63 -11.27
N LYS E 70 28.92 -4.85 -12.30
CA LYS E 70 28.41 -3.75 -13.06
C LYS E 70 26.95 -3.98 -13.39
N LEU E 71 26.14 -2.93 -13.21
CA LEU E 71 24.69 -2.98 -13.42
C LEU E 71 24.23 -1.86 -14.36
N ASN E 72 23.34 -2.20 -15.31
CA ASN E 72 22.73 -1.19 -16.18
C ASN E 72 21.87 -0.17 -15.40
N SER E 73 21.22 -0.65 -14.34
CA SER E 73 20.43 0.20 -13.47
C SER E 73 21.22 1.28 -12.72
N LEU E 74 22.55 1.17 -12.68
CA LEU E 74 23.38 2.19 -12.02
C LEU E 74 24.16 3.04 -13.04
N MET E 75 23.76 2.98 -14.31
CA MET E 75 24.40 3.79 -15.34
C MET E 75 23.78 5.17 -15.44
N TRP E 76 24.59 6.18 -15.74
CA TRP E 76 24.07 7.49 -16.07
C TRP E 76 24.99 8.25 -17.01
N ASP E 77 24.43 9.31 -17.59
CA ASP E 77 25.17 10.24 -18.42
C ASP E 77 25.64 11.41 -17.54
N PRO E 78 26.96 11.56 -17.35
CA PRO E 78 27.43 12.70 -16.54
C PRO E 78 26.96 14.10 -17.01
N ASN E 79 26.61 14.24 -18.29
CA ASN E 79 26.07 15.48 -18.84
C ASN E 79 24.74 15.91 -18.21
N GLU E 80 23.88 14.94 -17.96
CA GLU E 80 22.60 15.21 -17.31
C GLU E 80 22.73 15.57 -15.83
N TYR E 81 23.92 15.37 -15.25
CA TYR E 81 24.16 15.55 -13.80
C TYR E 81 25.43 16.32 -13.51
N GLY E 82 25.59 17.47 -14.15
CA GLY E 82 26.69 18.38 -13.88
C GLY E 82 28.07 17.76 -13.92
N ASN E 83 28.27 16.80 -14.81
CA ASN E 83 29.55 16.13 -14.98
C ASN E 83 29.96 15.26 -13.77
N ILE E 84 28.99 14.84 -12.95
CA ILE E 84 29.25 13.85 -11.91
C ILE E 84 29.52 12.50 -12.57
N THR E 85 30.69 11.93 -12.27
CA THR E 85 31.12 10.65 -12.85
C THR E 85 31.15 9.48 -11.86
N ASP E 86 31.00 9.76 -10.57
CA ASP E 86 30.96 8.73 -9.52
C ASP E 86 30.33 9.28 -8.25
N PHE E 87 29.85 8.38 -7.40
CA PHE E 87 29.41 8.72 -6.05
C PHE E 87 29.67 7.58 -5.06
N ARG E 88 29.38 7.83 -3.80
CA ARG E 88 29.48 6.81 -2.78
C ARG E 88 28.11 6.47 -2.20
N THR E 89 27.94 5.20 -1.88
CA THR E 89 26.74 4.74 -1.20
C THR E 89 27.09 3.72 -0.15
N SER E 90 26.31 3.72 0.92
CA SER E 90 26.38 2.68 1.93
C SER E 90 26.12 1.34 1.27
N ALA E 91 26.97 0.37 1.57
CA ALA E 91 26.83 -1.01 1.09
C ALA E 91 25.49 -1.65 1.49
N ALA E 92 24.91 -1.23 2.61
CA ALA E 92 23.58 -1.70 3.01
C ALA E 92 22.44 -1.21 2.08
N ASP E 93 22.67 -0.12 1.35
CA ASP E 93 21.65 0.49 0.49
C ASP E 93 21.63 -0.04 -0.94
N ILE E 94 22.54 -0.97 -1.29
CA ILE E 94 22.55 -1.59 -2.61
C ILE E 94 22.65 -3.09 -2.42
N TRP E 95 22.35 -3.85 -3.47
CA TRP E 95 22.60 -5.28 -3.49
C TRP E 95 24.11 -5.54 -3.54
N THR E 96 24.57 -6.48 -2.74
CA THR E 96 25.96 -6.91 -2.75
C THR E 96 26.02 -8.42 -2.85
N PRO E 97 27.07 -8.95 -3.50
CA PRO E 97 27.15 -10.40 -3.66
C PRO E 97 27.51 -11.13 -2.35
N ASP E 98 27.06 -12.37 -2.24
CA ASP E 98 27.15 -13.16 -1.01
C ASP E 98 28.45 -13.97 -0.99
N ILE E 99 29.56 -13.29 -1.24
CA ILE E 99 30.84 -13.98 -1.35
C ILE E 99 31.23 -14.33 0.07
N THR E 100 31.51 -15.61 0.30
CA THR E 100 31.78 -16.13 1.61
C THR E 100 33.02 -17.00 1.61
N ALA E 101 33.80 -16.97 2.68
CA ALA E 101 34.86 -17.98 2.86
C ALA E 101 34.19 -19.29 3.19
N TYR E 102 34.66 -20.39 2.61
CA TYR E 102 34.04 -21.69 2.83
C TYR E 102 34.52 -22.48 4.06
N SER E 103 35.66 -22.10 4.65
CA SER E 103 36.24 -22.80 5.80
C SER E 103 36.70 -21.83 6.88
N SER E 104 35.94 -20.74 7.07
CA SER E 104 36.15 -19.87 8.20
C SER E 104 35.76 -20.68 9.45
N THR E 105 36.37 -20.31 10.56
CA THR E 105 36.06 -20.91 11.87
C THR E 105 35.43 -19.92 12.85
N ARG E 106 35.38 -18.64 12.47
CA ARG E 106 34.71 -17.57 13.24
CA ARG E 106 34.71 -17.58 13.23
C ARG E 106 34.06 -16.60 12.26
N PRO E 107 33.01 -15.88 12.69
CA PRO E 107 32.45 -14.89 11.77
C PRO E 107 33.50 -13.84 11.39
N VAL E 108 33.55 -13.45 10.12
CA VAL E 108 34.52 -12.48 9.66
C VAL E 108 34.25 -11.14 10.35
N GLN E 109 35.32 -10.43 10.67
CA GLN E 109 35.24 -9.11 11.31
C GLN E 109 35.60 -8.03 10.31
N VAL E 110 34.70 -7.08 10.08
CA VAL E 110 34.92 -6.06 9.06
C VAL E 110 35.62 -4.86 9.69
N LEU E 111 36.66 -4.38 9.02
CA LEU E 111 37.56 -3.34 9.59
C LEU E 111 37.39 -1.96 8.94
N SER E 112 36.63 -1.89 7.86
CA SER E 112 36.51 -0.67 7.10
C SER E 112 35.05 -0.27 7.02
N PRO E 113 34.79 1.02 6.74
CA PRO E 113 33.44 1.54 6.56
C PRO E 113 32.78 0.83 5.41
N GLN E 114 31.54 0.41 5.59
CA GLN E 114 30.86 -0.36 4.56
C GLN E 114 30.21 0.56 3.51
N ILE E 115 31.08 1.07 2.63
CA ILE E 115 30.73 2.05 1.60
C ILE E 115 31.30 1.56 0.28
N ALA E 116 30.51 1.67 -0.77
CA ALA E 116 30.89 1.30 -2.13
C ALA E 116 30.99 2.53 -3.03
N VAL E 117 31.75 2.37 -4.10
CA VAL E 117 31.98 3.40 -5.09
C VAL E 117 31.23 2.99 -6.36
N VAL E 118 30.36 3.87 -6.82
CA VAL E 118 29.55 3.61 -8.02
C VAL E 118 30.02 4.60 -9.09
N THR E 119 30.42 4.10 -10.26
CA THR E 119 30.83 4.97 -11.37
C THR E 119 29.74 5.02 -12.46
N HIS E 120 29.80 6.04 -13.32
CA HIS E 120 28.69 6.32 -14.27
C HIS E 120 28.44 5.21 -15.28
N ASP E 121 29.45 4.36 -15.50
CA ASP E 121 29.32 3.20 -16.36
C ASP E 121 28.57 2.04 -15.71
N GLY E 122 28.05 2.27 -14.51
CA GLY E 122 27.31 1.25 -13.77
C GLY E 122 28.17 0.33 -12.93
N SER E 123 29.48 0.55 -12.86
CA SER E 123 30.34 -0.35 -12.10
CA SER E 123 30.35 -0.34 -12.10
C SER E 123 30.30 0.02 -10.61
N VAL E 124 30.32 -1.02 -9.78
CA VAL E 124 30.34 -0.88 -8.34
C VAL E 124 31.61 -1.53 -7.85
N MET E 125 32.33 -0.79 -7.03
CA MET E 125 33.56 -1.30 -6.41
C MET E 125 33.35 -1.25 -4.90
N PHE E 126 33.55 -2.40 -4.26
CA PHE E 126 33.35 -2.56 -2.82
C PHE E 126 34.57 -3.31 -2.28
N ILE E 127 35.30 -2.70 -1.35
CA ILE E 127 36.56 -3.27 -0.83
C ILE E 127 36.58 -3.37 0.71
N PRO E 128 35.87 -4.37 1.28
CA PRO E 128 35.93 -4.50 2.71
C PRO E 128 37.29 -5.06 3.21
N ALA E 129 37.87 -4.40 4.20
CA ALA E 129 39.02 -4.90 4.92
C ALA E 129 38.45 -5.81 5.99
N GLN E 130 39.01 -7.01 6.12
CA GLN E 130 38.45 -8.05 6.98
C GLN E 130 39.53 -8.77 7.76
N ARG E 131 39.21 -9.18 8.98
CA ARG E 131 40.00 -10.16 9.71
C ARG E 131 39.29 -11.50 9.66
N LEU E 132 39.99 -12.54 9.20
CA LEU E 132 39.41 -13.89 9.05
C LEU E 132 40.19 -14.93 9.82
N SER E 133 39.50 -15.77 10.61
CA SER E 133 40.09 -16.98 11.20
C SER E 133 39.61 -18.14 10.33
N PHE E 134 40.55 -18.97 9.88
CA PHE E 134 40.17 -20.10 9.03
C PHE E 134 41.01 -21.33 9.33
N MET E 135 40.57 -22.46 8.78
CA MET E 135 41.15 -23.74 9.12
C MET E 135 42.51 -23.88 8.45
N CYS E 136 43.55 -24.03 9.25
CA CYS E 136 44.89 -24.09 8.72
C CYS E 136 45.82 -24.75 9.73
N ASP E 137 46.52 -25.77 9.28
CA ASP E 137 47.58 -26.43 10.04
C ASP E 137 48.90 -25.70 9.80
N PRO E 138 49.45 -25.03 10.82
CA PRO E 138 50.66 -24.25 10.65
C PRO E 138 51.97 -25.04 10.75
N THR E 139 51.90 -26.38 10.79
CA THR E 139 53.09 -27.23 10.82
C THR E 139 54.04 -26.82 9.70
N GLY E 140 55.30 -26.63 10.06
CA GLY E 140 56.32 -26.23 9.10
C GLY E 140 56.62 -24.75 9.14
N VAL E 141 55.81 -23.98 9.88
CA VAL E 141 55.95 -22.52 9.90
C VAL E 141 57.29 -22.08 10.47
N ASP E 142 57.83 -22.87 11.40
CA ASP E 142 59.14 -22.60 11.98
C ASP E 142 60.27 -23.26 11.19
N SER E 143 60.08 -23.45 9.88
CA SER E 143 61.15 -23.96 9.03
C SER E 143 61.26 -23.10 7.80
N GLU E 144 62.33 -23.32 7.05
CA GLU E 144 62.59 -22.51 5.88
C GLU E 144 61.54 -22.69 4.80
N GLU E 145 61.02 -23.90 4.65
CA GLU E 145 60.00 -24.16 3.62
C GLU E 145 58.64 -23.56 3.98
N GLY E 146 58.38 -23.37 5.28
CA GLY E 146 57.13 -22.72 5.73
C GLY E 146 55.92 -23.65 5.83
N ALA E 147 54.77 -23.08 6.19
CA ALA E 147 53.51 -23.80 6.17
C ALA E 147 52.71 -23.38 4.95
N THR E 148 51.72 -24.16 4.58
CA THR E 148 50.87 -23.83 3.45
C THR E 148 49.46 -24.00 3.88
N CYS E 149 48.62 -23.00 3.62
CA CYS E 149 47.20 -23.13 3.88
CA CYS E 149 47.19 -23.17 3.84
C CYS E 149 46.37 -22.55 2.75
N ALA E 150 45.10 -22.92 2.74
CA ALA E 150 44.23 -22.57 1.65
C ALA E 150 42.81 -22.38 2.19
N VAL E 151 42.08 -21.49 1.55
CA VAL E 151 40.72 -21.20 1.88
C VAL E 151 40.04 -20.74 0.60
N LYS E 152 38.84 -21.27 0.38
CA LYS E 152 38.03 -20.99 -0.82
C LYS E 152 37.00 -19.94 -0.52
N PHE E 153 36.81 -19.01 -1.46
CA PHE E 153 35.77 -18.01 -1.41
C PHE E 153 34.85 -18.17 -2.61
N GLY E 154 33.56 -18.03 -2.38
CA GLY E 154 32.58 -18.05 -3.47
C GLY E 154 31.21 -17.70 -2.99
N SER E 155 30.27 -17.58 -3.92
CA SER E 155 28.88 -17.35 -3.56
C SER E 155 28.40 -18.52 -2.71
N TRP E 156 27.60 -18.25 -1.69
CA TRP E 156 27.02 -19.31 -0.92
C TRP E 156 25.81 -19.93 -1.65
N VAL E 157 24.99 -19.11 -2.31
CA VAL E 157 23.71 -19.60 -2.86
C VAL E 157 23.51 -19.47 -4.38
N TYR E 158 24.49 -18.92 -5.10
CA TYR E 158 24.39 -18.77 -6.54
C TYR E 158 25.44 -19.58 -7.26
N SER E 159 25.04 -20.27 -8.33
CA SER E 159 25.95 -21.02 -9.17
C SER E 159 26.65 -20.11 -10.14
N GLY E 160 27.58 -20.67 -10.89
CA GLY E 160 28.30 -19.95 -11.95
C GLY E 160 27.41 -19.52 -13.11
N PHE E 161 26.20 -20.05 -13.19
CA PHE E 161 25.22 -19.56 -14.15
C PHE E 161 24.46 -18.34 -13.63
N GLU E 162 24.68 -17.97 -12.37
CA GLU E 162 23.98 -16.84 -11.76
C GLU E 162 24.98 -15.75 -11.35
N ILE E 163 26.00 -16.12 -10.56
CA ILE E 163 27.13 -15.22 -10.35
C ILE E 163 28.34 -15.81 -11.04
N ASP E 164 28.80 -15.13 -12.08
CA ASP E 164 29.99 -15.54 -12.85
C ASP E 164 31.20 -14.94 -12.15
N LEU E 165 31.80 -15.72 -11.26
CA LEU E 165 32.87 -15.22 -10.41
C LEU E 165 34.18 -15.34 -11.18
N LYS E 166 34.91 -14.23 -11.25
CA LYS E 166 36.15 -14.13 -12.03
C LYS E 166 37.25 -13.49 -11.19
N THR E 167 38.49 -13.57 -11.67
CA THR E 167 39.63 -12.85 -11.10
C THR E 167 40.30 -12.09 -12.23
N ASP E 168 41.04 -11.03 -11.88
CA ASP E 168 41.86 -10.29 -12.85
C ASP E 168 43.29 -10.86 -12.91
N THR E 169 43.68 -11.61 -11.88
CA THR E 169 45.01 -12.16 -11.76
C THR E 169 45.00 -13.25 -10.72
N ASP E 170 45.94 -14.18 -10.85
CA ASP E 170 46.12 -15.24 -9.87
C ASP E 170 47.16 -14.91 -8.82
N GLN E 171 47.74 -13.71 -8.89
CA GLN E 171 48.68 -13.27 -7.87
C GLN E 171 47.96 -12.40 -6.84
N VAL E 172 48.01 -12.81 -5.58
CA VAL E 172 47.49 -11.98 -4.50
C VAL E 172 48.41 -10.79 -4.38
N ASP E 173 47.85 -9.60 -4.20
CA ASP E 173 48.65 -8.39 -4.06
C ASP E 173 49.31 -8.36 -2.66
N LEU E 174 50.64 -8.36 -2.66
CA LEU E 174 51.45 -8.37 -1.43
C LEU E 174 52.12 -7.02 -1.17
N SER E 175 51.80 -6.01 -1.98
CA SER E 175 52.48 -4.71 -1.84
C SER E 175 52.03 -3.92 -0.61
N SER E 176 50.95 -4.33 0.06
CA SER E 176 50.55 -3.72 1.32
C SER E 176 50.87 -4.62 2.54
N TYR E 177 51.64 -5.69 2.35
CA TYR E 177 51.86 -6.69 3.43
C TYR E 177 52.76 -6.10 4.48
N TYR E 178 52.41 -6.31 5.74
CA TYR E 178 53.12 -5.70 6.86
C TYR E 178 54.54 -6.26 7.03
N ALA E 179 55.52 -5.36 6.89
CA ALA E 179 56.93 -5.73 6.82
C ALA E 179 57.44 -6.31 8.13
N SER E 180 56.80 -5.97 9.24
CA SER E 180 57.21 -6.50 10.54
C SER E 180 56.21 -7.47 11.15
N SER E 181 55.37 -8.11 10.32
CA SER E 181 54.57 -9.27 10.77
C SER E 181 55.46 -10.33 11.43
N LYS E 182 54.86 -11.13 12.32
CA LYS E 182 55.51 -12.32 12.81
C LYS E 182 55.80 -13.30 11.66
N TYR E 183 55.07 -13.18 10.56
CA TYR E 183 55.17 -14.16 9.47
C TYR E 183 55.50 -13.50 8.14
N GLU E 184 56.48 -14.05 7.45
CA GLU E 184 56.77 -13.57 6.11
CA GLU E 184 56.88 -13.66 6.10
C GLU E 184 56.08 -14.48 5.10
N ILE E 185 55.67 -13.87 3.98
CA ILE E 185 54.96 -14.57 2.92
C ILE E 185 55.95 -15.08 1.89
N LEU E 186 55.90 -16.38 1.62
CA LEU E 186 56.73 -16.99 0.60
C LEU E 186 56.00 -16.94 -0.75
N SER E 187 54.69 -17.13 -0.71
CA SER E 187 53.83 -16.88 -1.88
C SER E 187 52.36 -16.80 -1.50
N ALA E 188 51.58 -16.22 -2.40
CA ALA E 188 50.16 -16.08 -2.17
C ALA E 188 49.51 -16.03 -3.53
N THR E 189 48.66 -17.00 -3.81
CA THR E 189 47.95 -17.08 -5.08
C THR E 189 46.44 -17.16 -4.88
N GLN E 190 45.71 -16.74 -5.92
CA GLN E 190 44.26 -16.74 -5.91
C GLN E 190 43.75 -17.36 -7.22
N THR E 191 43.44 -18.65 -7.16
CA THR E 191 43.11 -19.41 -8.38
C THR E 191 41.63 -19.68 -8.48
N ARG E 192 41.08 -19.30 -9.62
CA ARG E 192 39.67 -19.53 -9.92
C ARG E 192 39.52 -21.02 -10.21
N GLN E 193 38.59 -21.69 -9.53
CA GLN E 193 38.24 -23.09 -9.79
C GLN E 193 36.80 -23.18 -10.27
N VAL E 194 36.60 -23.72 -11.47
CA VAL E 194 35.28 -23.93 -12.04
C VAL E 194 35.02 -25.44 -11.98
N GLN E 195 34.03 -25.88 -11.22
CA GLN E 195 33.80 -27.31 -11.00
C GLN E 195 32.45 -27.75 -11.48
N HIS E 196 32.35 -28.99 -11.94
CA HIS E 196 31.09 -29.60 -12.23
C HIS E 196 31.04 -30.86 -11.38
N TYR E 197 30.04 -30.93 -10.50
CA TYR E 197 29.84 -32.10 -9.65
C TYR E 197 28.88 -33.04 -10.37
N SER E 198 28.98 -34.34 -10.09
CA SER E 198 28.18 -35.34 -10.79
C SER E 198 26.67 -35.08 -10.68
N CYS E 199 26.21 -34.48 -9.57
CA CYS E 199 24.78 -34.21 -9.35
C CYS E 199 24.09 -33.28 -10.36
N CYS E 200 24.84 -32.38 -10.98
CA CYS E 200 24.24 -31.16 -11.52
C CYS E 200 24.99 -30.65 -12.73
N PRO E 201 24.28 -30.06 -13.70
CA PRO E 201 24.91 -29.51 -14.91
C PRO E 201 25.57 -28.12 -14.79
N GLU E 202 25.13 -27.30 -13.84
CA GLU E 202 25.65 -25.93 -13.65
C GLU E 202 27.09 -26.00 -13.17
N PRO E 203 27.93 -25.06 -13.61
CA PRO E 203 29.23 -24.90 -12.98
C PRO E 203 29.13 -24.23 -11.59
N TYR E 204 30.00 -24.62 -10.68
CA TYR E 204 30.22 -23.93 -9.42
C TYR E 204 31.64 -23.37 -9.39
N ILE E 205 31.74 -22.11 -8.99
CA ILE E 205 33.00 -21.37 -9.05
C ILE E 205 33.43 -20.92 -7.68
N ASP E 206 34.72 -21.09 -7.40
CA ASP E 206 35.31 -20.47 -6.22
C ASP E 206 36.69 -19.88 -6.55
N VAL E 207 37.16 -19.01 -5.66
CA VAL E 207 38.54 -18.54 -5.69
C VAL E 207 39.31 -19.12 -4.52
N ASN E 208 40.32 -19.91 -4.85
CA ASN E 208 41.15 -20.58 -3.87
C ASN E 208 42.38 -19.76 -3.53
N LEU E 209 42.34 -19.19 -2.32
CA LEU E 209 43.43 -18.41 -1.78
C LEU E 209 44.39 -19.34 -1.07
N VAL E 210 45.62 -19.44 -1.57
CA VAL E 210 46.64 -20.32 -1.02
C VAL E 210 47.85 -19.50 -0.58
N VAL E 211 48.17 -19.58 0.70
CA VAL E 211 49.25 -18.79 1.29
C VAL E 211 50.32 -19.69 1.88
N LYS E 212 51.53 -19.48 1.43
CA LYS E 212 52.72 -20.16 1.94
C LYS E 212 53.53 -19.16 2.72
N PHE E 213 53.82 -19.48 3.97
CA PHE E 213 54.36 -18.49 4.91
C PHE E 213 55.22 -19.16 5.95
N ARG E 214 56.04 -18.37 6.62
CA ARG E 214 56.88 -18.90 7.67
C ARG E 214 57.18 -17.82 8.69
N GLU E 215 57.70 -18.24 9.86
CA GLU E 215 58.05 -17.31 10.91
C GLU E 215 59.18 -16.40 10.46
N ARG E 216 58.98 -15.09 10.61
CA ARG E 216 60.02 -14.13 10.26
CA ARG E 216 60.01 -14.11 10.28
C ARG E 216 61.16 -14.22 11.26
N ASP F 5 -43.82 43.86 -6.48
CA ASP F 5 -44.92 42.88 -6.20
C ASP F 5 -45.63 42.54 -7.51
N ASP F 6 -46.23 43.54 -8.14
CA ASP F 6 -46.56 43.49 -9.57
C ASP F 6 -45.30 43.80 -10.35
N ASP F 7 -44.44 44.62 -9.76
CA ASP F 7 -43.07 44.82 -10.23
C ASP F 7 -42.26 43.52 -10.29
N LYS F 8 -42.81 42.44 -9.72
CA LYS F 8 -42.22 41.12 -9.83
C LYS F 8 -42.93 40.26 -10.89
N LEU F 9 -44.25 40.38 -11.00
CA LEU F 9 -44.98 39.78 -12.14
C LEU F 9 -44.53 40.41 -13.45
N HIS F 10 -44.29 41.73 -13.45
CA HIS F 10 -43.80 42.44 -14.63
C HIS F 10 -42.41 42.00 -15.06
N SER F 11 -41.49 41.84 -14.11
CA SER F 11 -40.12 41.41 -14.40
C SER F 11 -40.10 40.01 -15.01
N GLN F 12 -40.87 39.09 -14.42
CA GLN F 12 -41.03 37.74 -14.97
C GLN F 12 -41.67 37.79 -16.35
N ALA F 13 -42.72 38.60 -16.49
CA ALA F 13 -43.43 38.80 -17.75
C ALA F 13 -42.52 39.35 -18.84
N ASN F 14 -41.71 40.34 -18.49
CA ASN F 14 -40.75 40.91 -19.41
C ASN F 14 -39.72 39.86 -19.88
N LEU F 15 -39.23 39.05 -18.94
CA LEU F 15 -38.26 37.98 -19.26
C LEU F 15 -38.85 36.91 -20.19
N MET F 16 -40.05 36.43 -19.87
CA MET F 16 -40.70 35.44 -20.73
CA MET F 16 -40.74 35.46 -20.71
C MET F 16 -40.98 36.03 -22.11
N ARG F 17 -41.27 37.32 -22.19
CA ARG F 17 -41.49 38.00 -23.46
C ARG F 17 -40.17 38.12 -24.24
N LEU F 18 -39.10 38.47 -23.54
CA LEU F 18 -37.78 38.52 -24.16
C LEU F 18 -37.43 37.17 -24.78
N LYS F 19 -37.54 36.11 -23.99
CA LYS F 19 -37.19 34.78 -24.46
C LYS F 19 -38.13 34.33 -25.60
N SER F 20 -39.41 34.66 -25.49
CA SER F 20 -40.36 34.43 -26.56
C SER F 20 -39.91 35.14 -27.85
N ASP F 21 -39.57 36.43 -27.74
CA ASP F 21 -39.17 37.18 -28.93
C ASP F 21 -37.89 36.64 -29.58
N LEU F 22 -36.91 36.26 -28.77
CA LEU F 22 -35.65 35.70 -29.30
C LEU F 22 -35.80 34.26 -29.80
N PHE F 23 -36.51 33.42 -29.04
CA PHE F 23 -36.52 31.97 -29.30
C PHE F 23 -37.70 31.43 -30.11
N ASN F 24 -38.81 32.16 -30.16
CA ASN F 24 -40.01 31.67 -30.84
C ASN F 24 -40.49 32.54 -31.99
N ARG F 25 -39.98 33.75 -32.10
CA ARG F 25 -40.52 34.72 -33.05
C ARG F 25 -39.45 35.37 -33.93
N SER F 26 -38.33 34.68 -34.07
CA SER F 26 -37.32 35.04 -35.05
C SER F 26 -36.45 33.80 -35.23
N PRO F 27 -35.80 33.68 -36.39
CA PRO F 27 -35.06 32.43 -36.64
C PRO F 27 -33.88 32.19 -35.67
N MET F 28 -33.74 30.95 -35.19
CA MET F 28 -32.60 30.59 -34.33
C MET F 28 -31.34 30.39 -35.18
N TYR F 29 -30.20 30.69 -34.58
CA TYR F 29 -28.89 30.49 -35.21
C TYR F 29 -28.64 29.02 -35.60
N PRO F 30 -28.41 28.76 -36.91
CA PRO F 30 -28.16 27.41 -37.41
C PRO F 30 -26.69 26.97 -37.39
N GLY F 31 -25.81 27.80 -36.83
CA GLY F 31 -24.39 27.50 -36.85
C GLY F 31 -23.66 28.39 -37.82
N PRO F 32 -22.34 28.42 -37.72
CA PRO F 32 -21.56 29.30 -38.58
C PRO F 32 -21.41 28.76 -39.99
N THR F 33 -21.13 29.67 -40.93
CA THR F 33 -20.86 29.31 -42.33
C THR F 33 -19.63 30.06 -42.82
N LYS F 34 -19.17 29.74 -44.02
CA LYS F 34 -18.00 30.41 -44.57
C LYS F 34 -18.27 31.92 -44.81
N ASP F 35 -19.52 32.26 -45.15
CA ASP F 35 -19.92 33.66 -45.36
C ASP F 35 -20.26 34.38 -44.07
N ASP F 36 -20.42 33.62 -42.99
CA ASP F 36 -20.74 34.19 -41.70
C ASP F 36 -20.04 33.38 -40.60
N PRO F 37 -18.70 33.52 -40.50
CA PRO F 37 -17.93 32.78 -39.50
C PRO F 37 -18.15 33.30 -38.09
N LEU F 38 -17.77 32.50 -37.09
CA LEU F 38 -18.01 32.82 -35.70
C LEU F 38 -16.69 32.74 -34.93
N THR F 39 -16.36 33.79 -34.18
CA THR F 39 -15.24 33.74 -33.27
C THR F 39 -15.71 33.07 -31.98
N VAL F 40 -14.93 32.11 -31.49
CA VAL F 40 -15.17 31.48 -30.20
C VAL F 40 -13.89 31.64 -29.42
N THR F 41 -13.98 32.23 -28.23
CA THR F 41 -12.83 32.42 -27.39
C THR F 41 -12.88 31.39 -26.28
N LEU F 42 -11.74 30.70 -26.10
CA LEU F 42 -11.64 29.56 -25.22
C LEU F 42 -10.57 29.81 -24.19
N GLY F 43 -10.83 29.41 -22.95
CA GLY F 43 -9.87 29.56 -21.87
C GLY F 43 -10.09 28.51 -20.79
N PHE F 44 -9.00 28.05 -20.19
CA PHE F 44 -9.05 27.01 -19.17
C PHE F 44 -8.71 27.53 -17.78
N THR F 45 -9.39 26.98 -16.79
CA THR F 45 -9.08 27.19 -15.39
C THR F 45 -8.84 25.82 -14.85
N LEU F 46 -7.60 25.49 -14.52
CA LEU F 46 -7.29 24.13 -14.14
C LEU F 46 -7.47 23.99 -12.64
N GLN F 47 -8.34 23.06 -12.24
CA GLN F 47 -8.68 22.86 -10.83
C GLN F 47 -7.86 21.79 -10.12
N ASP F 48 -7.56 20.69 -10.83
CA ASP F 48 -6.84 19.58 -10.21
C ASP F 48 -6.31 18.61 -11.28
N ILE F 49 -5.13 18.04 -11.02
CA ILE F 49 -4.72 16.82 -11.66
C ILE F 49 -5.05 15.70 -10.67
N VAL F 50 -6.05 14.89 -11.01
CA VAL F 50 -6.59 13.90 -10.08
C VAL F 50 -5.72 12.66 -10.07
N LYS F 51 -5.35 12.18 -11.25
CA LYS F 51 -4.72 10.88 -11.42
C LYS F 51 -3.76 10.88 -12.61
N ALA F 52 -2.60 10.27 -12.44
CA ALA F 52 -1.65 10.02 -13.52
C ALA F 52 -1.33 8.53 -13.52
N ASP F 53 -1.80 7.82 -14.54
CA ASP F 53 -1.70 6.37 -14.59
C ASP F 53 -0.57 5.94 -15.54
N SER F 54 0.54 5.47 -14.98
CA SER F 54 1.70 5.07 -15.79
C SER F 54 1.59 3.67 -16.40
N SER F 55 0.61 2.88 -15.99
CA SER F 55 0.39 1.58 -16.67
C SER F 55 -0.36 1.72 -18.01
N THR F 56 -1.14 2.79 -18.17
CA THR F 56 -1.90 3.04 -19.41
C THR F 56 -1.52 4.35 -20.11
N ASN F 57 -0.63 5.14 -19.50
CA ASN F 57 -0.30 6.48 -19.96
C ASN F 57 -1.56 7.31 -20.21
N GLU F 58 -2.34 7.46 -19.16
CA GLU F 58 -3.52 8.33 -19.13
C GLU F 58 -3.42 9.26 -17.92
N VAL F 59 -3.81 10.52 -18.10
CA VAL F 59 -3.89 11.46 -16.97
C VAL F 59 -5.30 12.05 -16.91
N ASP F 60 -5.78 12.30 -15.70
CA ASP F 60 -7.14 12.83 -15.48
C ASP F 60 -7.05 14.22 -14.87
N LEU F 61 -7.65 15.19 -15.55
CA LEU F 61 -7.72 16.57 -15.12
C LEU F 61 -9.16 16.94 -14.87
N VAL F 62 -9.32 17.92 -13.98
CA VAL F 62 -10.58 18.61 -13.74
C VAL F 62 -10.33 20.13 -13.96
N TYR F 63 -11.18 20.76 -14.78
CA TYR F 63 -10.99 22.14 -15.19
C TYR F 63 -12.34 22.75 -15.50
N TYR F 64 -12.37 24.07 -15.48
CA TYR F 64 -13.47 24.83 -16.05
C TYR F 64 -13.06 25.28 -17.45
N GLU F 65 -13.90 24.99 -18.44
CA GLU F 65 -13.65 25.40 -19.83
C GLU F 65 -14.55 26.57 -20.18
N GLN F 66 -13.99 27.79 -20.21
CA GLN F 66 -14.76 28.97 -20.54
C GLN F 66 -14.85 29.12 -22.05
N GLN F 67 -16.08 29.22 -22.55
CA GLN F 67 -16.35 29.43 -23.98
C GLN F 67 -17.19 30.70 -24.13
N ARG F 68 -16.82 31.57 -25.06
CA ARG F 68 -17.57 32.78 -25.32
CA ARG F 68 -17.58 32.78 -25.33
C ARG F 68 -17.75 33.01 -26.81
N TRP F 69 -18.93 33.41 -27.23
CA TRP F 69 -19.18 33.82 -28.60
C TRP F 69 -20.28 34.87 -28.59
N LYS F 70 -20.53 35.48 -29.74
CA LYS F 70 -21.47 36.59 -29.83
C LYS F 70 -22.26 36.45 -31.10
N LEU F 71 -23.59 36.61 -31.00
CA LEU F 71 -24.50 36.45 -32.14
C LEU F 71 -25.43 37.65 -32.25
N ASN F 72 -25.60 38.16 -33.45
CA ASN F 72 -26.53 39.26 -33.70
C ASN F 72 -27.96 38.88 -33.35
N SER F 73 -28.33 37.63 -33.61
CA SER F 73 -29.67 37.14 -33.29
C SER F 73 -30.01 37.03 -31.78
N LEU F 74 -29.01 37.21 -30.91
CA LEU F 74 -29.24 37.20 -29.45
C LEU F 74 -29.16 38.61 -28.83
N MET F 75 -29.10 39.64 -29.68
CA MET F 75 -29.05 41.04 -29.23
C MET F 75 -30.44 41.60 -28.95
N TRP F 76 -30.54 42.46 -27.94
CA TRP F 76 -31.77 43.20 -27.64
C TRP F 76 -31.47 44.50 -26.89
N ASP F 77 -32.46 45.39 -26.88
CA ASP F 77 -32.38 46.62 -26.11
C ASP F 77 -33.03 46.40 -24.75
N PRO F 78 -32.25 46.50 -23.66
CA PRO F 78 -32.80 46.33 -22.31
C PRO F 78 -34.00 47.25 -21.99
N ASN F 79 -34.07 48.41 -22.65
CA ASN F 79 -35.18 49.34 -22.50
C ASN F 79 -36.51 48.79 -22.99
N GLU F 80 -36.49 48.01 -24.06
CA GLU F 80 -37.70 47.34 -24.56
C GLU F 80 -38.14 46.15 -23.68
N TYR F 81 -37.36 45.79 -22.66
CA TYR F 81 -37.67 44.60 -21.84
C TYR F 81 -37.40 44.82 -20.36
N GLY F 82 -37.87 45.94 -19.83
CA GLY F 82 -37.78 46.22 -18.40
C GLY F 82 -36.37 46.25 -17.84
N ASN F 83 -35.42 46.74 -18.62
CA ASN F 83 -34.02 46.81 -18.25
C ASN F 83 -33.36 45.46 -17.94
N ILE F 84 -33.89 44.38 -18.53
CA ILE F 84 -33.21 43.09 -18.45
C ILE F 84 -31.96 43.18 -19.32
N THR F 85 -30.81 42.95 -18.70
CA THR F 85 -29.52 43.02 -19.37
C THR F 85 -28.93 41.65 -19.68
N ASP F 86 -29.45 40.61 -19.04
CA ASP F 86 -28.99 39.24 -19.30
C ASP F 86 -30.01 38.21 -18.83
N PHE F 87 -29.86 36.99 -19.34
CA PHE F 87 -30.68 35.86 -18.90
C PHE F 87 -29.91 34.53 -18.99
N ARG F 88 -30.53 33.46 -18.52
CA ARG F 88 -29.94 32.12 -18.55
C ARG F 88 -30.79 31.22 -19.41
N THR F 89 -30.13 30.31 -20.11
CA THR F 89 -30.80 29.35 -20.94
C THR F 89 -30.05 28.03 -20.79
N SER F 90 -30.81 26.94 -20.90
CA SER F 90 -30.22 25.63 -21.05
C SER F 90 -29.33 25.58 -22.30
N ALA F 91 -28.13 25.02 -22.20
CA ALA F 91 -27.23 24.91 -23.34
C ALA F 91 -27.83 24.08 -24.49
N ALA F 92 -28.77 23.20 -24.17
CA ALA F 92 -29.47 22.39 -25.18
C ALA F 92 -30.45 23.20 -26.03
N ASP F 93 -30.85 24.38 -25.56
CA ASP F 93 -31.84 25.23 -26.24
C ASP F 93 -31.24 26.32 -27.15
N ILE F 94 -29.92 26.40 -27.20
CA ILE F 94 -29.21 27.26 -28.15
C ILE F 94 -28.13 26.45 -28.85
N TRP F 95 -27.62 26.96 -29.96
CA TRP F 95 -26.42 26.43 -30.57
C TRP F 95 -25.24 26.65 -29.60
N THR F 96 -24.39 25.63 -29.45
CA THR F 96 -23.11 25.77 -28.76
C THR F 96 -22.03 25.16 -29.64
N PRO F 97 -20.78 25.64 -29.52
CA PRO F 97 -19.69 25.14 -30.36
C PRO F 97 -19.26 23.72 -29.99
N ASP F 98 -18.79 22.97 -30.98
CA ASP F 98 -18.51 21.54 -30.84
C ASP F 98 -17.04 21.36 -30.45
N ILE F 99 -16.63 22.10 -29.43
CA ILE F 99 -15.25 22.09 -29.00
C ILE F 99 -14.95 20.78 -28.31
N THR F 100 -13.90 20.10 -28.75
CA THR F 100 -13.59 18.75 -28.33
CA THR F 100 -13.59 18.80 -28.21
C THR F 100 -12.10 18.59 -28.03
N ALA F 101 -11.78 17.78 -27.02
CA ALA F 101 -10.40 17.29 -26.82
C ALA F 101 -10.10 16.28 -27.92
N TYR F 102 -8.94 16.41 -28.56
CA TYR F 102 -8.61 15.55 -29.70
C TYR F 102 -7.95 14.24 -29.29
N SER F 103 -7.47 14.15 -28.06
CA SER F 103 -6.78 12.96 -27.57
C SER F 103 -7.31 12.47 -26.22
N SER F 104 -8.61 12.68 -25.95
CA SER F 104 -9.28 12.02 -24.81
C SER F 104 -9.25 10.50 -25.00
N THR F 105 -9.29 9.78 -23.89
CA THR F 105 -9.37 8.30 -23.86
C THR F 105 -10.68 7.78 -23.27
N ARG F 106 -11.50 8.68 -22.72
CA ARG F 106 -12.80 8.34 -22.15
C ARG F 106 -13.74 9.52 -22.45
N PRO F 107 -15.06 9.28 -22.53
CA PRO F 107 -15.95 10.43 -22.73
C PRO F 107 -15.79 11.47 -21.62
N VAL F 108 -15.72 12.73 -21.96
CA VAL F 108 -15.58 13.77 -20.95
CA VAL F 108 -15.58 13.75 -20.93
C VAL F 108 -16.79 13.69 -20.00
N GLN F 109 -16.57 13.91 -18.72
CA GLN F 109 -17.68 13.92 -17.75
C GLN F 109 -17.96 15.37 -17.34
N VAL F 110 -19.20 15.83 -17.48
CA VAL F 110 -19.56 17.21 -17.10
C VAL F 110 -19.97 17.26 -15.62
N LEU F 111 -19.46 18.27 -14.91
CA LEU F 111 -19.62 18.41 -13.48
C LEU F 111 -20.53 19.59 -13.06
N SER F 112 -20.95 20.39 -14.03
CA SER F 112 -21.74 21.59 -13.77
C SER F 112 -23.07 21.55 -14.55
N PRO F 113 -24.06 22.33 -14.09
CA PRO F 113 -25.31 22.45 -14.84
C PRO F 113 -25.09 23.06 -16.24
N GLN F 114 -25.65 22.43 -17.26
CA GLN F 114 -25.47 22.90 -18.63
C GLN F 114 -26.42 24.07 -18.95
N ILE F 115 -26.00 25.24 -18.47
CA ILE F 115 -26.74 26.48 -18.58
C ILE F 115 -25.74 27.55 -19.05
N ALA F 116 -26.17 28.34 -20.02
CA ALA F 116 -25.36 29.45 -20.56
C ALA F 116 -25.95 30.79 -20.12
N VAL F 117 -25.10 31.81 -20.10
CA VAL F 117 -25.49 33.19 -19.85
C VAL F 117 -25.51 33.99 -21.16
N VAL F 118 -26.65 34.58 -21.48
CA VAL F 118 -26.78 35.44 -22.66
C VAL F 118 -26.91 36.89 -22.19
N THR F 119 -26.06 37.76 -22.75
CA THR F 119 -26.11 39.21 -22.49
C THR F 119 -26.77 39.98 -23.63
N HIS F 120 -27.27 41.19 -23.32
CA HIS F 120 -28.03 41.97 -24.31
C HIS F 120 -27.23 42.38 -25.56
N ASP F 121 -25.90 42.38 -25.47
CA ASP F 121 -25.05 42.56 -26.68
C ASP F 121 -24.99 41.33 -27.59
N GLY F 122 -25.66 40.26 -27.17
CA GLY F 122 -25.72 39.03 -27.93
C GLY F 122 -24.57 38.08 -27.61
N SER F 123 -23.78 38.40 -26.58
CA SER F 123 -22.67 37.53 -26.20
CA SER F 123 -22.67 37.51 -26.21
C SER F 123 -23.20 36.35 -25.38
N VAL F 124 -22.59 35.17 -25.58
CA VAL F 124 -22.97 33.98 -24.85
C VAL F 124 -21.74 33.50 -24.10
N MET F 125 -21.90 33.23 -22.80
CA MET F 125 -20.85 32.65 -21.97
C MET F 125 -21.28 31.27 -21.49
N PHE F 126 -20.46 30.24 -21.75
CA PHE F 126 -20.78 28.88 -21.35
C PHE F 126 -19.49 28.27 -20.75
N ILE F 127 -19.58 27.84 -19.48
CA ILE F 127 -18.41 27.37 -18.72
C ILE F 127 -18.68 25.99 -18.13
N PRO F 128 -18.56 24.93 -18.94
CA PRO F 128 -18.66 23.59 -18.40
C PRO F 128 -17.44 23.20 -17.56
N ALA F 129 -17.71 22.73 -16.33
CA ALA F 129 -16.72 22.07 -15.49
C ALA F 129 -16.65 20.62 -15.95
N GLN F 130 -15.45 20.09 -16.16
CA GLN F 130 -15.30 18.78 -16.78
C GLN F 130 -14.20 17.96 -16.13
N ARG F 131 -14.37 16.64 -16.11
CA ARG F 131 -13.29 15.71 -15.86
C ARG F 131 -12.92 15.01 -17.16
N LEU F 132 -11.66 15.12 -17.53
CA LEU F 132 -11.15 14.58 -18.78
C LEU F 132 -10.01 13.58 -18.53
N SER F 133 -10.10 12.37 -19.11
CA SER F 133 -8.92 11.47 -19.22
C SER F 133 -8.36 11.65 -20.60
N PHE F 134 -7.04 11.82 -20.70
CA PHE F 134 -6.41 11.95 -22.01
C PHE F 134 -5.04 11.31 -22.03
N MET F 135 -4.50 11.18 -23.24
CA MET F 135 -3.22 10.46 -23.42
C MET F 135 -2.07 11.26 -22.90
N CYS F 136 -1.30 10.65 -22.00
CA CYS F 136 -0.21 11.34 -21.34
C CYS F 136 0.73 10.32 -20.68
N ASP F 137 1.98 10.35 -21.10
CA ASP F 137 3.07 9.64 -20.41
C ASP F 137 3.54 10.45 -19.22
N PRO F 138 3.21 10.02 -18.00
CA PRO F 138 3.69 10.77 -16.84
C PRO F 138 5.15 10.52 -16.41
N THR F 139 6.00 10.00 -17.28
CA THR F 139 7.40 9.78 -16.92
C THR F 139 7.99 11.09 -16.42
N GLY F 140 8.64 11.02 -15.27
CA GLY F 140 9.30 12.18 -14.66
C GLY F 140 8.46 12.87 -13.60
N VAL F 141 7.23 12.41 -13.39
CA VAL F 141 6.35 13.04 -12.39
C VAL F 141 6.93 12.96 -10.98
N ASP F 142 7.71 11.92 -10.73
CA ASP F 142 8.38 11.76 -9.42
C ASP F 142 9.80 12.35 -9.44
N SER F 143 10.03 13.35 -10.29
CA SER F 143 11.32 14.01 -10.39
C SER F 143 11.12 15.50 -10.18
N GLU F 144 12.22 16.24 -9.99
CA GLU F 144 12.14 17.69 -9.84
C GLU F 144 11.69 18.40 -11.11
N GLU F 145 12.14 17.91 -12.27
CA GLU F 145 11.79 18.51 -13.57
C GLU F 145 10.30 18.31 -13.87
N GLY F 146 9.76 17.18 -13.43
CA GLY F 146 8.35 16.87 -13.58
C GLY F 146 8.03 16.17 -14.88
N ALA F 147 6.74 15.94 -15.08
CA ALA F 147 6.23 15.35 -16.30
C ALA F 147 5.67 16.50 -17.13
N THR F 148 5.47 16.24 -18.41
CA THR F 148 4.80 17.18 -19.31
C THR F 148 3.77 16.44 -20.12
N CYS F 149 2.55 16.97 -20.14
CA CYS F 149 1.59 16.44 -21.09
CA CYS F 149 1.45 16.44 -20.94
C CYS F 149 0.84 17.55 -21.79
N ALA F 150 0.20 17.18 -22.88
CA ALA F 150 -0.44 18.15 -23.73
C ALA F 150 -1.65 17.50 -24.37
N VAL F 151 -2.70 18.29 -24.56
CA VAL F 151 -3.91 17.84 -25.23
C VAL F 151 -4.48 19.03 -25.98
N LYS F 152 -4.88 18.79 -27.23
CA LYS F 152 -5.41 19.83 -28.07
C LYS F 152 -6.91 19.83 -28.02
N PHE F 153 -7.47 21.03 -27.98
CA PHE F 153 -8.89 21.28 -28.10
C PHE F 153 -9.22 22.05 -29.36
N GLY F 154 -10.27 21.64 -30.06
CA GLY F 154 -10.85 22.45 -31.15
C GLY F 154 -12.18 21.91 -31.64
N SER F 155 -12.72 22.58 -32.64
CA SER F 155 -13.99 22.15 -33.24
C SER F 155 -13.73 20.82 -33.95
N TRP F 156 -14.66 19.89 -33.84
CA TRP F 156 -14.57 18.62 -34.54
C TRP F 156 -14.87 18.75 -36.04
N VAL F 157 -15.80 19.62 -36.39
CA VAL F 157 -16.30 19.68 -37.76
C VAL F 157 -16.17 21.03 -38.48
N TYR F 158 -15.62 22.06 -37.82
CA TYR F 158 -15.51 23.37 -38.43
C TYR F 158 -14.06 23.83 -38.54
N SER F 159 -13.71 24.34 -39.73
CA SER F 159 -12.39 24.85 -39.94
C SER F 159 -12.32 26.25 -39.35
N GLY F 160 -11.11 26.79 -39.37
CA GLY F 160 -10.83 28.17 -38.99
C GLY F 160 -11.52 29.24 -39.81
N PHE F 161 -12.02 28.92 -41.01
CA PHE F 161 -12.91 29.84 -41.74
C PHE F 161 -14.37 29.76 -41.35
N GLU F 162 -14.72 28.93 -40.37
CA GLU F 162 -16.12 28.82 -39.92
C GLU F 162 -16.23 29.17 -38.43
N ILE F 163 -15.34 28.56 -37.63
CA ILE F 163 -15.17 28.92 -36.24
C ILE F 163 -13.72 29.37 -36.07
N ASP F 164 -13.53 30.67 -35.84
CA ASP F 164 -12.22 31.19 -35.55
C ASP F 164 -12.07 31.10 -34.04
N LEU F 165 -11.28 30.12 -33.63
CA LEU F 165 -11.04 29.82 -32.26
C LEU F 165 -9.90 30.70 -31.78
N LYS F 166 -10.08 31.37 -30.65
CA LYS F 166 -9.06 32.25 -30.06
C LYS F 166 -8.92 32.03 -28.57
N THR F 167 -7.87 32.64 -28.01
CA THR F 167 -7.66 32.72 -26.59
C THR F 167 -7.50 34.20 -26.21
N ASP F 168 -7.83 34.54 -24.98
CA ASP F 168 -7.56 35.85 -24.45
C ASP F 168 -6.14 35.92 -23.92
N THR F 169 -5.57 34.76 -23.60
CA THR F 169 -4.25 34.69 -22.99
C THR F 169 -3.68 33.29 -23.15
N ASP F 170 -2.36 33.17 -23.14
CA ASP F 170 -1.76 31.86 -23.28
C ASP F 170 -1.45 31.22 -21.92
N GLN F 171 -1.81 31.90 -20.84
CA GLN F 171 -1.62 31.42 -19.48
C GLN F 171 -2.92 30.82 -18.96
N VAL F 172 -2.88 29.53 -18.67
CA VAL F 172 -3.98 28.86 -17.99
C VAL F 172 -4.17 29.48 -16.60
N ASP F 173 -5.42 29.72 -16.23
CA ASP F 173 -5.71 30.18 -14.88
C ASP F 173 -5.50 29.08 -13.83
N LEU F 174 -4.51 29.30 -12.98
CA LEU F 174 -4.23 28.40 -11.89
C LEU F 174 -4.70 28.98 -10.54
N SER F 175 -5.46 30.07 -10.55
CA SER F 175 -5.86 30.72 -9.30
C SER F 175 -6.87 29.88 -8.50
N SER F 176 -7.57 28.93 -9.16
CA SER F 176 -8.43 27.95 -8.48
C SER F 176 -7.78 26.55 -8.30
N TYR F 177 -6.51 26.37 -8.64
CA TYR F 177 -5.92 25.04 -8.58
C TYR F 177 -5.90 24.57 -7.12
N TYR F 178 -6.26 23.31 -6.91
CA TYR F 178 -6.44 22.74 -5.57
C TYR F 178 -5.07 22.58 -4.89
N ALA F 179 -4.86 23.33 -3.80
CA ALA F 179 -3.54 23.42 -3.15
C ALA F 179 -3.06 22.11 -2.54
N SER F 180 -3.97 21.15 -2.31
CA SER F 180 -3.57 19.87 -1.74
C SER F 180 -3.73 18.72 -2.71
N SER F 181 -3.70 19.01 -4.01
CA SER F 181 -3.62 17.97 -5.03
C SER F 181 -2.41 17.08 -4.77
N LYS F 182 -2.47 15.83 -5.24
CA LYS F 182 -1.29 14.97 -5.29
C LYS F 182 -0.20 15.57 -6.21
N TYR F 183 -0.62 16.40 -7.15
CA TYR F 183 0.31 16.98 -8.11
C TYR F 183 0.33 18.50 -8.03
N GLU F 184 1.53 19.06 -7.94
CA GLU F 184 1.71 20.50 -8.05
C GLU F 184 1.99 20.88 -9.48
N ILE F 185 1.47 22.04 -9.90
CA ILE F 185 1.67 22.54 -11.25
C ILE F 185 2.92 23.38 -11.34
N LEU F 186 3.80 23.02 -12.26
CA LEU F 186 5.00 23.78 -12.54
C LEU F 186 4.66 24.88 -13.57
N SER F 187 3.90 24.52 -14.60
CA SER F 187 3.34 25.52 -15.54
C SER F 187 2.14 24.95 -16.28
N ALA F 188 1.31 25.84 -16.81
CA ALA F 188 0.16 25.43 -17.57
C ALA F 188 -0.09 26.51 -18.61
N THR F 189 -0.02 26.13 -19.89
CA THR F 189 -0.22 27.07 -20.98
C THR F 189 -1.31 26.57 -21.95
N GLN F 190 -1.89 27.52 -22.67
CA GLN F 190 -2.95 27.26 -23.63
C GLN F 190 -2.63 28.07 -24.88
N THR F 191 -2.18 27.38 -25.92
CA THR F 191 -1.56 28.02 -27.08
C THR F 191 -2.39 27.76 -28.34
N ARG F 192 -2.79 28.81 -29.01
CA ARG F 192 -3.53 28.69 -30.27
C ARG F 192 -2.52 28.26 -31.33
N GLN F 193 -2.82 27.16 -32.03
CA GLN F 193 -1.98 26.61 -33.10
C GLN F 193 -2.76 26.53 -34.40
N VAL F 194 -2.05 26.69 -35.51
CA VAL F 194 -2.61 26.57 -36.84
C VAL F 194 -1.97 25.39 -37.58
N GLN F 195 -2.80 24.63 -38.30
CA GLN F 195 -2.36 23.54 -39.16
C GLN F 195 -3.00 23.70 -40.54
N HIS F 196 -2.23 23.42 -41.58
CA HIS F 196 -2.78 23.33 -42.92
C HIS F 196 -2.61 21.92 -43.46
N TYR F 197 -3.58 21.51 -44.26
CA TYR F 197 -3.57 20.23 -44.95
C TYR F 197 -3.42 20.52 -46.46
N SER F 198 -2.71 19.63 -47.15
CA SER F 198 -2.41 19.81 -48.59
C SER F 198 -3.66 19.89 -49.45
N CYS F 199 -4.68 19.13 -49.11
CA CYS F 199 -5.96 19.18 -49.82
C CYS F 199 -6.58 20.58 -49.92
N CYS F 200 -6.29 21.44 -48.94
CA CYS F 200 -7.24 22.45 -48.53
C CYS F 200 -6.55 23.75 -48.11
N PRO F 201 -7.06 24.90 -48.60
CA PRO F 201 -6.45 26.18 -48.24
C PRO F 201 -6.80 26.71 -46.85
N GLU F 202 -7.94 26.29 -46.31
CA GLU F 202 -8.41 26.80 -45.01
C GLU F 202 -7.52 26.36 -43.85
N PRO F 203 -7.32 27.23 -42.84
CA PRO F 203 -6.55 26.87 -41.68
C PRO F 203 -7.41 26.06 -40.69
N TYR F 204 -6.76 25.15 -39.98
CA TYR F 204 -7.39 24.41 -38.89
C TYR F 204 -6.68 24.84 -37.61
N ILE F 205 -7.49 25.16 -36.59
CA ILE F 205 -7.06 25.82 -35.38
C ILE F 205 -7.34 24.92 -34.18
N ASP F 206 -6.40 24.85 -33.26
CA ASP F 206 -6.65 24.22 -31.97
C ASP F 206 -5.99 25.05 -30.87
N VAL F 207 -6.44 24.82 -29.63
CA VAL F 207 -5.72 25.34 -28.46
C VAL F 207 -5.06 24.15 -27.80
N ASN F 208 -3.74 24.25 -27.68
CA ASN F 208 -2.92 23.22 -27.08
C ASN F 208 -2.73 23.53 -25.61
N LEU F 209 -3.32 22.67 -24.77
CA LEU F 209 -3.20 22.75 -23.33
C LEU F 209 -1.99 21.93 -22.92
N VAL F 210 -0.97 22.58 -22.42
CA VAL F 210 0.26 21.91 -22.01
C VAL F 210 0.48 22.16 -20.52
N VAL F 211 0.59 21.07 -19.77
CA VAL F 211 0.72 21.14 -18.33
C VAL F 211 2.01 20.40 -17.93
N LYS F 212 2.83 21.08 -17.14
CA LYS F 212 4.01 20.49 -16.53
C LYS F 212 3.75 20.36 -15.04
N PHE F 213 3.99 19.18 -14.50
CA PHE F 213 3.55 18.88 -13.13
C PHE F 213 4.43 17.83 -12.50
N ARG F 214 4.36 17.75 -11.17
CA ARG F 214 5.11 16.73 -10.44
C ARG F 214 4.41 16.40 -9.13
N GLU F 215 4.75 15.25 -8.57
CA GLU F 215 4.21 14.82 -7.27
C GLU F 215 4.53 15.87 -6.23
N ARG F 216 3.51 16.28 -5.47
CA ARG F 216 3.67 17.30 -4.43
CA ARG F 216 3.67 17.31 -4.45
C ARG F 216 4.50 16.72 -3.30
N ARG F 217 5.63 17.38 -2.98
CA ARG F 217 6.59 16.90 -1.99
C ARG F 217 6.57 17.76 -0.73
N ASP G 7 -66.16 10.06 -2.69
CA ASP G 7 -65.36 11.06 -1.92
C ASP G 7 -63.85 10.92 -2.13
N LYS G 8 -63.40 9.71 -2.47
CA LYS G 8 -62.01 9.50 -2.86
C LYS G 8 -61.81 9.89 -4.32
N LEU G 9 -62.87 9.76 -5.12
CA LEU G 9 -62.93 10.37 -6.45
C LEU G 9 -62.85 11.90 -6.33
N HIS G 10 -63.43 12.44 -5.25
CA HIS G 10 -63.38 13.88 -4.96
C HIS G 10 -61.96 14.39 -4.69
N SER G 11 -61.30 13.85 -3.67
CA SER G 11 -59.93 14.28 -3.35
C SER G 11 -58.99 14.07 -4.53
N GLN G 12 -59.18 12.99 -5.28
CA GLN G 12 -58.44 12.75 -6.52
C GLN G 12 -58.76 13.77 -7.62
N ALA G 13 -60.04 14.08 -7.81
CA ALA G 13 -60.46 15.11 -8.78
C ALA G 13 -59.92 16.49 -8.38
N ASN G 14 -59.97 16.80 -7.09
CA ASN G 14 -59.41 18.05 -6.57
C ASN G 14 -57.89 18.20 -6.81
N LEU G 15 -57.14 17.11 -6.63
CA LEU G 15 -55.69 17.13 -6.85
C LEU G 15 -55.34 17.31 -8.34
N MET G 16 -56.04 16.59 -9.21
CA MET G 16 -55.80 16.72 -10.65
C MET G 16 -56.11 18.13 -11.11
N ARG G 17 -57.18 18.72 -10.57
CA ARG G 17 -57.58 20.07 -10.96
C ARG G 17 -56.57 21.11 -10.50
N LEU G 18 -56.11 21.00 -9.24
CA LEU G 18 -55.02 21.86 -8.74
C LEU G 18 -53.80 21.84 -9.64
N LYS G 19 -53.36 20.64 -10.02
CA LYS G 19 -52.16 20.48 -10.84
C LYS G 19 -52.38 21.01 -12.27
N SER G 20 -53.62 20.95 -12.75
CA SER G 20 -53.99 21.61 -14.02
C SER G 20 -53.93 23.13 -13.91
N ASP G 21 -54.53 23.69 -12.87
CA ASP G 21 -54.52 25.14 -12.69
C ASP G 21 -53.10 25.68 -12.57
N LEU G 22 -52.26 25.00 -11.80
CA LEU G 22 -50.88 25.45 -11.56
C LEU G 22 -49.94 25.20 -12.75
N PHE G 23 -50.08 24.05 -13.41
CA PHE G 23 -49.12 23.63 -14.46
C PHE G 23 -49.53 23.95 -15.90
N ASN G 24 -50.84 23.98 -16.17
CA ASN G 24 -51.34 24.22 -17.53
C ASN G 24 -51.84 25.65 -17.74
N ARG G 25 -52.66 26.13 -16.80
CA ARG G 25 -53.47 27.34 -17.00
C ARG G 25 -52.85 28.66 -16.52
N SER G 26 -51.52 28.73 -16.49
CA SER G 26 -50.82 29.99 -16.17
C SER G 26 -49.34 29.87 -16.57
N PRO G 27 -48.63 31.01 -16.69
CA PRO G 27 -47.22 30.95 -17.05
C PRO G 27 -46.34 30.40 -15.92
N MET G 28 -45.65 29.30 -16.19
CA MET G 28 -44.72 28.71 -15.22
C MET G 28 -43.54 29.65 -14.95
N TYR G 29 -42.65 29.24 -14.06
CA TYR G 29 -41.60 30.12 -13.56
C TYR G 29 -40.32 30.00 -14.40
N PRO G 30 -39.82 31.12 -14.95
CA PRO G 30 -38.61 31.15 -15.79
C PRO G 30 -37.28 31.25 -15.04
N GLY G 31 -37.32 31.20 -13.71
CA GLY G 31 -36.12 31.40 -12.93
C GLY G 31 -36.03 32.82 -12.42
N PRO G 32 -35.10 33.05 -11.50
CA PRO G 32 -34.96 34.35 -10.87
C PRO G 32 -34.41 35.43 -11.80
N THR G 33 -34.60 36.68 -11.41
CA THR G 33 -34.04 37.85 -12.09
C THR G 33 -33.56 38.84 -11.04
N LYS G 34 -32.82 39.87 -11.45
CA LYS G 34 -32.34 40.88 -10.51
C LYS G 34 -33.49 41.64 -9.79
N ASP G 35 -34.62 41.80 -10.49
CA ASP G 35 -35.81 42.46 -9.91
C ASP G 35 -36.72 41.54 -9.10
N ASP G 36 -36.59 40.24 -9.35
CA ASP G 36 -37.37 39.21 -8.66
C ASP G 36 -36.43 38.10 -8.18
N PRO G 37 -35.56 38.42 -7.20
CA PRO G 37 -34.62 37.41 -6.74
C PRO G 37 -35.32 36.32 -5.95
N LEU G 38 -34.69 35.15 -5.90
CA LEU G 38 -35.24 34.01 -5.21
C LEU G 38 -34.34 33.64 -4.04
N THR G 39 -34.94 33.47 -2.87
CA THR G 39 -34.22 32.89 -1.75
C THR G 39 -34.26 31.36 -1.82
N VAL G 40 -33.09 30.75 -1.70
CA VAL G 40 -32.96 29.30 -1.66
C VAL G 40 -32.22 28.93 -0.41
N THR G 41 -32.84 28.12 0.44
CA THR G 41 -32.23 27.67 1.67
C THR G 41 -31.69 26.26 1.51
N LEU G 42 -30.43 26.10 1.90
CA LEU G 42 -29.68 24.87 1.68
C LEU G 42 -29.17 24.34 2.99
N GLY G 43 -29.19 23.02 3.13
CA GLY G 43 -28.72 22.35 4.35
C GLY G 43 -28.34 20.90 4.04
N PHE G 44 -27.34 20.42 4.76
CA PHE G 44 -26.81 19.11 4.53
C PHE G 44 -26.98 18.23 5.73
N THR G 45 -27.28 16.97 5.43
CA THR G 45 -27.36 15.92 6.42
C THR G 45 -26.40 14.85 5.92
N LEU G 46 -25.30 14.68 6.63
CA LEU G 46 -24.21 13.81 6.21
C LEU G 46 -24.48 12.39 6.73
N GLN G 47 -24.54 11.44 5.81
CA GLN G 47 -24.78 10.03 6.15
C GLN G 47 -23.52 9.19 6.30
N ASP G 48 -22.52 9.42 5.47
CA ASP G 48 -21.38 8.54 5.46
C ASP G 48 -20.24 9.18 4.68
N ILE G 49 -19.04 9.00 5.19
CA ILE G 49 -17.85 9.14 4.39
C ILE G 49 -17.53 7.71 3.97
N VAL G 50 -17.73 7.40 2.70
CA VAL G 50 -17.61 6.02 2.20
C VAL G 50 -16.16 5.65 1.95
N LYS G 51 -15.42 6.58 1.35
CA LYS G 51 -14.08 6.28 0.86
C LYS G 51 -13.17 7.51 0.91
N ALA G 52 -11.96 7.33 1.37
CA ALA G 52 -10.93 8.39 1.36
C ALA G 52 -9.72 7.86 0.62
N ASP G 53 -9.45 8.40 -0.57
CA ASP G 53 -8.42 7.86 -1.48
C ASP G 53 -7.15 8.72 -1.47
N SER G 54 -6.10 8.21 -0.85
CA SER G 54 -4.87 8.99 -0.74
C SER G 54 -4.03 8.91 -2.01
N SER G 55 -4.35 8.02 -2.93
CA SER G 55 -3.59 7.96 -4.16
C SER G 55 -3.97 9.04 -5.16
N THR G 56 -5.21 9.55 -5.05
CA THR G 56 -5.71 10.61 -5.92
C THR G 56 -6.19 11.86 -5.16
N ASN G 57 -6.21 11.83 -3.82
CA ASN G 57 -6.82 12.91 -2.99
C ASN G 57 -8.28 13.24 -3.40
N GLU G 58 -9.09 12.21 -3.38
CA GLU G 58 -10.54 12.33 -3.56
C GLU G 58 -11.18 11.63 -2.38
N VAL G 59 -12.24 12.21 -1.84
CA VAL G 59 -13.05 11.59 -0.81
C VAL G 59 -14.49 11.51 -1.31
N ASP G 60 -15.18 10.43 -0.97
CA ASP G 60 -16.57 10.19 -1.39
C ASP G 60 -17.49 10.33 -0.20
N LEU G 61 -18.51 11.18 -0.33
CA LEU G 61 -19.48 11.42 0.72
C LEU G 61 -20.84 11.01 0.25
N VAL G 62 -21.67 10.55 1.17
CA VAL G 62 -23.08 10.34 0.91
C VAL G 62 -23.83 11.25 1.87
N TYR G 63 -24.73 12.08 1.34
CA TYR G 63 -25.46 13.04 2.17
C TYR G 63 -26.86 13.26 1.60
N TYR G 64 -27.69 13.94 2.36
CA TYR G 64 -28.96 14.43 1.84
C TYR G 64 -28.81 15.94 1.75
N GLU G 65 -29.18 16.53 0.61
CA GLU G 65 -29.08 17.97 0.41
C GLU G 65 -30.48 18.56 0.37
N GLN G 66 -30.88 19.24 1.44
CA GLN G 66 -32.20 19.83 1.51
C GLN G 66 -32.17 21.20 0.84
N GLN G 67 -33.03 21.38 -0.14
CA GLN G 67 -33.21 22.67 -0.82
C GLN G 67 -34.65 23.11 -0.66
N ARG G 68 -34.83 24.38 -0.30
CA ARG G 68 -36.17 24.95 -0.17
C ARG G 68 -36.24 26.35 -0.76
N TRP G 69 -37.33 26.62 -1.45
CA TRP G 69 -37.58 27.92 -2.02
C TRP G 69 -39.09 28.09 -2.11
N LYS G 70 -39.52 29.29 -2.47
CA LYS G 70 -40.93 29.64 -2.43
C LYS G 70 -41.34 30.47 -3.64
N LEU G 71 -42.46 30.09 -4.25
CA LEU G 71 -42.95 30.76 -5.45
C LEU G 71 -44.41 31.17 -5.32
N ASN G 72 -44.66 32.45 -5.58
CA ASN G 72 -46.03 32.95 -5.67
C ASN G 72 -46.84 32.13 -6.66
N SER G 73 -46.22 31.75 -7.77
CA SER G 73 -46.88 30.99 -8.83
C SER G 73 -47.27 29.55 -8.46
N LEU G 74 -46.88 29.09 -7.27
CA LEU G 74 -47.27 27.76 -6.79
C LEU G 74 -48.13 27.84 -5.53
N MET G 75 -48.65 29.03 -5.21
CA MET G 75 -49.55 29.20 -4.08
C MET G 75 -50.97 28.79 -4.50
N TRP G 76 -51.78 28.41 -3.53
CA TRP G 76 -53.21 28.21 -3.75
C TRP G 76 -53.92 28.25 -2.40
N ASP G 77 -55.22 28.47 -2.45
CA ASP G 77 -56.07 28.41 -1.26
C ASP G 77 -56.63 26.99 -1.17
N PRO G 78 -56.33 26.27 -0.08
CA PRO G 78 -56.83 24.91 0.09
C PRO G 78 -58.37 24.83 0.03
N ASN G 79 -59.03 25.90 0.47
CA ASN G 79 -60.50 25.99 0.45
C ASN G 79 -61.09 25.72 -0.93
N GLU G 80 -60.42 26.22 -1.98
CA GLU G 80 -60.92 26.06 -3.35
C GLU G 80 -60.55 24.71 -3.98
N TYR G 81 -59.87 23.85 -3.20
CA TYR G 81 -59.38 22.57 -3.71
C TYR G 81 -59.54 21.44 -2.69
N GLY G 82 -60.67 21.44 -2.00
CA GLY G 82 -61.02 20.38 -1.06
C GLY G 82 -60.07 20.23 0.11
N ASN G 83 -59.47 21.34 0.53
CA ASN G 83 -58.52 21.36 1.64
C ASN G 83 -57.19 20.62 1.37
N ILE G 84 -56.83 20.46 0.10
CA ILE G 84 -55.49 19.97 -0.26
C ILE G 84 -54.48 21.05 0.14
N THR G 85 -53.54 20.67 0.99
CA THR G 85 -52.53 21.60 1.52
C THR G 85 -51.13 21.34 0.92
N ASP G 86 -50.97 20.22 0.20
CA ASP G 86 -49.67 19.87 -0.40
C ASP G 86 -49.83 18.80 -1.47
N PHE G 87 -48.81 18.67 -2.31
CA PHE G 87 -48.76 17.60 -3.30
C PHE G 87 -47.32 17.28 -3.67
N ARG G 88 -47.14 16.27 -4.53
CA ARG G 88 -45.84 15.88 -4.99
C ARG G 88 -45.75 16.08 -6.47
N THR G 89 -44.56 16.38 -6.93
CA THR G 89 -44.32 16.57 -8.35
C THR G 89 -42.93 16.08 -8.71
N SER G 90 -42.80 15.51 -9.90
CA SER G 90 -41.49 15.26 -10.48
C SER G 90 -40.66 16.54 -10.45
N ALA G 91 -39.43 16.44 -9.95
CA ALA G 91 -38.52 17.60 -9.91
C ALA G 91 -38.20 18.08 -11.33
N ALA G 92 -38.39 17.21 -12.31
CA ALA G 92 -38.20 17.53 -13.71
C ALA G 92 -39.35 18.38 -14.27
N ASP G 93 -40.48 18.45 -13.59
CA ASP G 93 -41.65 19.18 -14.10
C ASP G 93 -41.76 20.61 -13.57
N ILE G 94 -40.77 21.04 -12.79
CA ILE G 94 -40.73 22.38 -12.23
C ILE G 94 -39.30 22.89 -12.30
N TRP G 95 -39.16 24.21 -12.20
CA TRP G 95 -37.84 24.80 -12.06
C TRP G 95 -37.21 24.36 -10.76
N THR G 96 -35.92 24.04 -10.81
CA THR G 96 -35.14 23.79 -9.62
C THR G 96 -33.83 24.59 -9.72
N PRO G 97 -33.26 24.97 -8.58
CA PRO G 97 -32.04 25.79 -8.61
C PRO G 97 -30.82 24.99 -9.07
N ASP G 98 -29.86 25.69 -9.66
CA ASP G 98 -28.68 25.06 -10.24
C ASP G 98 -27.57 24.97 -9.21
N ILE G 99 -27.87 24.46 -8.02
CA ILE G 99 -26.89 24.35 -6.97
C ILE G 99 -25.93 23.23 -7.33
N THR G 100 -24.64 23.51 -7.23
CA THR G 100 -23.61 22.61 -7.64
C THR G 100 -22.47 22.64 -6.68
N ALA G 101 -21.81 21.50 -6.53
CA ALA G 101 -20.52 21.44 -5.84
C ALA G 101 -19.46 22.04 -6.76
N TYR G 102 -18.58 22.88 -6.20
CA TYR G 102 -17.60 23.58 -7.01
C TYR G 102 -16.29 22.81 -7.24
N SER G 103 -16.04 21.76 -6.46
CA SER G 103 -14.79 20.98 -6.52
C SER G 103 -15.03 19.48 -6.51
N SER G 104 -16.14 19.07 -7.11
CA SER G 104 -16.36 17.66 -7.43
C SER G 104 -15.32 17.18 -8.44
N THR G 105 -15.05 15.88 -8.44
CA THR G 105 -14.16 15.27 -9.40
C THR G 105 -14.85 14.22 -10.28
N ARG G 106 -16.12 13.94 -10.00
CA ARG G 106 -16.95 13.03 -10.79
CA ARG G 106 -16.95 13.04 -10.80
C ARG G 106 -18.38 13.58 -10.76
N PRO G 107 -19.19 13.21 -11.75
CA PRO G 107 -20.56 13.64 -11.67
C PRO G 107 -21.24 13.10 -10.40
N VAL G 108 -22.08 13.91 -9.76
CA VAL G 108 -22.79 13.46 -8.57
CA VAL G 108 -22.81 13.47 -8.59
C VAL G 108 -23.74 12.34 -8.98
N GLN G 109 -23.90 11.38 -8.09
CA GLN G 109 -24.81 10.27 -8.29
C GLN G 109 -26.02 10.43 -7.37
N VAL G 110 -27.22 10.49 -7.94
CA VAL G 110 -28.44 10.68 -7.18
C VAL G 110 -28.97 9.33 -6.68
N LEU G 111 -29.33 9.27 -5.41
CA LEU G 111 -29.68 8.01 -4.74
C LEU G 111 -31.17 7.89 -4.39
N SER G 112 -31.91 8.97 -4.61
CA SER G 112 -33.30 9.07 -4.23
C SER G 112 -34.19 9.48 -5.41
N PRO G 113 -35.49 9.16 -5.32
CA PRO G 113 -36.46 9.57 -6.34
C PRO G 113 -36.49 11.08 -6.47
N GLN G 114 -36.47 11.58 -7.70
CA GLN G 114 -36.40 13.02 -7.95
C GLN G 114 -37.81 13.61 -7.92
N ILE G 115 -38.33 13.73 -6.69
CA ILE G 115 -39.68 14.19 -6.42
C ILE G 115 -39.58 15.31 -5.39
N ALA G 116 -40.29 16.40 -5.64
CA ALA G 116 -40.34 17.56 -4.75
C ALA G 116 -41.70 17.66 -4.04
N VAL G 117 -41.69 18.29 -2.87
CA VAL G 117 -42.92 18.52 -2.10
C VAL G 117 -43.38 19.97 -2.27
N VAL G 118 -44.61 20.17 -2.72
CA VAL G 118 -45.11 21.53 -2.88
C VAL G 118 -46.25 21.76 -1.90
N THR G 119 -46.18 22.88 -1.19
CA THR G 119 -47.18 23.24 -0.17
C THR G 119 -47.95 24.49 -0.63
N HIS G 120 -49.17 24.63 -0.12
CA HIS G 120 -50.11 25.66 -0.56
C HIS G 120 -49.64 27.10 -0.38
N ASP G 121 -48.64 27.31 0.49
CA ASP G 121 -47.97 28.61 0.59
C ASP G 121 -46.92 28.88 -0.49
N GLY G 122 -46.88 28.04 -1.53
CA GLY G 122 -45.91 28.20 -2.64
C GLY G 122 -44.52 27.62 -2.37
N SER G 123 -44.35 27.00 -1.21
CA SER G 123 -43.05 26.48 -0.79
C SER G 123 -42.80 25.13 -1.45
N VAL G 124 -41.56 24.96 -1.92
CA VAL G 124 -41.11 23.73 -2.54
C VAL G 124 -39.94 23.19 -1.73
N MET G 125 -40.00 21.91 -1.39
CA MET G 125 -38.92 21.24 -0.68
C MET G 125 -38.42 20.09 -1.53
N PHE G 126 -37.11 20.05 -1.73
CA PHE G 126 -36.49 19.08 -2.61
C PHE G 126 -35.23 18.55 -1.91
N ILE G 127 -35.17 17.25 -1.68
CA ILE G 127 -34.09 16.65 -0.85
C ILE G 127 -33.47 15.44 -1.56
N PRO G 128 -32.60 15.71 -2.56
CA PRO G 128 -31.89 14.60 -3.19
C PRO G 128 -30.81 14.04 -2.27
N ALA G 129 -30.81 12.71 -2.14
CA ALA G 129 -29.69 12.01 -1.52
C ALA G 129 -28.68 11.80 -2.65
N GLN G 130 -27.40 12.01 -2.36
CA GLN G 130 -26.37 12.06 -3.38
C GLN G 130 -25.11 11.40 -2.88
N ARG G 131 -24.36 10.82 -3.79
CA ARG G 131 -22.96 10.44 -3.54
C ARG G 131 -22.05 11.35 -4.37
N LEU G 132 -21.09 11.97 -3.70
CA LEU G 132 -20.22 12.98 -4.31
C LEU G 132 -18.76 12.60 -4.09
N SER G 133 -17.97 12.56 -5.17
CA SER G 133 -16.50 12.54 -5.00
C SER G 133 -16.00 13.96 -5.13
N PHE G 134 -15.16 14.40 -4.20
CA PHE G 134 -14.59 15.73 -4.28
C PHE G 134 -13.12 15.77 -3.84
N MET G 135 -12.46 16.90 -4.14
CA MET G 135 -11.05 17.10 -3.90
C MET G 135 -10.81 17.21 -2.40
N CYS G 136 -10.02 16.29 -1.88
CA CYS G 136 -9.77 16.21 -0.46
C CYS G 136 -8.50 15.42 -0.22
N ASP G 137 -7.57 16.03 0.49
CA ASP G 137 -6.35 15.36 0.93
C ASP G 137 -6.60 14.75 2.32
N PRO G 138 -6.70 13.41 2.42
CA PRO G 138 -7.03 12.75 3.68
C PRO G 138 -5.84 12.52 4.62
N THR G 139 -4.71 13.17 4.37
CA THR G 139 -3.53 13.07 5.25
C THR G 139 -3.92 13.43 6.68
N GLY G 140 -3.54 12.59 7.63
CA GLY G 140 -3.90 12.76 9.04
C GLY G 140 -5.13 12.00 9.48
N VAL G 141 -5.87 11.41 8.53
CA VAL G 141 -7.06 10.65 8.84
C VAL G 141 -6.78 9.48 9.82
N ASP G 142 -5.60 8.89 9.70
CA ASP G 142 -5.14 7.84 10.63
C ASP G 142 -4.46 8.42 11.90
N SER G 143 -4.91 9.59 12.35
CA SER G 143 -4.42 10.22 13.58
C SER G 143 -5.60 10.71 14.42
N GLU G 144 -5.30 11.05 15.67
CA GLU G 144 -6.31 11.54 16.60
C GLU G 144 -6.83 12.89 16.10
N GLU G 145 -5.94 13.68 15.50
CA GLU G 145 -6.31 14.99 15.01
C GLU G 145 -7.14 14.92 13.72
N GLY G 146 -6.97 13.84 12.96
CA GLY G 146 -7.80 13.60 11.78
C GLY G 146 -7.47 14.48 10.58
N ALA G 147 -8.30 14.39 9.56
CA ALA G 147 -8.14 15.14 8.31
C ALA G 147 -9.24 16.19 8.24
N THR G 148 -9.01 17.24 7.47
CA THR G 148 -10.03 18.27 7.23
C THR G 148 -10.16 18.50 5.75
N CYS G 149 -11.38 18.61 5.28
CA CYS G 149 -11.63 18.94 3.89
CA CYS G 149 -11.66 18.90 3.88
C CYS G 149 -12.86 19.80 3.77
N ALA G 150 -12.99 20.44 2.62
CA ALA G 150 -13.99 21.45 2.39
C ALA G 150 -14.43 21.38 0.96
N VAL G 151 -15.70 21.69 0.73
CA VAL G 151 -16.24 21.79 -0.62
C VAL G 151 -17.35 22.81 -0.57
N LYS G 152 -17.31 23.73 -1.53
CA LYS G 152 -18.29 24.78 -1.63
C LYS G 152 -19.42 24.38 -2.54
N PHE G 153 -20.63 24.77 -2.17
CA PHE G 153 -21.80 24.60 -2.99
C PHE G 153 -22.44 25.94 -3.31
N GLY G 154 -22.86 26.10 -4.55
CA GLY G 154 -23.66 27.25 -4.89
C GLY G 154 -24.19 27.19 -6.29
N SER G 155 -24.91 28.24 -6.65
CA SER G 155 -25.42 28.38 -7.99
C SER G 155 -24.23 28.48 -8.94
N TRP G 156 -24.37 27.83 -10.09
CA TRP G 156 -23.36 27.95 -11.15
C TRP G 156 -23.44 29.29 -11.89
N VAL G 157 -24.65 29.79 -12.16
CA VAL G 157 -24.81 30.92 -13.09
C VAL G 157 -25.57 32.15 -12.54
N TYR G 158 -26.00 32.09 -11.27
CA TYR G 158 -26.71 33.21 -10.62
C TYR G 158 -25.90 33.82 -9.48
N SER G 159 -25.82 35.15 -9.46
CA SER G 159 -25.20 35.86 -8.35
C SER G 159 -26.17 35.93 -7.17
N GLY G 160 -25.68 36.52 -6.08
CA GLY G 160 -26.49 36.80 -4.91
C GLY G 160 -27.63 37.81 -5.12
N PHE G 161 -27.61 38.56 -6.23
CA PHE G 161 -28.76 39.41 -6.56
C PHE G 161 -29.86 38.69 -7.34
N GLU G 162 -29.64 37.40 -7.64
CA GLU G 162 -30.60 36.59 -8.36
C GLU G 162 -31.08 35.41 -7.52
N ILE G 163 -30.13 34.65 -6.96
CA ILE G 163 -30.42 33.62 -5.99
C ILE G 163 -29.73 33.98 -4.70
N ASP G 164 -30.52 34.34 -3.70
CA ASP G 164 -29.99 34.56 -2.37
C ASP G 164 -30.01 33.23 -1.66
N LEU G 165 -28.84 32.63 -1.60
CA LEU G 165 -28.63 31.33 -1.00
C LEU G 165 -28.47 31.58 0.49
N LYS G 166 -29.18 30.81 1.31
CA LYS G 166 -29.13 30.90 2.77
C LYS G 166 -29.02 29.52 3.43
N THR G 167 -28.70 29.51 4.72
CA THR G 167 -28.77 28.30 5.53
C THR G 167 -29.72 28.58 6.69
N ASP G 168 -30.22 27.51 7.33
CA ASP G 168 -30.99 27.61 8.59
C ASP G 168 -30.11 27.40 9.80
N THR G 169 -28.92 26.87 9.58
CA THR G 169 -27.96 26.67 10.67
C THR G 169 -26.60 26.45 10.06
N ASP G 170 -25.53 26.68 10.83
CA ASP G 170 -24.19 26.40 10.34
C ASP G 170 -23.69 25.02 10.78
N GLN G 171 -24.56 24.26 11.44
CA GLN G 171 -24.22 22.91 11.85
C GLN G 171 -24.78 21.91 10.85
N VAL G 172 -23.91 21.11 10.25
CA VAL G 172 -24.37 19.97 9.42
C VAL G 172 -25.07 18.98 10.37
N ASP G 173 -26.18 18.43 9.92
CA ASP G 173 -26.93 17.47 10.69
C ASP G 173 -26.19 16.13 10.61
N LEU G 174 -25.78 15.65 11.77
CA LEU G 174 -25.05 14.38 11.90
C LEU G 174 -25.89 13.26 12.53
N SER G 175 -27.18 13.49 12.69
CA SER G 175 -28.04 12.58 13.43
C SER G 175 -28.44 11.34 12.62
N SER G 176 -28.22 11.38 11.30
CA SER G 176 -28.35 10.18 10.44
C SER G 176 -26.97 9.59 10.08
N TYR G 177 -25.88 10.08 10.65
CA TYR G 177 -24.55 9.58 10.24
C TYR G 177 -24.37 8.11 10.60
N TYR G 178 -23.80 7.36 9.67
CA TYR G 178 -23.67 5.92 9.80
C TYR G 178 -22.67 5.53 10.91
N ALA G 179 -23.20 4.96 12.00
CA ALA G 179 -22.42 4.64 13.21
C ALA G 179 -21.27 3.69 12.97
N SER G 180 -21.36 2.84 11.94
CA SER G 180 -20.28 1.91 11.64
C SER G 180 -19.47 2.23 10.37
N SER G 181 -19.45 3.52 9.99
CA SER G 181 -18.61 4.02 8.89
C SER G 181 -17.16 3.69 9.19
N LYS G 182 -16.32 3.63 8.16
CA LYS G 182 -14.89 3.51 8.37
C LYS G 182 -14.36 4.79 9.00
N TYR G 183 -15.10 5.89 8.88
CA TYR G 183 -14.66 7.20 9.37
C TYR G 183 -15.64 7.82 10.36
N GLU G 184 -15.08 8.34 11.44
CA GLU G 184 -15.87 9.06 12.44
CA GLU G 184 -15.78 9.05 12.49
C GLU G 184 -15.77 10.56 12.17
N ILE G 185 -16.87 11.26 12.41
CA ILE G 185 -16.90 12.71 12.20
C ILE G 185 -16.52 13.47 13.47
N LEU G 186 -15.47 14.28 13.37
CA LEU G 186 -15.03 15.10 14.49
C LEU G 186 -15.83 16.41 14.48
N SER G 187 -16.00 17.00 13.30
CA SER G 187 -16.93 18.11 13.15
C SER G 187 -17.37 18.30 11.71
N ALA G 188 -18.52 18.96 11.53
CA ALA G 188 -19.07 19.24 10.21
C ALA G 188 -19.90 20.50 10.24
N THR G 189 -19.46 21.50 9.47
CA THR G 189 -20.10 22.81 9.45
C THR G 189 -20.44 23.21 8.02
N GLN G 190 -21.45 24.05 7.87
CA GLN G 190 -21.93 24.51 6.56
C GLN G 190 -22.08 26.04 6.67
N THR G 191 -21.15 26.78 6.07
CA THR G 191 -21.08 28.23 6.30
C THR G 191 -21.44 29.00 5.04
N ARG G 192 -22.52 29.76 5.12
CA ARG G 192 -22.87 30.66 4.04
C ARG G 192 -21.79 31.73 3.96
N GLN G 193 -21.15 31.87 2.79
CA GLN G 193 -20.09 32.86 2.57
C GLN G 193 -20.46 33.76 1.39
N VAL G 194 -20.19 35.05 1.52
CA VAL G 194 -20.35 35.97 0.41
C VAL G 194 -18.95 36.30 -0.13
N GLN G 195 -18.81 36.29 -1.44
CA GLN G 195 -17.56 36.64 -2.11
CA GLN G 195 -17.56 36.63 -2.08
C GLN G 195 -17.78 37.88 -2.96
N HIS G 196 -16.82 38.80 -2.90
CA HIS G 196 -16.83 39.98 -3.73
C HIS G 196 -15.65 39.88 -4.69
N TYR G 197 -15.91 40.18 -5.95
CA TYR G 197 -14.87 40.17 -7.00
C TYR G 197 -14.57 41.59 -7.46
N SER G 198 -13.30 41.87 -7.76
CA SER G 198 -12.88 43.21 -8.26
C SER G 198 -13.67 43.68 -9.48
N CYS G 199 -13.96 42.77 -10.40
CA CYS G 199 -14.65 43.11 -11.66
C CYS G 199 -16.05 43.66 -11.44
N CYS G 200 -16.72 43.21 -10.39
CA CYS G 200 -18.16 43.20 -10.40
C CYS G 200 -18.77 43.66 -9.09
N PRO G 201 -19.89 44.39 -9.15
CA PRO G 201 -20.56 44.88 -7.94
C PRO G 201 -21.47 43.86 -7.22
N GLU G 202 -21.92 42.84 -7.95
CA GLU G 202 -22.80 41.81 -7.38
CA GLU G 202 -22.81 41.83 -7.37
C GLU G 202 -21.99 40.93 -6.43
N PRO G 203 -22.59 40.52 -5.31
CA PRO G 203 -21.97 39.56 -4.42
C PRO G 203 -22.27 38.15 -4.93
N TYR G 204 -21.39 37.21 -4.63
CA TYR G 204 -21.58 35.81 -5.00
C TYR G 204 -21.60 35.02 -3.71
N ILE G 205 -22.48 34.02 -3.64
CA ILE G 205 -22.73 33.30 -2.40
C ILE G 205 -22.46 31.85 -2.62
N ASP G 206 -21.77 31.21 -1.68
CA ASP G 206 -21.66 29.77 -1.61
C ASP G 206 -21.87 29.31 -0.17
N VAL G 207 -22.10 28.00 -0.01
CA VAL G 207 -22.10 27.36 1.30
C VAL G 207 -20.90 26.42 1.35
N ASN G 208 -19.99 26.70 2.27
CA ASN G 208 -18.78 25.92 2.47
C ASN G 208 -18.99 24.80 3.49
N LEU G 209 -18.99 23.57 2.99
CA LEU G 209 -19.14 22.40 3.80
C LEU G 209 -17.75 21.95 4.24
N VAL G 210 -17.47 22.02 5.54
CA VAL G 210 -16.16 21.68 6.07
C VAL G 210 -16.33 20.48 7.02
N VAL G 211 -15.64 19.39 6.71
CA VAL G 211 -15.76 18.17 7.47
C VAL G 211 -14.38 17.75 7.98
N LYS G 212 -14.31 17.54 9.28
CA LYS G 212 -13.11 17.01 9.96
C LYS G 212 -13.42 15.59 10.40
N PHE G 213 -12.57 14.63 10.02
CA PHE G 213 -12.86 13.21 10.20
C PHE G 213 -11.59 12.40 10.41
N ARG G 214 -11.75 11.20 10.96
CA ARG G 214 -10.63 10.29 11.17
C ARG G 214 -11.13 8.85 11.12
N GLU G 215 -10.20 7.91 10.99
CA GLU G 215 -10.55 6.49 10.92
C GLU G 215 -11.14 6.11 12.25
N ARG G 216 -12.18 5.28 12.23
CA ARG G 216 -12.92 4.94 13.45
CA ARG G 216 -12.92 4.92 13.44
C ARG G 216 -12.07 4.16 14.44
N ASP H 6 -65.67 -16.56 -30.07
CA ASP H 6 -65.68 -15.09 -30.35
C ASP H 6 -64.71 -14.36 -29.44
N ASP H 7 -64.79 -14.64 -28.13
CA ASP H 7 -63.87 -14.05 -27.15
C ASP H 7 -62.42 -14.50 -27.40
N LYS H 8 -62.25 -15.75 -27.81
CA LYS H 8 -60.92 -16.31 -28.07
C LYS H 8 -60.33 -15.82 -29.39
N LEU H 9 -61.18 -15.48 -30.35
CA LEU H 9 -60.74 -14.94 -31.65
C LEU H 9 -60.51 -13.42 -31.63
N HIS H 10 -61.01 -12.73 -30.60
CA HIS H 10 -60.96 -11.26 -30.55
C HIS H 10 -60.12 -10.69 -29.41
N SER H 11 -59.28 -11.52 -28.78
CA SER H 11 -58.61 -11.09 -27.54
C SER H 11 -57.68 -9.88 -27.73
N GLN H 12 -56.91 -9.84 -28.82
CA GLN H 12 -56.05 -8.69 -29.14
C GLN H 12 -56.86 -7.39 -29.18
N ALA H 13 -57.98 -7.44 -29.91
CA ALA H 13 -58.92 -6.32 -29.99
C ALA H 13 -59.41 -5.92 -28.60
N ASN H 14 -59.89 -6.89 -27.84
CA ASN H 14 -60.37 -6.65 -26.48
C ASN H 14 -59.29 -6.06 -25.54
N LEU H 15 -58.03 -6.50 -25.69
CA LEU H 15 -56.93 -5.96 -24.86
C LEU H 15 -56.63 -4.51 -25.23
N MET H 16 -56.51 -4.24 -26.53
CA MET H 16 -56.27 -2.89 -27.03
C MET H 16 -57.37 -1.95 -26.53
N ARG H 17 -58.62 -2.44 -26.53
CA ARG H 17 -59.76 -1.66 -26.07
C ARG H 17 -59.75 -1.40 -24.56
N LEU H 18 -59.37 -2.41 -23.78
CA LEU H 18 -59.23 -2.26 -22.33
C LEU H 18 -58.12 -1.26 -22.00
N LYS H 19 -57.00 -1.38 -22.69
CA LYS H 19 -55.87 -0.48 -22.46
C LYS H 19 -56.22 0.96 -22.84
N SER H 20 -56.95 1.14 -23.92
CA SER H 20 -57.32 2.50 -24.32
C SER H 20 -58.37 3.03 -23.33
N ASP H 21 -59.34 2.21 -22.95
CA ASP H 21 -60.33 2.60 -21.93
C ASP H 21 -59.69 3.02 -20.60
N LEU H 22 -58.70 2.27 -20.15
CA LEU H 22 -58.09 2.56 -18.84
C LEU H 22 -57.10 3.72 -18.91
N PHE H 23 -56.31 3.79 -19.98
CA PHE H 23 -55.21 4.75 -20.05
C PHE H 23 -55.57 6.07 -20.77
N ASN H 24 -56.62 6.06 -21.60
CA ASN H 24 -56.97 7.24 -22.43
C ASN H 24 -58.39 7.80 -22.25
N ARG H 25 -59.24 7.16 -21.47
CA ARG H 25 -60.66 7.54 -21.39
C ARG H 25 -61.13 8.06 -20.02
N SER H 26 -60.44 7.68 -18.96
CA SER H 26 -60.72 8.16 -17.61
C SER H 26 -59.41 8.69 -17.03
N PRO H 27 -59.49 9.47 -15.92
CA PRO H 27 -58.26 10.08 -15.43
C PRO H 27 -57.34 9.04 -14.79
N MET H 28 -56.04 9.13 -15.07
CA MET H 28 -55.08 8.23 -14.43
C MET H 28 -54.97 8.57 -12.93
N TYR H 29 -54.40 7.64 -12.16
CA TYR H 29 -54.13 7.86 -10.75
C TYR H 29 -53.03 8.90 -10.58
N PRO H 30 -53.30 9.99 -9.82
CA PRO H 30 -52.33 11.06 -9.58
C PRO H 30 -51.45 10.85 -8.34
N GLY H 31 -51.67 9.77 -7.59
CA GLY H 31 -50.90 9.51 -6.37
C GLY H 31 -51.78 9.63 -5.13
N PRO H 32 -51.29 9.12 -3.99
CA PRO H 32 -52.09 9.14 -2.78
C PRO H 32 -52.15 10.52 -2.14
N THR H 33 -53.15 10.71 -1.29
CA THR H 33 -53.30 11.91 -0.48
C THR H 33 -53.69 11.49 0.94
N LYS H 34 -53.76 12.45 1.85
CA LYS H 34 -54.16 12.14 3.21
C LYS H 34 -55.62 11.70 3.25
N ASP H 35 -56.44 12.23 2.34
CA ASP H 35 -57.87 11.87 2.27
C ASP H 35 -58.07 10.51 1.58
N ASP H 36 -57.06 10.08 0.82
CA ASP H 36 -57.15 8.87 0.03
C ASP H 36 -55.80 8.11 0.07
N PRO H 37 -55.47 7.51 1.22
CA PRO H 37 -54.17 6.86 1.36
C PRO H 37 -54.10 5.53 0.60
N LEU H 38 -52.90 5.10 0.25
CA LEU H 38 -52.71 3.88 -0.52
C LEU H 38 -51.91 2.88 0.27
N THR H 39 -52.39 1.66 0.34
CA THR H 39 -51.60 0.60 0.89
C THR H 39 -50.64 0.02 -0.18
N VAL H 40 -49.38 -0.12 0.21
CA VAL H 40 -48.34 -0.74 -0.62
C VAL H 40 -47.69 -1.83 0.21
N THR H 41 -47.72 -3.06 -0.31
CA THR H 41 -47.14 -4.19 0.39
C THR H 41 -45.81 -4.50 -0.23
N LEU H 42 -44.80 -4.61 0.63
CA LEU H 42 -43.42 -4.76 0.22
C LEU H 42 -42.84 -6.07 0.75
N GLY H 43 -42.13 -6.80 -0.10
CA GLY H 43 -41.44 -8.00 0.32
C GLY H 43 -40.17 -8.26 -0.47
N PHE H 44 -39.17 -8.83 0.19
CA PHE H 44 -37.90 -9.10 -0.45
C PHE H 44 -37.61 -10.57 -0.62
N THR H 45 -36.99 -10.88 -1.76
CA THR H 45 -36.48 -12.18 -2.09
C THR H 45 -34.97 -12.02 -2.36
N LEU H 46 -34.17 -12.45 -1.41
CA LEU H 46 -32.72 -12.21 -1.47
C LEU H 46 -32.06 -13.29 -2.31
N GLN H 47 -31.35 -12.89 -3.37
CA GLN H 47 -30.75 -13.84 -4.28
CA GLN H 47 -30.74 -13.81 -4.33
C GLN H 47 -29.25 -14.03 -4.07
N ASP H 48 -28.53 -12.98 -3.67
CA ASP H 48 -27.09 -13.12 -3.49
C ASP H 48 -26.53 -11.94 -2.70
N ILE H 49 -25.56 -12.21 -1.82
CA ILE H 49 -24.64 -11.22 -1.34
C ILE H 49 -23.40 -11.37 -2.21
N VAL H 50 -23.20 -10.40 -3.09
CA VAL H 50 -22.20 -10.50 -4.14
C VAL H 50 -20.83 -10.17 -3.58
N LYS H 51 -20.77 -9.08 -2.81
CA LYS H 51 -19.53 -8.47 -2.36
C LYS H 51 -19.67 -7.83 -0.97
N ALA H 52 -18.64 -7.97 -0.14
CA ALA H 52 -18.58 -7.26 1.13
C ALA H 52 -17.21 -6.58 1.21
N ASP H 53 -17.21 -5.26 1.24
CA ASP H 53 -15.99 -4.48 1.13
C ASP H 53 -15.65 -3.86 2.48
N SER H 54 -14.67 -4.42 3.16
CA SER H 54 -14.28 -3.93 4.47
C SER H 54 -13.38 -2.67 4.37
N SER H 55 -12.94 -2.31 3.18
CA SER H 55 -12.14 -1.09 3.03
C SER H 55 -13.02 0.17 2.99
N THR H 56 -14.26 0.03 2.53
CA THR H 56 -15.23 1.15 2.49
C THR H 56 -16.49 0.93 3.35
N ASN H 57 -16.61 -0.27 3.92
CA ASN H 57 -17.84 -0.72 4.61
C ASN H 57 -19.09 -0.54 3.73
N GLU H 58 -19.08 -1.24 2.61
CA GLU H 58 -20.19 -1.31 1.69
C GLU H 58 -20.40 -2.79 1.39
N VAL H 59 -21.66 -3.17 1.25
CA VAL H 59 -22.03 -4.53 0.86
C VAL H 59 -22.99 -4.41 -0.31
N ASP H 60 -22.86 -5.35 -1.25
CA ASP H 60 -23.66 -5.38 -2.46
C ASP H 60 -24.58 -6.58 -2.44
N LEU H 61 -25.88 -6.34 -2.59
CA LEU H 61 -26.91 -7.37 -2.61
C LEU H 61 -27.62 -7.39 -3.94
N VAL H 62 -28.10 -8.57 -4.31
CA VAL H 62 -29.01 -8.77 -5.43
C VAL H 62 -30.26 -9.38 -4.87
N TYR H 63 -31.40 -8.77 -5.16
CA TYR H 63 -32.68 -9.23 -4.66
C TYR H 63 -33.79 -8.85 -5.63
N TYR H 64 -34.95 -9.48 -5.44
CA TYR H 64 -36.18 -9.13 -6.12
C TYR H 64 -37.01 -8.39 -5.08
N GLU H 65 -37.49 -7.19 -5.40
CA GLU H 65 -38.32 -6.43 -4.50
C GLU H 65 -39.75 -6.48 -5.01
N GLN H 66 -40.63 -7.16 -4.28
CA GLN H 66 -42.02 -7.27 -4.70
C GLN H 66 -42.83 -6.12 -4.09
N GLN H 67 -43.50 -5.37 -4.96
CA GLN H 67 -44.37 -4.28 -4.54
C GLN H 67 -45.79 -4.55 -5.04
N ARG H 68 -46.78 -4.37 -4.18
CA ARG H 68 -48.16 -4.57 -4.57
C ARG H 68 -49.08 -3.46 -4.04
N TRP H 69 -50.00 -3.01 -4.87
CA TRP H 69 -51.00 -2.03 -4.48
C TRP H 69 -52.25 -2.23 -5.37
N LYS H 70 -53.35 -1.58 -4.99
CA LYS H 70 -54.62 -1.77 -5.66
C LYS H 70 -55.28 -0.42 -5.86
N LEU H 71 -55.82 -0.19 -7.05
CA LEU H 71 -56.46 1.08 -7.41
C LEU H 71 -57.86 0.83 -7.99
N ASN H 72 -58.83 1.61 -7.54
CA ASN H 72 -60.17 1.56 -8.14
C ASN H 72 -60.10 1.90 -9.62
N SER H 73 -59.25 2.85 -9.97
CA SER H 73 -59.10 3.27 -11.37
C SER H 73 -58.57 2.20 -12.32
N LEU H 74 -58.08 1.07 -11.81
CA LEU H 74 -57.57 0.01 -12.68
C LEU H 74 -58.45 -1.24 -12.69
N MET H 75 -59.64 -1.19 -12.09
CA MET H 75 -60.50 -2.38 -12.11
C MET H 75 -61.36 -2.40 -13.36
N TRP H 76 -61.77 -3.60 -13.75
CA TRP H 76 -62.72 -3.76 -14.84
C TRP H 76 -63.44 -5.08 -14.69
N ASP H 77 -64.53 -5.21 -15.45
CA ASP H 77 -65.29 -6.43 -15.51
C ASP H 77 -64.72 -7.24 -16.67
N PRO H 78 -64.14 -8.42 -16.37
CA PRO H 78 -63.63 -9.29 -17.44
C PRO H 78 -64.69 -9.64 -18.51
N ASN H 79 -65.96 -9.65 -18.13
CA ASN H 79 -67.06 -9.94 -19.06
C ASN H 79 -67.27 -8.89 -20.16
N GLU H 80 -66.90 -7.64 -19.89
CA GLU H 80 -66.98 -6.59 -20.90
C GLU H 80 -65.80 -6.61 -21.87
N TYR H 81 -64.81 -7.47 -21.62
CA TYR H 81 -63.55 -7.44 -22.37
C TYR H 81 -63.08 -8.85 -22.71
N GLY H 82 -64.01 -9.67 -23.20
CA GLY H 82 -63.67 -10.99 -23.70
C GLY H 82 -62.98 -11.89 -22.69
N ASN H 83 -63.38 -11.76 -21.42
CA ASN H 83 -62.80 -12.52 -20.31
C ASN H 83 -61.31 -12.22 -20.07
N ILE H 84 -60.84 -11.04 -20.48
CA ILE H 84 -59.49 -10.57 -20.11
C ILE H 84 -59.49 -10.31 -18.60
N THR H 85 -58.62 -11.02 -17.88
CA THR H 85 -58.54 -10.90 -16.42
C THR H 85 -57.27 -10.19 -15.95
N ASP H 86 -56.29 -10.02 -16.83
CA ASP H 86 -55.10 -9.25 -16.52
C ASP H 86 -54.39 -8.74 -17.78
N PHE H 87 -53.48 -7.80 -17.60
CA PHE H 87 -52.55 -7.42 -18.68
C PHE H 87 -51.21 -6.93 -18.11
N ARG H 88 -50.28 -6.62 -19.00
CA ARG H 88 -48.98 -6.05 -18.63
C ARG H 88 -48.87 -4.62 -19.10
N THR H 89 -48.17 -3.80 -18.33
CA THR H 89 -47.92 -2.43 -18.68
C THR H 89 -46.49 -2.03 -18.34
N SER H 90 -45.87 -1.21 -19.18
CA SER H 90 -44.62 -0.56 -18.79
C SER H 90 -44.86 0.18 -17.49
N ALA H 91 -43.91 0.09 -16.57
CA ALA H 91 -44.01 0.73 -15.26
C ALA H 91 -44.00 2.25 -15.40
N ALA H 92 -43.44 2.74 -16.51
CA ALA H 92 -43.40 4.17 -16.82
C ALA H 92 -44.78 4.74 -17.12
N ASP H 93 -45.71 3.89 -17.52
CA ASP H 93 -47.02 4.32 -17.99
C ASP H 93 -48.09 4.33 -16.90
N ILE H 94 -47.74 3.92 -15.69
CA ILE H 94 -48.63 4.02 -14.54
C ILE H 94 -47.88 4.65 -13.37
N TRP H 95 -48.62 5.16 -12.40
CA TRP H 95 -48.03 5.56 -11.14
C TRP H 95 -47.39 4.34 -10.44
N THR H 96 -46.22 4.55 -9.84
CA THR H 96 -45.59 3.55 -8.98
C THR H 96 -45.07 4.24 -7.72
N PRO H 97 -45.05 3.51 -6.60
CA PRO H 97 -44.57 4.11 -5.35
C PRO H 97 -43.06 4.38 -5.35
N ASP H 98 -42.69 5.43 -4.63
CA ASP H 98 -41.33 5.91 -4.56
C ASP H 98 -40.48 5.23 -3.43
N ILE H 99 -40.54 3.90 -3.37
CA ILE H 99 -39.85 3.13 -2.36
C ILE H 99 -38.37 3.19 -2.62
N THR H 100 -37.60 3.55 -1.60
CA THR H 100 -36.17 3.78 -1.72
C THR H 100 -35.43 3.15 -0.57
N ALA H 101 -34.22 2.63 -0.82
CA ALA H 101 -33.30 2.29 0.25
C ALA H 101 -32.82 3.62 0.84
N TYR H 102 -32.77 3.71 2.18
CA TYR H 102 -32.38 4.96 2.85
C TYR H 102 -30.87 5.14 3.05
N SER H 103 -30.11 4.04 2.95
CA SER H 103 -28.67 4.05 3.21
C SER H 103 -27.89 3.36 2.09
N SER H 104 -28.40 3.45 0.86
CA SER H 104 -27.62 3.10 -0.34
C SER H 104 -26.40 4.01 -0.49
N THR H 105 -25.32 3.47 -1.09
CA THR H 105 -24.13 4.25 -1.38
C THR H 105 -23.86 4.46 -2.88
N ARG H 106 -24.64 3.79 -3.70
CA ARG H 106 -24.60 3.92 -5.16
CA ARG H 106 -24.60 3.92 -5.16
C ARG H 106 -26.04 3.85 -5.67
N PRO H 107 -26.32 4.49 -6.83
CA PRO H 107 -27.65 4.34 -7.43
C PRO H 107 -27.97 2.86 -7.63
N VAL H 108 -29.19 2.47 -7.28
CA VAL H 108 -29.62 1.08 -7.46
CA VAL H 108 -29.63 1.08 -7.45
C VAL H 108 -29.59 0.73 -8.94
N GLN H 109 -29.23 -0.52 -9.24
CA GLN H 109 -29.16 -0.95 -10.63
C GLN H 109 -30.29 -1.94 -10.86
N VAL H 110 -31.13 -1.69 -11.86
CA VAL H 110 -32.25 -2.55 -12.16
C VAL H 110 -31.81 -3.65 -13.13
N LEU H 111 -32.18 -4.90 -12.82
CA LEU H 111 -31.79 -6.07 -13.58
C LEU H 111 -32.91 -6.71 -14.42
N SER H 112 -34.13 -6.22 -14.26
CA SER H 112 -35.30 -6.86 -14.90
C SER H 112 -36.05 -5.80 -15.69
N PRO H 113 -36.82 -6.23 -16.72
CA PRO H 113 -37.63 -5.30 -17.52
C PRO H 113 -38.62 -4.57 -16.63
N GLN H 114 -38.76 -3.27 -16.83
CA GLN H 114 -39.65 -2.50 -15.96
C GLN H 114 -41.11 -2.60 -16.44
N ILE H 115 -41.72 -3.75 -16.11
CA ILE H 115 -43.09 -4.07 -16.52
C ILE H 115 -43.88 -4.51 -15.28
N ALA H 116 -45.10 -4.00 -15.15
CA ALA H 116 -46.01 -4.37 -14.08
C ALA H 116 -47.11 -5.29 -14.60
N VAL H 117 -47.69 -6.06 -13.69
CA VAL H 117 -48.88 -6.87 -13.94
C VAL H 117 -50.11 -6.23 -13.30
N VAL H 118 -51.14 -5.97 -14.10
CA VAL H 118 -52.38 -5.38 -13.59
C VAL H 118 -53.47 -6.42 -13.75
N THR H 119 -54.19 -6.65 -12.66
CA THR H 119 -55.31 -7.61 -12.60
C THR H 119 -56.65 -6.86 -12.51
N HIS H 120 -57.73 -7.52 -12.93
CA HIS H 120 -59.06 -6.91 -13.07
C HIS H 120 -59.69 -6.40 -11.75
N ASP H 121 -59.19 -6.87 -10.62
CA ASP H 121 -59.59 -6.29 -9.32
C ASP H 121 -58.87 -4.99 -9.01
N GLY H 122 -58.08 -4.48 -9.96
CA GLY H 122 -57.35 -3.24 -9.77
C GLY H 122 -55.98 -3.40 -9.09
N SER H 123 -55.55 -4.63 -8.81
CA SER H 123 -54.24 -4.82 -8.18
C SER H 123 -53.10 -4.76 -9.19
N VAL H 124 -51.98 -4.19 -8.74
CA VAL H 124 -50.78 -4.04 -9.54
C VAL H 124 -49.67 -4.75 -8.81
N MET H 125 -48.94 -5.56 -9.54
CA MET H 125 -47.74 -6.23 -9.01
CA MET H 125 -47.73 -6.18 -8.98
C MET H 125 -46.53 -5.80 -9.83
N PHE H 126 -45.49 -5.34 -9.15
CA PHE H 126 -44.31 -4.83 -9.80
C PHE H 126 -43.16 -5.41 -9.00
N ILE H 127 -42.25 -6.11 -9.70
CA ILE H 127 -41.18 -6.88 -9.02
C ILE H 127 -39.84 -6.62 -9.67
N PRO H 128 -39.22 -5.48 -9.34
CA PRO H 128 -37.94 -5.20 -9.94
C PRO H 128 -36.83 -6.01 -9.26
N ALA H 129 -36.00 -6.64 -10.07
CA ALA H 129 -34.75 -7.22 -9.60
C ALA H 129 -33.71 -6.11 -9.56
N GLN H 130 -32.95 -6.04 -8.46
CA GLN H 130 -32.07 -4.91 -8.23
C GLN H 130 -30.73 -5.37 -7.64
N ARG H 131 -29.66 -4.66 -8.01
CA ARG H 131 -28.38 -4.73 -7.30
C ARG H 131 -28.21 -3.42 -6.54
N LEU H 132 -27.94 -3.54 -5.24
CA LEU H 132 -27.87 -2.45 -4.32
C LEU H 132 -26.54 -2.49 -3.55
N SER H 133 -25.86 -1.36 -3.49
CA SER H 133 -24.73 -1.17 -2.58
C SER H 133 -25.23 -0.33 -1.42
N PHE H 134 -24.97 -0.77 -0.20
CA PHE H 134 -25.44 -0.02 0.98
C PHE H 134 -24.41 -0.09 2.12
N MET H 135 -24.62 0.77 3.11
CA MET H 135 -23.68 0.93 4.21
C MET H 135 -23.75 -0.26 5.12
N CYS H 136 -22.61 -0.93 5.27
CA CYS H 136 -22.54 -2.14 6.06
C CYS H 136 -21.09 -2.43 6.46
N ASP H 137 -20.84 -2.57 7.75
CA ASP H 137 -19.56 -3.05 8.27
C ASP H 137 -19.55 -4.58 8.31
N PRO H 138 -18.75 -5.22 7.43
CA PRO H 138 -18.73 -6.68 7.40
C PRO H 138 -17.86 -7.36 8.46
N THR H 139 -17.31 -6.60 9.42
CA THR H 139 -16.56 -7.20 10.54
C THR H 139 -17.33 -8.38 11.11
N GLY H 140 -16.63 -9.51 11.24
CA GLY H 140 -17.21 -10.74 11.74
C GLY H 140 -17.58 -11.73 10.67
N VAL H 141 -17.51 -11.33 9.41
CA VAL H 141 -18.01 -12.16 8.32
C VAL H 141 -17.19 -13.45 8.19
N ASP H 142 -15.93 -13.41 8.64
CA ASP H 142 -15.06 -14.60 8.62
C ASP H 142 -15.08 -15.40 9.95
N SER H 143 -16.13 -15.23 10.75
CA SER H 143 -16.31 -16.00 11.98
C SER H 143 -17.64 -16.74 11.96
N GLU H 144 -17.80 -17.68 12.89
CA GLU H 144 -19.02 -18.48 13.00
C GLU H 144 -20.30 -17.63 13.20
N GLU H 145 -20.19 -16.61 14.06
CA GLU H 145 -21.29 -15.68 14.34
C GLU H 145 -21.69 -14.82 13.13
N GLY H 146 -20.74 -14.53 12.25
CA GLY H 146 -21.01 -13.81 11.02
C GLY H 146 -21.08 -12.32 11.23
N ALA H 147 -21.36 -11.60 10.15
CA ALA H 147 -21.61 -10.17 10.17
C ALA H 147 -23.12 -9.91 10.22
N THR H 148 -23.50 -8.71 10.64
CA THR H 148 -24.89 -8.26 10.53
C THR H 148 -24.96 -6.90 9.89
N CYS H 149 -25.92 -6.71 8.99
CA CYS H 149 -26.18 -5.40 8.44
CA CYS H 149 -26.18 -5.39 8.42
C CYS H 149 -27.66 -5.18 8.18
N ALA H 150 -28.01 -3.91 8.03
CA ALA H 150 -29.39 -3.53 7.94
C ALA H 150 -29.51 -2.33 7.04
N VAL H 151 -30.59 -2.29 6.29
CA VAL H 151 -30.94 -1.16 5.45
C VAL H 151 -32.46 -0.99 5.47
N LYS H 152 -32.91 0.23 5.68
CA LYS H 152 -34.33 0.56 5.74
C LYS H 152 -34.82 0.91 4.34
N PHE H 153 -36.05 0.50 4.01
CA PHE H 153 -36.71 0.89 2.78
C PHE H 153 -38.03 1.60 3.11
N GLY H 154 -38.34 2.63 2.35
CA GLY H 154 -39.62 3.33 2.48
C GLY H 154 -39.79 4.38 1.42
N SER H 155 -40.96 5.02 1.43
CA SER H 155 -41.26 6.09 0.52
C SER H 155 -40.33 7.26 0.86
N TRP H 156 -39.81 7.92 -0.17
CA TRP H 156 -39.03 9.17 0.02
C TRP H 156 -39.88 10.39 0.47
N VAL H 157 -41.09 10.53 -0.05
CA VAL H 157 -41.84 11.80 0.11
C VAL H 157 -43.25 11.65 0.71
N TYR H 158 -43.67 10.42 1.08
CA TYR H 158 -45.02 10.20 1.61
C TYR H 158 -44.97 9.65 3.03
N SER H 159 -45.78 10.22 3.93
CA SER H 159 -45.85 9.69 5.29
C SER H 159 -46.72 8.43 5.32
N GLY H 160 -46.82 7.82 6.49
CA GLY H 160 -47.73 6.70 6.73
C GLY H 160 -49.19 7.08 6.61
N PHE H 161 -49.51 8.37 6.66
CA PHE H 161 -50.87 8.79 6.36
C PHE H 161 -51.20 8.88 4.86
N GLU H 162 -50.20 8.75 4.00
CA GLU H 162 -50.39 8.83 2.55
C GLU H 162 -50.09 7.49 1.89
N ILE H 163 -48.93 6.90 2.17
CA ILE H 163 -48.66 5.51 1.80
C ILE H 163 -48.55 4.63 3.05
N ASP H 164 -49.47 3.69 3.18
CA ASP H 164 -49.42 2.78 4.32
C ASP H 164 -48.62 1.58 3.91
N LEU H 165 -47.36 1.54 4.31
CA LEU H 165 -46.45 0.49 3.90
C LEU H 165 -46.60 -0.72 4.81
N LYS H 166 -46.82 -1.89 4.22
CA LYS H 166 -47.02 -3.15 4.94
C LYS H 166 -46.13 -4.26 4.37
N THR H 167 -46.02 -5.35 5.13
CA THR H 167 -45.39 -6.59 4.69
C THR H 167 -46.40 -7.69 4.89
N ASP H 168 -46.20 -8.81 4.20
CA ASP H 168 -47.01 -10.02 4.40
C ASP H 168 -46.38 -10.94 5.43
N THR H 169 -45.06 -10.84 5.59
CA THR H 169 -44.29 -11.68 6.50
C THR H 169 -43.03 -10.92 6.86
N ASP H 170 -42.49 -11.16 8.04
CA ASP H 170 -41.18 -10.58 8.39
C ASP H 170 -40.01 -11.48 8.00
N GLN H 171 -40.28 -12.58 7.31
CA GLN H 171 -39.24 -13.49 6.85
C GLN H 171 -38.86 -13.15 5.42
N VAL H 172 -37.60 -12.79 5.19
CA VAL H 172 -37.15 -12.58 3.80
C VAL H 172 -37.20 -13.94 3.11
N ASP H 173 -37.63 -13.95 1.86
CA ASP H 173 -37.71 -15.18 1.10
C ASP H 173 -36.29 -15.55 0.68
N LEU H 174 -35.83 -16.73 1.10
CA LEU H 174 -34.48 -17.21 0.76
C LEU H 174 -34.50 -18.42 -0.19
N SER H 175 -35.67 -18.73 -0.72
CA SER H 175 -35.79 -19.92 -1.57
C SER H 175 -35.08 -19.77 -2.92
N SER H 176 -34.74 -18.55 -3.30
CA SER H 176 -33.94 -18.29 -4.52
C SER H 176 -32.49 -17.88 -4.21
N TYR H 177 -32.04 -18.05 -2.98
CA TYR H 177 -30.69 -17.59 -2.63
C TYR H 177 -29.68 -18.49 -3.33
N TYR H 178 -28.69 -17.87 -3.97
CA TYR H 178 -27.64 -18.59 -4.68
C TYR H 178 -26.79 -19.51 -3.78
N ALA H 179 -26.92 -20.81 -4.03
CA ALA H 179 -26.28 -21.88 -3.23
C ALA H 179 -24.77 -21.83 -3.20
N SER H 180 -24.14 -21.26 -4.23
CA SER H 180 -22.69 -21.16 -4.24
C SER H 180 -22.16 -19.73 -4.10
N SER H 181 -22.96 -18.85 -3.48
CA SER H 181 -22.48 -17.51 -3.12
C SER H 181 -21.22 -17.57 -2.30
N LYS H 182 -20.40 -16.51 -2.33
CA LYS H 182 -19.31 -16.40 -1.40
C LYS H 182 -19.81 -16.37 0.05
N TYR H 183 -21.06 -15.97 0.24
CA TYR H 183 -21.65 -15.80 1.58
C TYR H 183 -22.92 -16.61 1.79
N GLU H 184 -23.02 -17.26 2.95
N GLU H 184 -22.99 -17.16 3.00
CA GLU H 184 -24.23 -17.96 3.31
CA GLU H 184 -24.07 -17.97 3.58
C GLU H 184 -25.02 -17.14 4.31
C GLU H 184 -25.02 -17.04 4.33
N ILE H 185 -26.34 -17.22 4.18
CA ILE H 185 -27.28 -16.44 4.98
C ILE H 185 -27.60 -17.17 6.28
N LEU H 186 -27.35 -16.49 7.39
CA LEU H 186 -27.64 -17.05 8.69
C LEU H 186 -29.08 -16.67 9.05
N SER H 187 -29.48 -15.45 8.72
CA SER H 187 -30.89 -15.06 8.77
C SER H 187 -31.13 -13.79 8.00
N ALA H 188 -32.37 -13.60 7.57
CA ALA H 188 -32.74 -12.40 6.85
C ALA H 188 -34.18 -12.07 7.20
N THR H 189 -34.38 -10.90 7.79
CA THR H 189 -35.71 -10.48 8.20
C THR H 189 -36.06 -9.12 7.60
N GLN H 190 -37.36 -8.86 7.52
CA GLN H 190 -37.88 -7.61 6.97
C GLN H 190 -38.99 -7.10 7.90
N THR H 191 -38.65 -6.14 8.75
CA THR H 191 -39.50 -5.73 9.86
C THR H 191 -40.06 -4.33 9.62
N ARG H 192 -41.37 -4.22 9.64
CA ARG H 192 -42.03 -2.93 9.53
C ARG H 192 -41.78 -2.13 10.78
N GLN H 193 -41.29 -0.91 10.61
CA GLN H 193 -41.05 0.01 11.72
C GLN H 193 -41.86 1.29 11.53
N VAL H 194 -42.34 1.83 12.65
CA VAL H 194 -43.06 3.11 12.67
C VAL H 194 -42.23 4.09 13.49
N GLN H 195 -41.96 5.26 12.90
CA GLN H 195 -41.18 6.30 13.56
CA GLN H 195 -41.16 6.31 13.56
C GLN H 195 -41.96 7.61 13.59
N HIS H 196 -41.73 8.41 14.64
CA HIS H 196 -42.34 9.71 14.76
C HIS H 196 -41.23 10.74 14.93
N TYR H 197 -41.42 11.92 14.35
CA TYR H 197 -40.47 13.03 14.52
C TYR H 197 -41.12 14.09 15.40
N SER H 198 -40.30 14.78 16.19
CA SER H 198 -40.77 15.80 17.15
C SER H 198 -41.61 16.90 16.50
N CYS H 199 -41.25 17.26 15.28
CA CYS H 199 -41.92 18.33 14.55
C CYS H 199 -43.40 18.09 14.29
N CYS H 200 -43.78 16.81 14.16
CA CYS H 200 -44.93 16.45 13.35
C CYS H 200 -45.69 15.27 13.94
N PRO H 201 -47.02 15.26 13.79
CA PRO H 201 -47.81 14.16 14.35
C PRO H 201 -47.82 12.86 13.52
N GLU H 202 -47.55 12.94 12.22
CA GLU H 202 -47.75 11.82 11.29
C GLU H 202 -46.75 10.69 11.55
N PRO H 203 -47.17 9.44 11.35
CA PRO H 203 -46.22 8.35 11.47
C PRO H 203 -45.40 8.19 10.20
N TYR H 204 -44.16 7.74 10.32
CA TYR H 204 -43.34 7.43 9.16
C TYR H 204 -42.98 5.95 9.22
N ILE H 205 -43.17 5.27 8.08
CA ILE H 205 -43.08 3.81 8.01
C ILE H 205 -41.87 3.42 7.18
N ASP H 206 -41.12 2.42 7.65
CA ASP H 206 -40.13 1.76 6.81
C ASP H 206 -40.12 0.26 7.06
N VAL H 207 -39.45 -0.45 6.17
CA VAL H 207 -39.23 -1.86 6.32
C VAL H 207 -37.73 -2.03 6.49
N ASN H 208 -37.35 -2.59 7.62
CA ASN H 208 -35.95 -2.78 7.96
C ASN H 208 -35.49 -4.17 7.52
N LEU H 209 -34.65 -4.21 6.50
CA LEU H 209 -34.08 -5.45 6.02
C LEU H 209 -32.82 -5.69 6.83
N VAL H 210 -32.80 -6.78 7.59
CA VAL H 210 -31.64 -7.15 8.40
C VAL H 210 -31.14 -8.52 7.97
N VAL H 211 -29.85 -8.58 7.57
CA VAL H 211 -29.25 -9.78 7.06
C VAL H 211 -28.03 -10.12 7.90
N LYS H 212 -27.99 -11.33 8.44
CA LYS H 212 -26.79 -11.86 9.10
C LYS H 212 -26.21 -12.93 8.20
N PHE H 213 -24.91 -12.83 7.94
CA PHE H 213 -24.25 -13.64 6.96
C PHE H 213 -22.80 -13.92 7.31
N ARG H 214 -22.25 -14.96 6.70
CA ARG H 214 -20.84 -15.25 6.84
C ARG H 214 -20.27 -15.89 5.59
N GLU H 215 -18.95 -15.86 5.50
CA GLU H 215 -18.19 -16.53 4.45
C GLU H 215 -18.52 -18.01 4.43
N ARG H 216 -18.91 -18.49 3.26
CA ARG H 216 -19.19 -19.91 3.04
C ARG H 216 -17.87 -20.71 3.10
N ARG H 217 -17.81 -21.74 3.95
CA ARG H 217 -16.63 -22.60 4.01
C ARG H 217 -17.03 -24.07 3.95
N LEU I 9 -35.24 5.88 -55.35
CA LEU I 9 -36.40 6.80 -55.22
C LEU I 9 -37.72 6.05 -55.02
N HIS I 10 -38.05 5.14 -55.95
CA HIS I 10 -39.28 4.36 -55.86
C HIS I 10 -39.25 3.34 -54.71
N SER I 11 -38.21 2.51 -54.67
CA SER I 11 -38.05 1.52 -53.60
C SER I 11 -37.92 2.19 -52.24
N GLN I 12 -37.23 3.32 -52.21
CA GLN I 12 -37.12 4.18 -51.04
C GLN I 12 -38.52 4.63 -50.58
N ALA I 13 -39.35 5.06 -51.54
CA ALA I 13 -40.74 5.44 -51.26
C ALA I 13 -41.60 4.25 -50.80
N ASN I 14 -41.39 3.09 -51.42
CA ASN I 14 -42.12 1.86 -51.09
C ASN I 14 -41.85 1.36 -49.67
N LEU I 15 -40.58 1.40 -49.27
CA LEU I 15 -40.20 1.04 -47.90
C LEU I 15 -40.89 1.97 -46.90
N MET I 16 -40.81 3.28 -47.15
CA MET I 16 -41.40 4.29 -46.26
C MET I 16 -42.91 4.17 -46.10
N ARG I 17 -43.59 3.73 -47.16
CA ARG I 17 -45.03 3.51 -47.10
C ARG I 17 -45.34 2.20 -46.39
N LEU I 18 -44.44 1.21 -46.52
CA LEU I 18 -44.60 -0.06 -45.80
C LEU I 18 -44.52 0.19 -44.29
N LYS I 19 -43.49 0.88 -43.85
CA LYS I 19 -43.30 1.16 -42.42
C LYS I 19 -44.46 2.01 -41.89
N SER I 20 -44.87 3.00 -42.67
CA SER I 20 -46.00 3.86 -42.31
C SER I 20 -47.30 3.04 -42.21
N ASP I 21 -47.53 2.16 -43.16
CA ASP I 21 -48.71 1.31 -43.16
C ASP I 21 -48.74 0.36 -41.95
N LEU I 22 -47.58 -0.21 -41.61
CA LEU I 22 -47.49 -1.15 -40.48
C LEU I 22 -47.53 -0.44 -39.11
N PHE I 23 -46.85 0.70 -38.98
CA PHE I 23 -46.66 1.36 -37.69
C PHE I 23 -47.59 2.57 -37.40
N ASN I 24 -48.29 3.10 -38.42
CA ASN I 24 -49.14 4.31 -38.26
C ASN I 24 -50.59 4.14 -38.74
N TYR I 29 -49.30 -3.66 -31.29
CA TYR I 29 -49.37 -5.00 -30.71
C TYR I 29 -49.19 -4.87 -29.19
N PRO I 30 -50.27 -5.17 -28.44
CA PRO I 30 -50.24 -4.96 -26.99
C PRO I 30 -49.53 -6.09 -26.23
N GLY I 31 -48.84 -6.96 -26.97
CA GLY I 31 -48.26 -8.16 -26.39
C GLY I 31 -49.22 -9.34 -26.46
N PRO I 32 -48.74 -10.52 -26.02
CA PRO I 32 -49.52 -11.73 -26.14
C PRO I 32 -50.56 -11.87 -25.04
N THR I 33 -51.50 -12.77 -25.26
CA THR I 33 -52.52 -13.06 -24.27
C THR I 33 -52.70 -14.57 -24.21
N LYS I 34 -53.39 -15.04 -23.17
CA LYS I 34 -53.72 -16.46 -23.03
C LYS I 34 -54.46 -17.01 -24.26
N ASP I 35 -55.38 -16.22 -24.80
CA ASP I 35 -56.16 -16.64 -25.97
C ASP I 35 -55.38 -16.47 -27.27
N ASP I 36 -54.29 -15.71 -27.24
CA ASP I 36 -53.45 -15.52 -28.42
C ASP I 36 -51.94 -15.54 -28.05
N PRO I 37 -51.43 -16.73 -27.70
CA PRO I 37 -50.05 -16.84 -27.24
C PRO I 37 -49.07 -16.63 -28.37
N LEU I 38 -47.83 -16.35 -28.01
CA LEU I 38 -46.78 -16.09 -28.97
C LEU I 38 -45.66 -17.08 -28.74
N THR I 39 -45.22 -17.77 -29.77
CA THR I 39 -43.98 -18.54 -29.66
C THR I 39 -42.78 -17.62 -29.81
N VAL I 40 -41.81 -17.74 -28.89
CA VAL I 40 -40.53 -17.06 -29.00
C VAL I 40 -39.44 -18.14 -28.98
N THR I 41 -38.61 -18.18 -30.01
CA THR I 41 -37.51 -19.14 -30.07
C THR I 41 -36.20 -18.44 -29.73
N LEU I 42 -35.46 -19.08 -28.83
CA LEU I 42 -34.29 -18.47 -28.22
CA LEU I 42 -34.31 -18.49 -28.17
C LEU I 42 -33.10 -19.39 -28.42
N GLY I 43 -31.98 -18.78 -28.81
CA GLY I 43 -30.73 -19.49 -28.95
C GLY I 43 -29.54 -18.60 -28.64
N PHE I 44 -28.45 -19.23 -28.22
CA PHE I 44 -27.26 -18.51 -27.78
C PHE I 44 -26.09 -18.89 -28.65
N THR I 45 -25.31 -17.88 -29.00
CA THR I 45 -24.00 -18.05 -29.63
C THR I 45 -22.96 -17.50 -28.66
N LEU I 46 -22.17 -18.38 -28.06
CA LEU I 46 -21.26 -17.94 -26.99
C LEU I 46 -19.93 -17.51 -27.63
N GLN I 47 -19.53 -16.26 -27.39
CA GLN I 47 -18.34 -15.72 -28.02
C GLN I 47 -17.12 -15.78 -27.12
N ASP I 48 -17.31 -15.64 -25.81
CA ASP I 48 -16.20 -15.47 -24.90
C ASP I 48 -16.66 -15.52 -23.45
N ILE I 49 -15.89 -16.21 -22.63
CA ILE I 49 -15.91 -16.02 -21.18
C ILE I 49 -14.77 -15.05 -20.93
N VAL I 50 -15.10 -13.86 -20.48
CA VAL I 50 -14.13 -12.79 -20.39
C VAL I 50 -13.38 -12.86 -19.09
N LYS I 51 -14.12 -13.10 -18.00
CA LYS I 51 -13.63 -12.96 -16.64
C LYS I 51 -14.39 -13.94 -15.74
N ALA I 52 -13.67 -14.63 -14.86
CA ALA I 52 -14.28 -15.39 -13.79
C ALA I 52 -13.69 -14.88 -12.48
N ASP I 53 -14.53 -14.32 -11.63
CA ASP I 53 -14.09 -13.62 -10.44
C ASP I 53 -14.40 -14.46 -9.20
N SER I 54 -13.36 -15.06 -8.62
CA SER I 54 -13.56 -15.98 -7.50
C SER I 54 -13.68 -15.24 -6.15
N SER I 55 -13.46 -13.93 -6.15
CA SER I 55 -13.69 -13.13 -4.92
C SER I 55 -15.15 -12.77 -4.70
N THR I 56 -15.94 -12.69 -5.79
CA THR I 56 -17.37 -12.38 -5.70
C THR I 56 -18.26 -13.50 -6.29
N ASN I 57 -17.66 -14.50 -6.90
CA ASN I 57 -18.39 -15.54 -7.64
C ASN I 57 -19.37 -14.94 -8.66
N GLU I 58 -18.78 -14.18 -9.59
CA GLU I 58 -19.41 -13.62 -10.76
C GLU I 58 -18.57 -14.03 -11.96
N VAL I 59 -19.24 -14.42 -13.04
CA VAL I 59 -18.57 -14.67 -14.31
C VAL I 59 -19.17 -13.79 -15.36
N ASP I 60 -18.34 -13.36 -16.30
CA ASP I 60 -18.76 -12.45 -17.35
C ASP I 60 -18.66 -13.17 -18.69
N LEU I 61 -19.79 -13.22 -19.41
CA LEU I 61 -19.91 -13.82 -20.73
C LEU I 61 -20.24 -12.76 -21.74
N VAL I 62 -19.75 -12.98 -22.95
CA VAL I 62 -20.15 -12.24 -24.13
C VAL I 62 -20.75 -13.25 -25.09
N TYR I 63 -21.98 -12.96 -25.53
CA TYR I 63 -22.73 -13.85 -26.39
C TYR I 63 -23.68 -13.06 -27.28
N TYR I 64 -24.13 -13.71 -28.33
CA TYR I 64 -25.23 -13.22 -29.14
C TYR I 64 -26.47 -13.99 -28.76
N GLU I 65 -27.53 -13.29 -28.41
CA GLU I 65 -28.78 -13.92 -28.01
C GLU I 65 -29.78 -13.79 -29.14
N GLN I 66 -30.04 -14.86 -29.87
CA GLN I 66 -31.00 -14.83 -30.99
C GLN I 66 -32.44 -15.04 -30.54
N GLN I 67 -33.33 -14.12 -30.89
CA GLN I 67 -34.73 -14.18 -30.53
C GLN I 67 -35.55 -14.09 -31.79
N ARG I 68 -36.53 -14.98 -31.96
CA ARG I 68 -37.38 -14.98 -33.14
CA ARG I 68 -37.38 -14.99 -33.14
C ARG I 68 -38.84 -15.21 -32.75
N TRP I 69 -39.71 -14.37 -33.28
CA TRP I 69 -41.15 -14.54 -33.11
C TRP I 69 -41.86 -14.12 -34.38
N LYS I 70 -43.16 -14.35 -34.44
CA LYS I 70 -43.90 -14.09 -35.67
C LYS I 70 -45.27 -13.50 -35.36
N LEU I 71 -45.60 -12.41 -36.06
CA LEU I 71 -46.86 -11.67 -35.83
C LEU I 71 -47.65 -11.52 -37.12
N ASN I 72 -48.94 -11.85 -37.05
CA ASN I 72 -49.85 -11.58 -38.17
C ASN I 72 -49.88 -10.10 -38.55
N SER I 73 -49.82 -9.22 -37.56
CA SER I 73 -49.86 -7.79 -37.81
C SER I 73 -48.61 -7.21 -38.48
N LEU I 74 -47.58 -8.05 -38.72
CA LEU I 74 -46.37 -7.61 -39.42
C LEU I 74 -46.21 -8.27 -40.79
N MET I 75 -47.25 -8.94 -41.27
CA MET I 75 -47.25 -9.50 -42.63
C MET I 75 -47.61 -8.47 -43.70
N TRP I 76 -47.03 -8.64 -44.88
CA TRP I 76 -47.38 -7.83 -46.04
C TRP I 76 -47.07 -8.62 -47.29
N ASP I 77 -47.74 -8.29 -48.39
CA ASP I 77 -47.43 -8.86 -49.68
C ASP I 77 -46.34 -8.04 -50.36
N PRO I 78 -45.21 -8.68 -50.69
CA PRO I 78 -44.09 -7.95 -51.30
C PRO I 78 -44.46 -7.21 -52.61
N ASN I 79 -45.45 -7.70 -53.34
CA ASN I 79 -45.83 -7.06 -54.61
C ASN I 79 -46.54 -5.71 -54.46
N GLU I 80 -47.06 -5.42 -53.27
CA GLU I 80 -47.73 -4.15 -52.99
C GLU I 80 -46.69 -3.08 -52.66
N TYR I 81 -45.46 -3.51 -52.37
CA TYR I 81 -44.45 -2.62 -51.83
C TYR I 81 -43.11 -2.72 -52.56
N GLY I 82 -43.18 -2.71 -53.89
CA GLY I 82 -41.98 -2.65 -54.73
C GLY I 82 -41.07 -3.86 -54.61
N ASN I 83 -41.64 -5.01 -54.25
CA ASN I 83 -40.88 -6.27 -54.10
C ASN I 83 -40.03 -6.38 -52.81
N ILE I 84 -40.23 -5.47 -51.86
CA ILE I 84 -39.52 -5.51 -50.57
C ILE I 84 -39.99 -6.74 -49.78
N THR I 85 -39.06 -7.60 -49.41
CA THR I 85 -39.40 -8.82 -48.68
C THR I 85 -38.99 -8.76 -47.20
N ASP I 86 -38.21 -7.75 -46.82
CA ASP I 86 -37.81 -7.55 -45.44
C ASP I 86 -37.31 -6.13 -45.25
N PHE I 87 -37.34 -5.67 -44.01
CA PHE I 87 -36.82 -4.37 -43.66
C PHE I 87 -36.30 -4.42 -42.21
N ARG I 88 -35.81 -3.28 -41.74
CA ARG I 88 -35.27 -3.16 -40.41
C ARG I 88 -35.95 -2.06 -39.66
N THR I 89 -35.98 -2.21 -38.34
CA THR I 89 -36.65 -1.27 -37.48
C THR I 89 -35.90 -1.23 -36.16
N SER I 90 -35.85 -0.04 -35.56
CA SER I 90 -35.37 0.12 -34.21
C SER I 90 -36.14 -0.83 -33.28
N ALA I 91 -35.43 -1.55 -32.43
CA ALA I 91 -36.07 -2.43 -31.46
C ALA I 91 -37.05 -1.67 -30.56
N ALA I 92 -36.82 -0.38 -30.36
CA ALA I 92 -37.68 0.47 -29.52
C ALA I 92 -39.03 0.77 -30.19
N ASP I 93 -39.10 0.68 -31.52
CA ASP I 93 -40.33 0.96 -32.26
C ASP I 93 -41.28 -0.23 -32.43
N ILE I 94 -40.89 -1.43 -32.01
CA ILE I 94 -41.79 -2.59 -32.03
C ILE I 94 -41.83 -3.24 -30.66
N TRP I 95 -42.84 -4.06 -30.42
CA TRP I 95 -42.87 -4.92 -29.25
C TRP I 95 -41.72 -5.92 -29.33
N THR I 96 -41.06 -6.16 -28.21
CA THR I 96 -40.05 -7.22 -28.10
C THR I 96 -40.30 -8.02 -26.83
N PRO I 97 -39.97 -9.32 -26.84
CA PRO I 97 -40.20 -10.14 -25.64
C PRO I 97 -39.28 -9.76 -24.48
N ASP I 98 -39.78 -9.95 -23.26
CA ASP I 98 -39.08 -9.48 -22.06
C ASP I 98 -38.19 -10.60 -21.51
N ILE I 99 -37.37 -11.17 -22.39
CA ILE I 99 -36.51 -12.29 -22.03
C ILE I 99 -35.39 -11.73 -21.14
N THR I 100 -35.26 -12.32 -19.97
CA THR I 100 -34.38 -11.81 -18.92
C THR I 100 -33.54 -12.94 -18.35
N ALA I 101 -32.25 -12.69 -18.09
CA ALA I 101 -31.44 -13.60 -17.25
C ALA I 101 -31.99 -13.54 -15.81
N TYR I 102 -32.15 -14.68 -15.16
CA TYR I 102 -32.74 -14.71 -13.82
C TYR I 102 -31.71 -14.52 -12.67
N SER I 103 -30.43 -14.63 -12.96
CA SER I 103 -29.38 -14.56 -11.94
C SER I 103 -28.19 -13.71 -12.39
N SER I 104 -28.51 -12.65 -13.12
CA SER I 104 -27.52 -11.61 -13.43
C SER I 104 -27.18 -10.85 -12.15
N THR I 105 -26.00 -10.25 -12.12
CA THR I 105 -25.58 -9.45 -10.98
C THR I 105 -25.35 -7.97 -11.32
N ARG I 106 -25.46 -7.64 -12.60
CA ARG I 106 -25.44 -6.24 -13.00
CA ARG I 106 -25.29 -6.26 -13.09
C ARG I 106 -26.19 -6.11 -14.32
N PRO I 107 -26.59 -4.89 -14.69
CA PRO I 107 -27.41 -4.78 -15.88
C PRO I 107 -26.61 -5.27 -17.07
N VAL I 108 -27.27 -5.93 -17.98
CA VAL I 108 -26.64 -6.39 -19.21
CA VAL I 108 -26.62 -6.40 -19.19
C VAL I 108 -26.13 -5.20 -20.01
N GLN I 109 -24.95 -5.32 -20.61
CA GLN I 109 -24.42 -4.31 -21.50
C GLN I 109 -24.64 -4.76 -22.94
N VAL I 110 -25.28 -3.89 -23.72
CA VAL I 110 -25.63 -4.22 -25.07
C VAL I 110 -24.50 -3.76 -25.98
N LEU I 111 -24.03 -4.68 -26.83
CA LEU I 111 -22.87 -4.46 -27.66
C LEU I 111 -23.18 -4.22 -29.16
N SER I 112 -24.42 -4.45 -29.57
CA SER I 112 -24.79 -4.32 -30.96
C SER I 112 -25.88 -3.27 -31.10
N PRO I 113 -26.07 -2.74 -32.31
CA PRO I 113 -27.18 -1.80 -32.55
C PRO I 113 -28.53 -2.46 -32.31
N GLN I 114 -29.43 -1.76 -31.63
CA GLN I 114 -30.72 -2.36 -31.30
C GLN I 114 -31.70 -2.26 -32.45
N ILE I 115 -31.53 -3.16 -33.44
CA ILE I 115 -32.29 -3.13 -34.68
C ILE I 115 -32.76 -4.55 -34.93
N ALA I 116 -34.04 -4.71 -35.26
CA ALA I 116 -34.64 -6.01 -35.57
C ALA I 116 -34.89 -6.12 -37.08
N VAL I 117 -34.96 -7.36 -37.56
CA VAL I 117 -35.24 -7.68 -38.95
C VAL I 117 -36.67 -8.19 -39.04
N VAL I 118 -37.48 -7.53 -39.87
CA VAL I 118 -38.88 -7.91 -40.05
C VAL I 118 -39.02 -8.43 -41.47
N THR I 119 -39.51 -9.66 -41.63
CA THR I 119 -39.69 -10.27 -42.94
C THR I 119 -41.18 -10.32 -43.28
N HIS I 120 -41.50 -10.38 -44.57
CA HIS I 120 -42.90 -10.27 -45.07
C HIS I 120 -43.87 -11.32 -44.53
N ASP I 121 -43.33 -12.45 -44.06
CA ASP I 121 -44.14 -13.47 -43.40
C ASP I 121 -44.49 -13.09 -41.96
N GLY I 122 -44.06 -11.92 -41.51
CA GLY I 122 -44.44 -11.40 -40.19
C GLY I 122 -43.49 -11.82 -39.09
N SER I 123 -42.43 -12.52 -39.45
CA SER I 123 -41.46 -12.96 -38.47
C SER I 123 -40.42 -11.87 -38.19
N VAL I 124 -40.00 -11.83 -36.93
CA VAL I 124 -39.09 -10.82 -36.45
C VAL I 124 -37.87 -11.55 -35.90
N MET I 125 -36.69 -11.11 -36.30
CA MET I 125 -35.44 -11.65 -35.76
C MET I 125 -34.78 -10.50 -35.06
N PHE I 126 -34.38 -10.71 -33.81
CA PHE I 126 -33.71 -9.69 -33.04
C PHE I 126 -32.54 -10.38 -32.34
N ILE I 127 -31.34 -9.88 -32.56
CA ILE I 127 -30.15 -10.59 -32.07
C ILE I 127 -29.19 -9.66 -31.35
N PRO I 128 -29.49 -9.34 -30.08
CA PRO I 128 -28.58 -8.51 -29.32
C PRO I 128 -27.31 -9.28 -28.92
N ALA I 129 -26.19 -8.64 -29.17
CA ALA I 129 -24.91 -9.01 -28.57
C ALA I 129 -24.85 -8.37 -27.18
N GLN I 130 -24.44 -9.15 -26.18
CA GLN I 130 -24.52 -8.77 -24.79
C GLN I 130 -23.31 -9.19 -23.99
N ARG I 131 -22.97 -8.38 -23.00
CA ARG I 131 -22.04 -8.78 -21.96
C ARG I 131 -22.84 -8.90 -20.67
N LEU I 132 -22.79 -10.09 -20.08
CA LEU I 132 -23.57 -10.42 -18.89
C LEU I 132 -22.65 -10.85 -17.77
N SER I 133 -22.84 -10.26 -16.58
CA SER I 133 -22.27 -10.75 -15.35
C SER I 133 -23.35 -11.52 -14.61
N PHE I 134 -23.04 -12.75 -14.21
CA PHE I 134 -24.02 -13.57 -13.49
C PHE I 134 -23.37 -14.40 -12.39
N MET I 135 -24.21 -14.95 -11.52
CA MET I 135 -23.74 -15.71 -10.35
C MET I 135 -23.11 -17.02 -10.76
N CYS I 136 -21.84 -17.18 -10.40
CA CYS I 136 -21.11 -18.35 -10.82
C CYS I 136 -19.88 -18.53 -9.93
N ASP I 137 -19.79 -19.69 -9.31
CA ASP I 137 -18.60 -20.10 -8.56
C ASP I 137 -17.66 -20.78 -9.54
N PRO I 138 -16.49 -20.16 -9.80
CA PRO I 138 -15.57 -20.75 -10.77
C PRO I 138 -14.55 -21.73 -10.17
N THR I 139 -14.80 -22.22 -8.95
CA THR I 139 -13.94 -23.23 -8.33
C THR I 139 -13.78 -24.42 -9.25
N GLY I 140 -12.53 -24.87 -9.44
CA GLY I 140 -12.22 -25.95 -10.38
C GLY I 140 -11.83 -25.51 -11.78
N VAL I 141 -11.99 -24.23 -12.08
CA VAL I 141 -11.66 -23.71 -13.41
C VAL I 141 -10.18 -23.96 -13.78
N ASP I 142 -9.32 -24.05 -12.78
CA ASP I 142 -7.90 -24.34 -12.99
C ASP I 142 -7.58 -25.84 -12.85
N SER I 143 -8.53 -26.70 -13.21
CA SER I 143 -8.32 -28.15 -13.18
C SER I 143 -8.77 -28.72 -14.50
N GLU I 144 -8.44 -29.97 -14.74
CA GLU I 144 -8.77 -30.63 -15.99
C GLU I 144 -10.27 -30.73 -16.19
N GLU I 145 -11.01 -30.97 -15.11
CA GLU I 145 -12.46 -31.11 -15.22
C GLU I 145 -13.18 -29.76 -15.34
N GLY I 146 -12.53 -28.69 -14.87
CA GLY I 146 -13.05 -27.33 -15.05
C GLY I 146 -14.15 -26.95 -14.07
N ALA I 147 -14.81 -25.82 -14.37
CA ALA I 147 -15.91 -25.30 -13.57
C ALA I 147 -17.19 -25.45 -14.36
N THR I 148 -18.32 -25.39 -13.67
CA THR I 148 -19.62 -25.46 -14.29
C THR I 148 -20.48 -24.37 -13.73
N CYS I 149 -21.11 -23.61 -14.60
CA CYS I 149 -22.08 -22.60 -14.18
C CYS I 149 -23.27 -22.59 -15.08
N ALA I 150 -24.35 -22.02 -14.57
CA ALA I 150 -25.64 -22.08 -15.23
C ALA I 150 -26.37 -20.78 -14.98
N VAL I 151 -27.19 -20.37 -15.94
CA VAL I 151 -28.02 -19.20 -15.74
C VAL I 151 -29.26 -19.41 -16.59
N LYS I 152 -30.42 -19.17 -15.99
CA LYS I 152 -31.70 -19.31 -16.67
C LYS I 152 -32.15 -18.00 -17.32
N PHE I 153 -32.78 -18.14 -18.49
CA PHE I 153 -33.39 -17.04 -19.21
C PHE I 153 -34.85 -17.33 -19.43
N GLY I 154 -35.69 -16.33 -19.30
CA GLY I 154 -37.09 -16.45 -19.59
C GLY I 154 -37.81 -15.15 -19.49
N SER I 155 -39.09 -15.16 -19.82
CA SER I 155 -39.91 -13.97 -19.69
C SER I 155 -40.00 -13.58 -18.22
N TRP I 156 -39.90 -12.29 -17.92
CA TRP I 156 -40.04 -11.81 -16.52
C TRP I 156 -41.50 -11.87 -16.08
N VAL I 157 -42.44 -11.56 -16.99
CA VAL I 157 -43.84 -11.36 -16.61
C VAL I 157 -44.91 -12.20 -17.32
N TYR I 158 -44.52 -13.06 -18.26
CA TYR I 158 -45.48 -13.86 -19.01
C TYR I 158 -45.22 -15.33 -18.76
N SER I 159 -46.29 -16.07 -18.51
CA SER I 159 -46.21 -17.52 -18.39
C SER I 159 -46.11 -18.19 -19.75
N GLY I 160 -45.95 -19.51 -19.70
CA GLY I 160 -45.93 -20.35 -20.88
C GLY I 160 -47.23 -20.34 -21.67
N PHE I 161 -48.33 -19.92 -21.04
CA PHE I 161 -49.59 -19.72 -21.78
C PHE I 161 -49.67 -18.42 -22.56
N GLU I 162 -48.71 -17.51 -22.38
CA GLU I 162 -48.67 -16.26 -23.15
C GLU I 162 -47.45 -16.19 -24.05
N ILE I 163 -46.28 -16.49 -23.51
CA ILE I 163 -45.07 -16.69 -24.31
C ILE I 163 -44.62 -18.14 -24.23
N ASP I 164 -44.79 -18.87 -25.33
CA ASP I 164 -44.26 -20.22 -25.41
C ASP I 164 -42.83 -20.13 -25.88
N LEU I 165 -41.94 -20.23 -24.90
CA LEU I 165 -40.51 -20.11 -25.13
C LEU I 165 -40.00 -21.44 -25.64
N LYS I 166 -39.32 -21.41 -26.79
CA LYS I 166 -38.74 -22.60 -27.41
C LYS I 166 -37.25 -22.42 -27.76
N THR I 167 -36.61 -23.54 -28.07
CA THR I 167 -35.29 -23.55 -28.69
C THR I 167 -35.32 -24.41 -29.98
N ASP I 168 -34.37 -24.18 -30.88
CA ASP I 168 -34.19 -25.00 -32.07
C ASP I 168 -33.24 -26.16 -31.83
N THR I 169 -32.47 -26.08 -30.74
CA THR I 169 -31.44 -27.06 -30.42
C THR I 169 -31.01 -26.86 -28.98
N ASP I 170 -30.52 -27.90 -28.32
CA ASP I 170 -29.95 -27.75 -26.97
C ASP I 170 -28.42 -27.54 -26.97
N GLN I 171 -27.82 -27.47 -28.15
CA GLN I 171 -26.39 -27.17 -28.28
C GLN I 171 -26.18 -25.66 -28.48
N VAL I 172 -25.49 -25.02 -27.55
CA VAL I 172 -25.10 -23.64 -27.76
C VAL I 172 -24.15 -23.58 -28.98
N ASP I 173 -24.35 -22.58 -29.84
CA ASP I 173 -23.47 -22.39 -31.00
C ASP I 173 -22.13 -21.87 -30.50
N LEU I 174 -21.10 -22.70 -30.69
CA LEU I 174 -19.73 -22.39 -30.31
C LEU I 174 -18.84 -22.08 -31.54
N SER I 175 -19.46 -21.96 -32.71
CA SER I 175 -18.68 -21.70 -33.94
C SER I 175 -18.02 -20.31 -33.96
N SER I 176 -18.48 -19.39 -33.11
CA SER I 176 -17.90 -18.04 -32.99
C SER I 176 -17.10 -17.86 -31.69
N TYR I 177 -16.78 -18.96 -30.98
CA TYR I 177 -16.08 -18.84 -29.69
C TYR I 177 -14.65 -18.36 -29.91
N TYR I 178 -14.27 -17.34 -29.16
CA TYR I 178 -12.94 -16.76 -29.27
C TYR I 178 -11.85 -17.78 -28.93
N ALA I 179 -11.08 -18.15 -29.94
CA ALA I 179 -10.09 -19.21 -29.82
C ALA I 179 -8.97 -18.88 -28.83
N SER I 180 -8.69 -17.60 -28.59
CA SER I 180 -7.63 -17.21 -27.64
C SER I 180 -8.18 -16.61 -26.33
N SER I 181 -9.39 -17.02 -25.97
CA SER I 181 -9.99 -16.69 -24.67
C SER I 181 -9.10 -17.20 -23.55
N LYS I 182 -9.16 -16.55 -22.38
CA LYS I 182 -8.53 -17.12 -21.19
C LYS I 182 -9.13 -18.48 -20.85
N TYR I 183 -10.37 -18.71 -21.26
CA TYR I 183 -11.11 -19.93 -20.91
C TYR I 183 -11.53 -20.69 -22.15
N GLU I 184 -11.31 -22.00 -22.08
CA GLU I 184 -11.71 -22.98 -23.10
CA GLU I 184 -11.77 -22.88 -23.14
C GLU I 184 -13.05 -23.57 -22.68
N ILE I 185 -13.96 -23.80 -23.65
CA ILE I 185 -15.26 -24.39 -23.35
C ILE I 185 -15.19 -25.90 -23.48
N LEU I 186 -15.63 -26.60 -22.44
CA LEU I 186 -15.71 -28.05 -22.48
C LEU I 186 -17.08 -28.49 -22.93
N SER I 187 -18.10 -27.69 -22.62
CA SER I 187 -19.42 -27.86 -23.24
C SER I 187 -20.29 -26.66 -22.90
N ALA I 188 -21.28 -26.44 -23.76
CA ALA I 188 -22.22 -25.37 -23.56
C ALA I 188 -23.57 -25.85 -24.09
N THR I 189 -24.55 -25.92 -23.20
CA THR I 189 -25.89 -26.39 -23.56
C THR I 189 -26.96 -25.38 -23.15
N GLN I 190 -28.10 -25.45 -23.83
CA GLN I 190 -29.23 -24.53 -23.62
C GLN I 190 -30.52 -25.38 -23.60
N THR I 191 -30.99 -25.69 -22.40
CA THR I 191 -32.05 -26.68 -22.22
C THR I 191 -33.31 -25.99 -21.76
N ARG I 192 -34.40 -26.24 -22.48
CA ARG I 192 -35.70 -25.72 -22.12
C ARG I 192 -36.22 -26.47 -20.87
N GLN I 193 -36.71 -25.72 -19.91
CA GLN I 193 -37.17 -26.30 -18.64
C GLN I 193 -38.57 -25.81 -18.39
N VAL I 194 -39.42 -26.70 -17.86
CA VAL I 194 -40.78 -26.34 -17.54
C VAL I 194 -40.99 -26.59 -16.06
N GLN I 195 -41.61 -25.62 -15.39
CA GLN I 195 -42.00 -25.76 -13.99
C GLN I 195 -43.47 -25.36 -13.81
N HIS I 196 -44.15 -25.97 -12.83
CA HIS I 196 -45.48 -25.55 -12.42
C HIS I 196 -45.44 -25.28 -10.92
N TYR I 197 -46.10 -24.22 -10.48
CA TYR I 197 -46.22 -23.92 -9.06
C TYR I 197 -47.62 -24.34 -8.61
N SER I 198 -47.76 -24.64 -7.32
CA SER I 198 -49.03 -25.14 -6.78
C SER I 198 -50.17 -24.15 -6.88
N CYS I 199 -49.84 -22.86 -6.86
CA CYS I 199 -50.83 -21.77 -6.94
C CYS I 199 -51.65 -21.75 -8.24
N CYS I 200 -51.05 -22.24 -9.33
CA CYS I 200 -51.43 -21.81 -10.66
C CYS I 200 -51.31 -22.95 -11.70
N PRO I 201 -52.27 -23.04 -12.65
CA PRO I 201 -52.23 -24.11 -13.65
C PRO I 201 -51.22 -23.94 -14.77
N GLU I 202 -50.85 -22.70 -15.07
CA GLU I 202 -50.04 -22.41 -16.26
C GLU I 202 -48.58 -22.88 -16.07
N PRO I 203 -47.95 -23.34 -17.14
CA PRO I 203 -46.55 -23.71 -17.09
C PRO I 203 -45.64 -22.49 -17.09
N TYR I 204 -44.51 -22.57 -16.41
CA TYR I 204 -43.46 -21.56 -16.52
C TYR I 204 -42.26 -22.16 -17.21
N ILE I 205 -41.72 -21.43 -18.18
CA ILE I 205 -40.67 -21.92 -19.05
C ILE I 205 -39.40 -21.09 -18.89
N ASP I 206 -38.25 -21.76 -18.90
CA ASP I 206 -36.99 -21.07 -19.06
C ASP I 206 -36.04 -21.86 -19.95
N VAL I 207 -35.01 -21.18 -20.41
CA VAL I 207 -33.87 -21.83 -21.05
C VAL I 207 -32.67 -21.74 -20.13
N ASN I 208 -32.12 -22.89 -19.79
CA ASN I 208 -31.02 -23.01 -18.83
C ASN I 208 -29.72 -23.13 -19.60
N LEU I 209 -28.95 -22.06 -19.59
CA LEU I 209 -27.65 -21.97 -20.25
C LEU I 209 -26.63 -22.54 -19.30
N VAL I 210 -26.01 -23.65 -19.65
CA VAL I 210 -25.04 -24.31 -18.77
C VAL I 210 -23.69 -24.44 -19.48
N VAL I 211 -22.65 -23.89 -18.87
CA VAL I 211 -21.38 -23.81 -19.52
C VAL I 211 -20.35 -24.44 -18.60
N LYS I 212 -19.59 -25.39 -19.17
CA LYS I 212 -18.44 -26.02 -18.51
C LYS I 212 -17.17 -25.50 -19.16
N PHE I 213 -16.26 -25.00 -18.35
CA PHE I 213 -15.08 -24.33 -18.84
C PHE I 213 -13.88 -24.48 -17.91
N ARG I 214 -12.70 -24.21 -18.46
CA ARG I 214 -11.44 -24.25 -17.71
CA ARG I 214 -11.46 -24.22 -17.68
C ARG I 214 -10.44 -23.27 -18.30
N GLU I 215 -9.44 -22.89 -17.51
CA GLU I 215 -8.34 -22.04 -17.98
C GLU I 215 -7.65 -22.75 -19.15
N ARG I 216 -7.35 -22.01 -20.21
CA ARG I 216 -6.84 -22.61 -21.45
CA ARG I 216 -6.82 -22.59 -21.45
C ARG I 216 -5.49 -23.30 -21.23
N ASP J 7 -26.78 40.06 -45.62
CA ASP J 7 -25.77 39.12 -46.20
C ASP J 7 -25.34 38.09 -45.16
N LYS J 8 -25.01 38.57 -43.96
CA LYS J 8 -24.83 37.71 -42.80
C LYS J 8 -26.18 37.06 -42.49
N LEU J 9 -27.22 37.89 -42.48
CA LEU J 9 -28.60 37.42 -42.31
C LEU J 9 -29.08 36.56 -43.49
N HIS J 10 -28.68 36.90 -44.72
CA HIS J 10 -29.05 36.10 -45.90
C HIS J 10 -28.33 34.74 -45.97
N SER J 11 -27.09 34.69 -45.46
CA SER J 11 -26.34 33.44 -45.34
C SER J 11 -27.03 32.49 -44.36
N GLN J 12 -27.28 32.99 -43.15
CA GLN J 12 -28.10 32.28 -42.15
C GLN J 12 -29.40 31.77 -42.74
N ALA J 13 -30.15 32.71 -43.34
CA ALA J 13 -31.47 32.42 -43.93
C ALA J 13 -31.41 31.33 -44.99
N ASN J 14 -30.41 31.40 -45.87
CA ASN J 14 -30.21 30.38 -46.90
C ASN J 14 -29.94 28.98 -46.33
N LEU J 15 -29.13 28.90 -45.28
CA LEU J 15 -28.82 27.63 -44.63
C LEU J 15 -30.07 27.07 -43.94
N MET J 16 -30.79 27.92 -43.22
CA MET J 16 -32.03 27.49 -42.55
C MET J 16 -33.03 26.95 -43.57
N ARG J 17 -33.18 27.66 -44.70
CA ARG J 17 -34.06 27.22 -45.78
C ARG J 17 -33.60 25.92 -46.43
N LEU J 18 -32.29 25.78 -46.66
CA LEU J 18 -31.75 24.51 -47.17
C LEU J 18 -32.08 23.36 -46.22
N LYS J 19 -31.84 23.59 -44.95
CA LYS J 19 -32.09 22.57 -43.94
C LYS J 19 -33.58 22.22 -43.90
N SER J 20 -34.43 23.23 -43.95
CA SER J 20 -35.88 22.99 -43.95
C SER J 20 -36.31 22.18 -45.17
N ASP J 21 -35.76 22.54 -46.33
CA ASP J 21 -36.09 21.83 -47.56
C ASP J 21 -35.71 20.35 -47.51
N LEU J 22 -34.50 20.05 -47.06
CA LEU J 22 -33.99 18.68 -47.04
C LEU J 22 -34.67 17.86 -45.94
N PHE J 23 -34.85 18.47 -44.77
CA PHE J 23 -35.27 17.74 -43.58
C PHE J 23 -36.79 17.79 -43.33
N ASN J 24 -37.42 18.92 -43.62
CA ASN J 24 -38.83 19.12 -43.29
C ASN J 24 -39.78 18.97 -44.48
N ARG J 25 -39.34 19.42 -45.66
CA ARG J 25 -40.19 19.40 -46.86
C ARG J 25 -39.91 18.23 -47.80
N SER J 26 -39.08 17.28 -47.35
CA SER J 26 -38.78 16.08 -48.12
C SER J 26 -38.83 14.85 -47.23
N PRO J 27 -38.97 13.65 -47.84
CA PRO J 27 -38.90 12.42 -47.05
C PRO J 27 -37.45 12.10 -46.65
N MET J 28 -37.25 11.73 -45.39
CA MET J 28 -35.91 11.41 -44.89
C MET J 28 -35.54 9.98 -45.29
N TYR J 29 -34.32 9.80 -45.79
CA TYR J 29 -33.82 8.47 -46.14
C TYR J 29 -34.14 7.49 -45.04
N PRO J 30 -34.85 6.40 -45.39
CA PRO J 30 -35.28 5.40 -44.43
C PRO J 30 -34.30 4.24 -44.22
N GLY J 31 -33.21 4.19 -45.00
CA GLY J 31 -32.31 3.04 -44.97
C GLY J 31 -32.28 2.30 -46.29
N PRO J 32 -31.25 1.48 -46.49
CA PRO J 32 -31.14 0.82 -47.78
C PRO J 32 -32.11 -0.37 -47.93
N THR J 33 -32.28 -0.82 -49.17
CA THR J 33 -33.00 -2.04 -49.50
C THR J 33 -32.17 -2.83 -50.52
N LYS J 34 -32.50 -4.11 -50.72
CA LYS J 34 -31.83 -4.94 -51.73
C LYS J 34 -32.07 -4.32 -53.11
N ASP J 35 -33.23 -3.68 -53.24
CA ASP J 35 -33.66 -2.93 -54.42
C ASP J 35 -32.79 -1.69 -54.69
N ASP J 36 -32.16 -1.16 -53.64
CA ASP J 36 -31.49 0.12 -53.68
C ASP J 36 -30.39 0.11 -52.59
N PRO J 37 -29.27 -0.55 -52.88
CA PRO J 37 -28.20 -0.67 -51.93
C PRO J 37 -27.44 0.64 -51.73
N LEU J 38 -26.90 0.84 -50.53
CA LEU J 38 -26.10 2.01 -50.21
C LEU J 38 -24.63 1.61 -50.07
N THR J 39 -23.77 2.30 -50.79
CA THR J 39 -22.33 2.18 -50.56
C THR J 39 -21.87 2.95 -49.32
N VAL J 40 -21.17 2.27 -48.43
CA VAL J 40 -20.58 2.91 -47.28
C VAL J 40 -19.11 2.63 -47.24
N THR J 41 -18.29 3.68 -47.14
CA THR J 41 -16.85 3.49 -47.10
C THR J 41 -16.34 3.72 -45.70
N LEU J 42 -15.53 2.77 -45.23
CA LEU J 42 -15.04 2.74 -43.86
C LEU J 42 -13.53 2.79 -43.85
N GLY J 43 -12.97 3.55 -42.91
CA GLY J 43 -11.53 3.59 -42.69
C GLY J 43 -11.21 3.95 -41.24
N PHE J 44 -10.06 3.48 -40.76
CA PHE J 44 -9.65 3.73 -39.39
C PHE J 44 -8.37 4.55 -39.34
N THR J 45 -8.34 5.42 -38.33
CA THR J 45 -7.17 6.15 -37.91
C THR J 45 -6.92 5.80 -36.44
N LEU J 46 -5.86 5.03 -36.21
CA LEU J 46 -5.59 4.51 -34.88
C LEU J 46 -4.83 5.56 -34.07
N GLN J 47 -5.38 5.92 -32.91
CA GLN J 47 -4.77 6.96 -32.07
C GLN J 47 -3.93 6.39 -30.93
N ASP J 48 -4.38 5.27 -30.33
CA ASP J 48 -3.74 4.77 -29.14
C ASP J 48 -4.21 3.38 -28.80
N ILE J 49 -3.25 2.55 -28.38
CA ILE J 49 -3.56 1.32 -27.67
C ILE J 49 -3.36 1.71 -26.23
N VAL J 50 -4.43 1.76 -25.47
CA VAL J 50 -4.41 2.34 -24.12
C VAL J 50 -4.01 1.30 -23.13
N LYS J 51 -4.57 0.11 -23.30
CA LYS J 51 -4.45 -0.94 -22.34
C LYS J 51 -4.47 -2.31 -23.00
N ALA J 52 -3.61 -3.20 -22.51
CA ALA J 52 -3.68 -4.61 -22.89
C ALA J 52 -3.74 -5.43 -21.61
N ASP J 53 -4.87 -6.12 -21.42
CA ASP J 53 -5.16 -6.81 -20.17
C ASP J 53 -5.02 -8.32 -20.36
N SER J 54 -3.91 -8.87 -19.87
CA SER J 54 -3.61 -10.27 -20.04
C SER J 54 -4.37 -11.18 -19.08
N SER J 55 -5.04 -10.62 -18.07
CA SER J 55 -5.83 -11.46 -17.17
C SER J 55 -7.21 -11.81 -17.73
N THR J 56 -7.76 -10.96 -18.61
CA THR J 56 -9.04 -11.21 -19.28
C THR J 56 -8.93 -11.31 -20.83
N ASN J 57 -7.74 -11.07 -21.38
CA ASN J 57 -7.55 -10.98 -22.84
C ASN J 57 -8.52 -10.00 -23.52
N GLU J 58 -8.39 -8.76 -23.09
CA GLU J 58 -9.11 -7.62 -23.59
C GLU J 58 -8.09 -6.52 -23.87
N VAL J 59 -8.21 -5.88 -25.03
CA VAL J 59 -7.36 -4.73 -25.38
C VAL J 59 -8.26 -3.55 -25.66
N ASP J 60 -7.82 -2.35 -25.27
CA ASP J 60 -8.60 -1.13 -25.46
C ASP J 60 -7.88 -0.21 -26.48
N LEU J 61 -8.60 0.15 -27.53
CA LEU J 61 -8.10 1.03 -28.59
C LEU J 61 -8.84 2.34 -28.59
N VAL J 62 -8.14 3.42 -28.94
CA VAL J 62 -8.78 4.68 -29.29
C VAL J 62 -8.49 4.96 -30.77
N TYR J 63 -9.54 5.24 -31.54
CA TYR J 63 -9.40 5.47 -32.97
C TYR J 63 -10.50 6.40 -33.47
N TYR J 64 -10.25 6.94 -34.65
CA TYR J 64 -11.27 7.67 -35.39
C TYR J 64 -11.77 6.73 -36.48
N GLU J 65 -13.10 6.60 -36.57
CA GLU J 65 -13.70 5.69 -37.52
C GLU J 65 -14.40 6.53 -38.55
N GLN J 66 -13.81 6.65 -39.73
CA GLN J 66 -14.36 7.48 -40.79
C GLN J 66 -15.37 6.68 -41.60
N GLN J 67 -16.56 7.25 -41.77
CA GLN J 67 -17.63 6.60 -42.49
C GLN J 67 -18.14 7.61 -43.51
N ARG J 68 -18.39 7.14 -44.73
CA ARG J 68 -18.89 7.98 -45.80
C ARG J 68 -19.93 7.25 -46.64
N TRP J 69 -21.02 7.93 -46.91
CA TRP J 69 -22.05 7.44 -47.85
C TRP J 69 -22.63 8.63 -48.57
N LYS J 70 -23.45 8.37 -49.60
CA LYS J 70 -24.01 9.45 -50.40
C LYS J 70 -25.48 9.21 -50.71
N LEU J 71 -26.30 10.25 -50.60
CA LEU J 71 -27.75 10.11 -50.79
C LEU J 71 -28.30 11.15 -51.74
N ASN J 72 -29.14 10.73 -52.66
CA ASN J 72 -29.79 11.67 -53.57
C ASN J 72 -30.74 12.61 -52.83
N SER J 73 -31.32 12.14 -51.73
CA SER J 73 -32.20 12.98 -50.92
C SER J 73 -31.47 14.13 -50.23
N LEU J 74 -30.12 14.09 -50.14
CA LEU J 74 -29.34 15.16 -49.50
C LEU J 74 -28.58 15.99 -50.54
N MET J 75 -28.97 15.85 -51.80
CA MET J 75 -28.34 16.60 -52.88
CA MET J 75 -28.37 16.56 -52.93
C MET J 75 -29.02 17.95 -53.07
N TRP J 76 -28.24 18.97 -53.43
CA TRP J 76 -28.81 20.30 -53.74
C TRP J 76 -27.94 21.08 -54.68
N ASP J 77 -28.52 22.10 -55.30
CA ASP J 77 -27.78 23.00 -56.17
C ASP J 77 -27.36 24.20 -55.31
N PRO J 78 -26.05 24.38 -55.06
CA PRO J 78 -25.61 25.51 -54.24
C PRO J 78 -26.15 26.85 -54.73
N ASN J 79 -26.32 26.99 -56.05
CA ASN J 79 -26.83 28.24 -56.62
C ASN J 79 -28.28 28.60 -56.25
N GLU J 80 -29.06 27.62 -55.79
CA GLU J 80 -30.42 27.88 -55.32
C GLU J 80 -30.44 28.28 -53.85
N TYR J 81 -29.27 28.21 -53.18
CA TYR J 81 -29.18 28.45 -51.74
C TYR J 81 -28.01 29.35 -51.36
N GLY J 82 -27.82 30.42 -52.12
CA GLY J 82 -26.78 31.40 -51.84
C GLY J 82 -25.37 30.80 -51.83
N ASN J 83 -25.14 29.82 -52.70
CA ASN J 83 -23.83 29.17 -52.90
C ASN J 83 -23.32 28.32 -51.72
N ILE J 84 -24.21 27.94 -50.81
CA ILE J 84 -23.82 27.02 -49.73
C ILE J 84 -23.46 25.66 -50.34
N THR J 85 -22.28 25.14 -50.00
CA THR J 85 -21.80 23.88 -50.57
C THR J 85 -21.76 22.76 -49.55
N ASP J 86 -21.94 23.09 -48.27
CA ASP J 86 -21.90 22.09 -47.22
C ASP J 86 -22.57 22.63 -45.96
N PHE J 87 -22.98 21.73 -45.08
CA PHE J 87 -23.47 22.10 -43.76
C PHE J 87 -23.22 20.98 -42.75
N ARG J 88 -23.58 21.21 -41.50
CA ARG J 88 -23.41 20.22 -40.43
C ARG J 88 -24.76 19.86 -39.82
N THR J 89 -24.88 18.62 -39.38
CA THR J 89 -26.09 18.17 -38.75
C THR J 89 -25.77 17.17 -37.66
N SER J 90 -26.57 17.20 -36.60
CA SER J 90 -26.54 16.15 -35.61
C SER J 90 -26.69 14.77 -36.28
N ALA J 91 -25.81 13.84 -35.93
CA ALA J 91 -25.94 12.48 -36.48
C ALA J 91 -27.23 11.77 -36.02
N ALA J 92 -27.83 12.23 -34.92
CA ALA J 92 -29.16 11.75 -34.50
C ALA J 92 -30.31 12.17 -35.42
N ASP J 93 -30.13 13.26 -36.18
CA ASP J 93 -31.18 13.76 -37.08
C ASP J 93 -31.16 13.17 -38.50
N ILE J 94 -30.22 12.25 -38.76
CA ILE J 94 -30.16 11.56 -40.06
C ILE J 94 -29.95 10.08 -39.84
N TRP J 95 -30.28 9.30 -40.86
CA TRP J 95 -29.94 7.88 -40.84
C TRP J 95 -28.41 7.73 -40.84
N THR J 96 -27.91 6.83 -40.00
CA THR J 96 -26.50 6.45 -40.04
C THR J 96 -26.42 4.92 -40.12
N PRO J 97 -25.30 4.41 -40.69
CA PRO J 97 -25.17 2.95 -40.84
C PRO J 97 -24.81 2.27 -39.54
N ASP J 98 -25.25 1.03 -39.41
CA ASP J 98 -25.13 0.29 -38.17
C ASP J 98 -23.81 -0.50 -38.11
N ILE J 99 -22.71 0.18 -38.41
CA ILE J 99 -21.41 -0.47 -38.39
C ILE J 99 -21.07 -0.80 -36.94
N THR J 100 -20.63 -2.02 -36.70
CA THR J 100 -20.41 -2.51 -35.35
C THR J 100 -19.15 -3.33 -35.34
N ALA J 101 -18.36 -3.22 -34.28
CA ALA J 101 -17.32 -4.20 -34.01
C ALA J 101 -17.99 -5.54 -33.67
N TYR J 102 -17.49 -6.65 -34.19
CA TYR J 102 -18.12 -7.96 -33.94
C TYR J 102 -17.67 -8.69 -32.67
N SER J 103 -16.51 -8.35 -32.12
CA SER J 103 -15.98 -9.01 -30.93
C SER J 103 -15.60 -8.01 -29.84
N SER J 104 -16.40 -6.96 -29.69
CA SER J 104 -16.19 -6.04 -28.57
C SER J 104 -16.59 -6.77 -27.29
N THR J 105 -16.03 -6.35 -26.17
CA THR J 105 -16.41 -6.87 -24.85
C THR J 105 -17.07 -5.86 -23.92
N ARG J 106 -17.16 -4.61 -24.38
CA ARG J 106 -17.84 -3.52 -23.66
C ARG J 106 -18.54 -2.64 -24.69
N PRO J 107 -19.60 -1.92 -24.30
CA PRO J 107 -20.19 -1.00 -25.27
C PRO J 107 -19.14 0.08 -25.67
N VAL J 108 -19.06 0.39 -26.95
CA VAL J 108 -18.13 1.40 -27.46
C VAL J 108 -18.46 2.73 -26.81
N GLN J 109 -17.42 3.47 -26.47
CA GLN J 109 -17.56 4.80 -25.90
C GLN J 109 -17.18 5.84 -26.93
N VAL J 110 -18.09 6.77 -27.21
CA VAL J 110 -17.89 7.80 -28.20
C VAL J 110 -17.21 9.01 -27.53
N LEU J 111 -16.18 9.53 -28.18
CA LEU J 111 -15.34 10.60 -27.63
C LEU J 111 -15.54 11.98 -28.28
N SER J 112 -16.26 12.03 -29.41
CA SER J 112 -16.36 13.24 -30.20
C SER J 112 -17.83 13.65 -30.31
N PRO J 113 -18.10 14.93 -30.59
CA PRO J 113 -19.46 15.41 -30.81
C PRO J 113 -20.08 14.66 -31.96
N GLN J 114 -21.32 14.24 -31.82
CA GLN J 114 -21.96 13.41 -32.87
C GLN J 114 -22.59 14.26 -33.96
N ILE J 115 -21.73 14.74 -34.86
CA ILE J 115 -22.08 15.66 -35.92
C ILE J 115 -21.53 15.17 -37.25
N ALA J 116 -22.36 15.15 -38.28
CA ALA J 116 -21.94 14.77 -39.63
C ALA J 116 -21.82 15.98 -40.56
N VAL J 117 -20.99 15.83 -41.59
CA VAL J 117 -20.78 16.86 -42.59
C VAL J 117 -21.50 16.39 -43.83
N VAL J 118 -22.40 17.23 -44.33
CA VAL J 118 -23.15 16.97 -45.56
C VAL J 118 -22.73 17.96 -46.66
N THR J 119 -22.41 17.45 -47.85
CA THR J 119 -21.98 18.31 -48.96
C THR J 119 -23.03 18.24 -50.09
N HIS J 120 -22.98 19.20 -51.00
CA HIS J 120 -24.08 19.42 -51.96
C HIS J 120 -24.29 18.27 -52.95
N ASP J 121 -23.28 17.43 -53.12
CA ASP J 121 -23.42 16.22 -53.91
C ASP J 121 -24.20 15.12 -53.19
N GLY J 122 -24.63 15.37 -51.95
CA GLY J 122 -25.33 14.38 -51.17
C GLY J 122 -24.46 13.47 -50.30
N SER J 123 -23.15 13.69 -50.31
CA SER J 123 -22.25 12.88 -49.50
CA SER J 123 -22.24 12.89 -49.49
CA SER J 123 -22.25 12.88 -49.50
C SER J 123 -22.31 13.31 -48.04
N VAL J 124 -22.23 12.33 -47.14
CA VAL J 124 -22.24 12.53 -45.71
C VAL J 124 -20.94 11.93 -45.20
N MET J 125 -20.18 12.71 -44.43
CA MET J 125 -18.99 12.23 -43.74
CA MET J 125 -19.02 12.18 -43.74
C MET J 125 -19.26 12.28 -42.24
N PHE J 126 -18.98 11.18 -41.56
CA PHE J 126 -19.26 11.02 -40.13
C PHE J 126 -18.06 10.29 -39.57
N ILE J 127 -17.38 10.93 -38.63
CA ILE J 127 -16.12 10.43 -38.10
C ILE J 127 -16.14 10.40 -36.58
N PRO J 128 -16.87 9.41 -35.99
CA PRO J 128 -16.80 9.27 -34.54
C PRO J 128 -15.42 8.80 -34.01
N ALA J 129 -14.90 9.50 -33.02
CA ALA J 129 -13.83 9.02 -32.18
C ALA J 129 -14.40 8.10 -31.12
N GLN J 130 -13.75 6.95 -30.94
CA GLN J 130 -14.27 5.89 -30.10
C GLN J 130 -13.15 5.24 -29.28
N ARG J 131 -13.50 4.85 -28.05
CA ARG J 131 -12.71 3.88 -27.30
C ARG J 131 -13.42 2.53 -27.34
N LEU J 132 -12.69 1.49 -27.76
CA LEU J 132 -13.23 0.14 -27.87
C LEU J 132 -12.41 -0.88 -27.08
N SER J 133 -13.09 -1.71 -26.27
CA SER J 133 -12.50 -2.88 -25.65
C SER J 133 -12.93 -4.08 -26.49
N PHE J 134 -11.99 -4.93 -26.86
CA PHE J 134 -12.31 -6.11 -27.68
C PHE J 134 -11.40 -7.27 -27.34
N MET J 135 -11.75 -8.45 -27.88
CA MET J 135 -11.11 -9.69 -27.48
C MET J 135 -9.75 -9.81 -28.11
N CYS J 136 -8.74 -9.94 -27.25
CA CYS J 136 -7.38 -9.93 -27.70
C CYS J 136 -6.45 -10.57 -26.67
N ASP J 137 -5.67 -11.54 -27.12
CA ASP J 137 -4.65 -12.17 -26.30
C ASP J 137 -3.34 -11.42 -26.52
N PRO J 138 -2.92 -10.63 -25.53
CA PRO J 138 -1.71 -9.85 -25.76
C PRO J 138 -0.38 -10.63 -25.60
N THR J 139 -0.43 -11.95 -25.46
CA THR J 139 0.81 -12.76 -25.28
C THR J 139 1.84 -12.33 -26.33
N GLY J 140 3.09 -12.15 -25.90
CA GLY J 140 4.14 -11.72 -26.83
C GLY J 140 4.31 -10.21 -26.97
N VAL J 141 3.46 -9.42 -26.32
CA VAL J 141 3.53 -7.96 -26.42
C VAL J 141 4.83 -7.44 -25.80
N ASP J 142 5.36 -8.18 -24.83
CA ASP J 142 6.64 -7.87 -24.21
C ASP J 142 7.86 -8.43 -24.97
N SER J 143 7.67 -8.88 -26.20
CA SER J 143 8.77 -9.40 -27.02
C SER J 143 8.95 -8.54 -28.27
N GLU J 144 10.06 -8.75 -28.98
CA GLU J 144 10.36 -7.98 -30.18
C GLU J 144 9.33 -8.23 -31.28
N GLU J 145 8.87 -9.47 -31.36
CA GLU J 145 7.85 -9.86 -32.34
C GLU J 145 6.50 -9.20 -32.07
N GLY J 146 6.20 -8.93 -30.80
CA GLY J 146 4.95 -8.29 -30.42
C GLY J 146 3.75 -9.22 -30.39
N ALA J 147 2.58 -8.66 -30.14
CA ALA J 147 1.32 -9.41 -30.13
C ALA J 147 0.53 -9.02 -31.38
N THR J 148 -0.37 -9.90 -31.84
CA THR J 148 -1.27 -9.59 -32.95
C THR J 148 -2.69 -9.80 -32.50
N CYS J 149 -3.57 -8.87 -32.83
CA CYS J 149 -4.98 -9.03 -32.56
CA CYS J 149 -4.98 -9.01 -32.55
C CYS J 149 -5.77 -8.49 -33.72
N ALA J 150 -7.04 -8.85 -33.73
CA ALA J 150 -7.90 -8.62 -34.85
C ALA J 150 -9.33 -8.43 -34.37
N VAL J 151 -10.05 -7.53 -35.02
CA VAL J 151 -11.46 -7.31 -34.75
C VAL J 151 -12.13 -6.89 -36.06
N LYS J 152 -13.30 -7.49 -36.31
CA LYS J 152 -14.03 -7.27 -37.55
C LYS J 152 -15.10 -6.26 -37.29
N PHE J 153 -15.32 -5.38 -38.26
CA PHE J 153 -16.39 -4.39 -38.25
C PHE J 153 -17.29 -4.63 -39.45
N GLY J 154 -18.57 -4.46 -39.26
CA GLY J 154 -19.50 -4.52 -40.39
C GLY J 154 -20.86 -4.18 -39.92
N SER J 155 -21.81 -4.07 -40.86
CA SER J 155 -23.20 -3.89 -40.48
C SER J 155 -23.68 -5.07 -39.65
N TRP J 156 -24.54 -4.79 -38.67
CA TRP J 156 -25.15 -5.86 -37.89
C TRP J 156 -26.30 -6.52 -38.61
N VAL J 157 -27.13 -5.75 -39.31
CA VAL J 157 -28.37 -6.29 -39.87
C VAL J 157 -28.49 -6.22 -41.40
N TYR J 158 -27.48 -5.69 -42.09
CA TYR J 158 -27.54 -5.56 -43.56
C TYR J 158 -26.46 -6.34 -44.26
N SER J 159 -26.86 -7.12 -45.26
CA SER J 159 -25.92 -7.85 -46.10
C SER J 159 -25.25 -6.90 -47.08
N GLY J 160 -24.24 -7.40 -47.79
CA GLY J 160 -23.63 -6.69 -48.90
C GLY J 160 -24.57 -6.32 -50.07
N PHE J 161 -25.77 -6.91 -50.12
CA PHE J 161 -26.78 -6.48 -51.08
C PHE J 161 -27.57 -5.24 -50.64
N GLU J 162 -27.39 -4.81 -49.39
CA GLU J 162 -28.10 -3.65 -48.82
C GLU J 162 -27.11 -2.53 -48.46
N ILE J 163 -26.07 -2.86 -47.70
CA ILE J 163 -24.95 -1.96 -47.46
C ILE J 163 -23.70 -2.56 -48.13
N ASP J 164 -23.25 -1.94 -49.21
CA ASP J 164 -22.00 -2.34 -49.88
C ASP J 164 -20.84 -1.65 -49.17
N LEU J 165 -20.30 -2.33 -48.16
CA LEU J 165 -19.26 -1.78 -47.33
C LEU J 165 -17.95 -1.86 -48.10
N LYS J 166 -17.24 -0.74 -48.18
CA LYS J 166 -15.99 -0.63 -48.94
C LYS J 166 -14.91 0.05 -48.11
N THR J 167 -13.66 -0.05 -48.57
CA THR J 167 -12.56 0.71 -48.00
C THR J 167 -11.85 1.39 -49.15
N ASP J 168 -11.11 2.46 -48.82
CA ASP J 168 -10.28 3.21 -49.77
C ASP J 168 -8.86 2.66 -49.76
N THR J 169 -8.50 1.99 -48.69
CA THR J 169 -7.16 1.49 -48.52
C THR J 169 -7.18 0.37 -47.50
N ASP J 170 -6.22 -0.53 -47.61
CA ASP J 170 -6.07 -1.56 -46.60
C ASP J 170 -5.06 -1.14 -45.52
N GLN J 171 -4.52 0.07 -45.62
CA GLN J 171 -3.57 0.58 -44.62
C GLN J 171 -4.28 1.44 -43.58
N VAL J 172 -4.22 1.04 -42.31
CA VAL J 172 -4.77 1.87 -41.24
C VAL J 172 -3.89 3.13 -41.15
N ASP J 173 -4.52 4.29 -41.05
CA ASP J 173 -3.78 5.55 -40.88
C ASP J 173 -3.15 5.61 -39.48
N LEU J 174 -1.82 5.67 -39.46
CA LEU J 174 -1.03 5.72 -38.26
C LEU J 174 -0.40 7.10 -38.03
N SER J 175 -0.75 8.08 -38.87
CA SER J 175 -0.14 9.41 -38.78
C SER J 175 -0.54 10.20 -37.52
N SER J 176 -1.61 9.79 -36.84
CA SER J 176 -2.08 10.44 -35.60
C SER J 176 -1.76 9.58 -34.36
N TYR J 177 -0.99 8.51 -34.51
CA TYR J 177 -0.79 7.55 -33.42
C TYR J 177 0.06 8.17 -32.32
N TYR J 178 -0.36 8.02 -31.07
CA TYR J 178 0.26 8.68 -29.94
C TYR J 178 1.71 8.19 -29.72
N ALA J 179 2.66 9.08 -29.94
CA ALA J 179 4.08 8.73 -29.86
C ALA J 179 4.55 8.23 -28.50
N SER J 180 3.87 8.60 -27.42
CA SER J 180 4.26 8.16 -26.09
C SER J 180 3.28 7.14 -25.47
N SER J 181 2.51 6.44 -26.31
CA SER J 181 1.71 5.29 -25.88
C SER J 181 2.60 4.27 -25.16
N LYS J 182 2.01 3.47 -24.27
CA LYS J 182 2.71 2.32 -23.73
C LYS J 182 3.07 1.33 -24.80
N TYR J 183 2.39 1.37 -25.96
CA TYR J 183 2.60 0.41 -27.02
C TYR J 183 2.94 1.08 -28.35
N GLU J 184 3.88 0.49 -29.10
CA GLU J 184 4.16 0.96 -30.45
CA GLU J 184 4.17 0.97 -30.45
C GLU J 184 3.52 0.01 -31.44
N ILE J 185 3.12 0.56 -32.59
CA ILE J 185 2.44 -0.20 -33.63
C ILE J 185 3.52 -0.70 -34.58
N LEU J 186 3.51 -2.01 -34.83
CA LEU J 186 4.42 -2.63 -35.78
C LEU J 186 3.77 -2.69 -37.15
N SER J 187 2.47 -2.99 -37.18
CA SER J 187 1.65 -2.79 -38.38
C SER J 187 0.16 -2.71 -38.05
N ALA J 188 -0.60 -2.08 -38.93
CA ALA J 188 -2.05 -2.01 -38.77
C ALA J 188 -2.71 -2.00 -40.13
N THR J 189 -3.58 -2.98 -40.38
CA THR J 189 -4.25 -3.09 -41.66
C THR J 189 -5.74 -3.23 -41.46
N GLN J 190 -6.48 -2.88 -42.51
CA GLN J 190 -7.93 -2.96 -42.53
C GLN J 190 -8.33 -3.64 -43.84
N THR J 191 -8.57 -4.96 -43.78
CA THR J 191 -8.80 -5.77 -44.97
C THR J 191 -10.30 -6.08 -45.11
N ARG J 192 -10.85 -5.69 -46.25
CA ARG J 192 -12.23 -5.98 -46.60
C ARG J 192 -12.36 -7.45 -46.94
N GLN J 193 -13.34 -8.13 -46.34
CA GLN J 193 -13.58 -9.55 -46.57
C GLN J 193 -15.00 -9.69 -47.06
N VAL J 194 -15.17 -10.34 -48.20
CA VAL J 194 -16.49 -10.55 -48.78
C VAL J 194 -16.70 -12.06 -48.80
N GLN J 195 -17.76 -12.53 -48.18
CA GLN J 195 -18.01 -13.98 -48.14
C GLN J 195 -19.44 -14.44 -48.37
N HIS J 196 -19.54 -15.70 -48.78
CA HIS J 196 -20.81 -16.35 -49.00
C HIS J 196 -20.83 -17.58 -48.09
N TYR J 197 -21.79 -17.62 -47.19
CA TYR J 197 -21.94 -18.74 -46.29
C TYR J 197 -22.77 -19.81 -46.96
N SER J 198 -22.59 -21.07 -46.54
CA SER J 198 -23.27 -22.19 -47.21
C SER J 198 -24.79 -22.09 -47.11
N CYS J 199 -25.28 -21.56 -45.97
CA CYS J 199 -26.73 -21.43 -45.70
C CYS J 199 -27.48 -20.55 -46.69
N CYS J 200 -26.80 -19.57 -47.27
CA CYS J 200 -27.47 -18.38 -47.76
C CYS J 200 -26.80 -17.84 -49.01
N PRO J 201 -27.57 -17.18 -49.89
CA PRO J 201 -27.07 -16.68 -51.17
C PRO J 201 -26.39 -15.29 -51.16
N GLU J 202 -26.76 -14.43 -50.22
CA GLU J 202 -26.30 -13.03 -50.24
CA GLU J 202 -26.31 -13.02 -50.18
C GLU J 202 -24.85 -12.93 -49.76
N PRO J 203 -24.09 -11.94 -50.29
CA PRO J 203 -22.74 -11.71 -49.78
C PRO J 203 -22.78 -10.96 -48.44
N TYR J 204 -21.84 -11.28 -47.55
CA TYR J 204 -21.65 -10.56 -46.30
C TYR J 204 -20.25 -10.00 -46.23
N ILE J 205 -20.16 -8.77 -45.76
CA ILE J 205 -18.93 -7.99 -45.84
C ILE J 205 -18.51 -7.50 -44.46
N ASP J 206 -17.23 -7.61 -44.17
CA ASP J 206 -16.65 -6.99 -42.98
C ASP J 206 -15.33 -6.34 -43.32
N VAL J 207 -14.85 -5.52 -42.39
CA VAL J 207 -13.52 -4.97 -42.44
C VAL J 207 -12.75 -5.48 -41.24
N ASN J 208 -11.66 -6.20 -41.50
CA ASN J 208 -10.88 -6.85 -40.47
C ASN J 208 -9.72 -5.95 -40.11
N LEU J 209 -9.78 -5.40 -38.90
CA LEU J 209 -8.74 -4.52 -38.36
C LEU J 209 -7.73 -5.39 -37.62
N VAL J 210 -6.52 -5.48 -38.15
CA VAL J 210 -5.48 -6.34 -37.57
C VAL J 210 -4.33 -5.47 -37.11
N VAL J 211 -4.04 -5.50 -35.80
CA VAL J 211 -3.00 -4.65 -35.23
C VAL J 211 -1.89 -5.52 -34.58
N LYS J 212 -0.66 -5.26 -35.00
CA LYS J 212 0.52 -5.88 -34.46
C LYS J 212 1.28 -4.85 -33.64
N PHE J 213 1.54 -5.14 -32.38
CA PHE J 213 2.02 -4.13 -31.46
C PHE J 213 2.85 -4.73 -30.35
N ARG J 214 3.61 -3.88 -29.67
CA ARG J 214 4.49 -4.36 -28.61
C ARG J 214 4.76 -3.24 -27.60
N GLU J 215 5.16 -3.62 -26.40
CA GLU J 215 5.48 -2.60 -25.40
C GLU J 215 6.63 -1.74 -25.94
N ARG J 216 6.51 -0.41 -25.77
CA ARG J 216 7.51 0.52 -26.30
CA ARG J 216 7.51 0.54 -26.27
C ARG J 216 8.86 0.27 -25.62
N ARG J 217 9.95 0.55 -26.33
CA ARG J 217 11.32 0.25 -25.86
C ARG J 217 12.20 1.48 -25.68
C13 40P K . 45.63 0.67 0.34
C18 40P K . 42.52 1.16 -4.79
C15 40P K . 44.31 1.10 -1.71
C17 40P K . 43.18 0.45 -3.62
O1 40P K . 48.18 0.06 1.32
O3 40P K . 47.74 1.16 3.13
C2 40P K . 47.40 0.73 2.02
C8 40P K . 46.03 1.03 1.58
C9 40P K . 45.14 1.74 2.56
C10 40P K . 43.69 1.85 2.07
C27 40P K . 43.57 2.09 0.58
C28 40P K . 44.27 3.43 0.25
C46 40P K . 43.57 4.30 -0.82
C22 40P K . 44.57 5.20 -1.56
C29 40P K . 42.49 5.17 -0.20
C6 40P K . 41.42 5.53 -1.23
C30 40P K . 41.86 4.55 1.04
N31 40P K . 41.37 3.19 0.68
C32 40P K . 42.03 2.14 0.42
C33 40P K . 41.23 0.87 0.08
C34 40P K . 39.80 1.13 -0.36
C35 40P K . 39.76 1.82 -1.71
C36 40P K . 38.38 1.85 -2.37
C38 40P K . 37.27 1.58 -1.69
C37 40P K . 38.30 2.22 -3.83
C48 40P K . 38.95 3.57 -4.18
C49 40P K . 38.34 4.76 -3.45
C50 40P K . 38.88 6.08 -3.99
C51 40P K . 38.87 6.12 -5.52
O52 40P K . 39.54 7.30 -5.97
C53 40P K . 37.44 6.07 -6.06
O47 40P K . 38.95 3.75 -5.60
C43 40P K . 39.63 4.93 -6.03
O44 40P K . 41.00 4.90 -5.54
C42 40P K . 39.69 4.85 -7.56
C55 40P K . 41.04 4.25 -7.85
C23 40P K . 41.81 4.22 -6.53
O48 40P K . 42.03 2.87 -6.11
C80 40P K . 43.07 5.01 -6.75
C60 40P K . 43.86 4.83 -5.44
C81 40P K . 44.00 3.36 -4.99
C21 40P K . 42.65 2.70 -4.83
O16 40P K . 43.03 1.12 -2.36
O65 40P K . 44.57 0.33 -3.83
C61 40P K . 45.08 0.07 -2.53
C62 40P K . 44.79 -1.40 -2.22
O66 40P K . 45.53 -2.22 -3.13
C63 40P K . 43.29 -1.73 -2.37
C67 40P K . 43.02 -3.23 -2.51
C64 40P K . 42.66 -0.99 -3.54
C12 40P K . 44.22 0.90 -0.18
C13 40P L . 39.26 15.35 28.07
C18 40P L . 37.74 19.57 24.03
C15 40P L . 38.43 17.16 26.58
C17 40P L . 38.40 18.31 24.59
O1 40P L . 41.31 14.73 29.76
O3 40P L . 40.02 13.54 31.02
C2 40P L . 40.20 14.24 30.02
C8 40P L . 39.07 14.52 29.11
C9 40P L . 37.75 13.85 29.40
C10 40P L . 36.73 14.06 28.29
C27 40P L . 36.76 15.46 27.69
C28 40P L . 36.47 16.45 28.83
C46 40P L . 35.64 17.67 28.46
C22 40P L . 36.07 18.86 29.30
C29 40P L . 34.15 17.40 28.57
C6 40P L . 33.41 18.40 27.65
C30 40P L . 33.79 15.96 28.22
N31 40P L . 34.46 15.62 26.96
C32 40P L . 35.66 15.41 26.64
C33 40P L . 35.95 15.02 25.20
C34 40P L . 34.83 15.24 24.19
C35 40P L . 34.66 16.73 23.95
C36 40P L . 33.71 17.09 22.83
C38 40P L . 32.96 16.19 22.22
C37 40P L . 33.66 18.54 22.36
C48 40P L . 33.36 19.54 23.47
C49 40P L . 31.96 19.34 24.08
C50 40P L . 31.60 20.49 25.02
C51 40P L . 31.93 21.84 24.40
O52 40P L . 31.68 22.86 25.34
C53 40P L . 31.08 22.08 23.17
O47 40P L . 33.59 20.86 23.02
C43 40P L . 33.39 21.86 24.00
O44 40P L . 34.30 21.72 25.11
C42 40P L . 33.77 23.15 23.26
C55 40P L . 35.20 23.35 23.66
C23 40P L . 35.54 22.25 24.69
O48 40P L . 36.48 21.37 24.15
C80 40P L . 36.04 23.02 25.87
C60 40P L . 36.53 21.97 26.88
C81 40P L . 37.51 20.98 26.23
C21 40P L . 36.86 20.30 25.03
O16 40P L . 37.56 17.61 25.52
O65 40P L . 39.57 18.67 25.29
C61 40P L . 39.83 17.50 26.06
C62 40P L . 40.50 16.50 25.11
O66 40P L . 41.75 17.04 24.69
C63 40P L . 39.65 16.18 23.88
C67 40P L . 40.43 15.60 22.70
C64 40P L . 38.84 17.41 23.46
C12 40P L . 38.17 15.71 27.07
CA CA M . -9.64 11.08 38.00
C13 40P N . 19.83 -3.53 44.88
C18 40P N . 16.57 1.54 44.77
C15 40P N . 18.22 -1.62 44.81
C17 40P N . 17.78 0.64 44.64
O1 40P N . 21.55 -4.89 46.57
O3 40P N . 21.04 -6.78 45.67
C2 40P N . 20.95 -5.54 45.69
C8 40P N . 20.10 -4.84 44.71
C9 40P N . 19.51 -5.63 43.57
C10 40P N . 18.80 -4.74 42.56
C27 40P N . 17.95 -3.61 43.18
C28 40P N . 16.92 -4.21 44.15
C46 40P N . 15.56 -3.52 44.23
C22 40P N . 14.89 -3.75 45.59
C29 40P N . 14.63 -3.98 43.11
C6 40P N . 13.65 -2.86 42.80
C30 40P N . 15.39 -4.44 41.85
N31 40P N . 16.30 -3.38 41.42
C32 40P N . 17.38 -2.95 41.94
C33 40P N . 18.10 -1.80 41.22
C34 40P N . 17.29 -1.03 40.18
C35 40P N . 16.25 -0.18 40.89
C36 40P N . 15.52 0.83 40.05
C38 40P N . 15.61 0.88 38.73
C37 40P N . 14.68 1.86 40.78
C48 40P N . 13.58 1.28 41.66
C49 40P N . 12.61 0.40 40.86
C50 40P N . 11.39 0.00 41.70
C51 40P N . 10.80 1.21 42.43
O52 40P N . 9.78 0.77 43.32
C53 40P N . 10.19 2.20 41.43
O47 40P N . 12.87 2.34 42.26
C43 40P N . 11.93 1.88 43.21
O44 40P N . 12.60 1.00 44.13
C42 40P N . 11.50 3.13 44.00
C55 40P N . 12.30 3.04 45.29
C23 40P N . 13.04 1.72 45.27
O48 40P N . 14.43 1.95 45.08
C80 40P N . 12.70 1.02 46.56
C60 40P N . 13.63 -0.19 46.72
C81 40P N . 15.08 0.01 46.28
C21 40P N . 15.28 0.80 45.00
O16 40P N . 17.50 -0.64 44.04
O65 40P N . 18.30 0.35 45.94
C61 40P N . 19.11 -0.79 45.74
C62 40P N . 20.44 -0.30 45.15
O66 40P N . 21.07 0.49 46.16
C63 40P N . 20.22 0.51 43.88
C67 40P N . 21.43 1.41 43.57
C64 40P N . 18.92 1.31 43.89
C12 40P N . 18.92 -2.70 43.98
C13 40P O . 14.53 -30.13 27.84
C18 40P O . 8.84 -28.47 28.86
C15 40P O . 12.11 -29.59 28.06
C17 40P O . 10.35 -28.50 29.06
O1 40P O . 16.46 -31.92 28.69
O3 40P O . 17.49 -31.76 26.79
C2 40P O . 16.56 -31.43 27.55
C8 40P O . 15.59 -30.44 27.07
C9 40P O . 15.78 -29.86 25.69
C10 40P O . 14.81 -28.73 25.37
C27 40P O . 13.41 -28.99 25.89
C28 40P O . 12.88 -30.30 25.24
C46 40P O . 11.39 -30.30 24.87
C22 40P O . 10.86 -31.75 24.94
C29 40P O . 11.14 -29.71 23.48
C6 40P O . 9.74 -29.12 23.36
C30 40P O . 12.15 -28.62 23.10
N31 40P O . 12.27 -27.63 24.19
C32 40P O . 12.73 -27.71 25.38
C33 40P O . 12.74 -26.42 26.22
C34 40P O . 11.72 -25.33 25.85
C35 40P O . 10.29 -25.82 26.00
C36 40P O . 9.23 -24.76 25.80
C38 40P O . 9.46 -23.54 25.32
C37 40P O . 7.80 -25.11 26.22
C48 40P O . 7.23 -26.39 25.55
C49 40P O . 7.23 -26.30 24.04
C50 40P O . 6.39 -27.43 23.39
C51 40P O . 5.06 -27.65 24.11
O52 40P O . 4.42 -28.81 23.57
C53 40P O . 4.15 -26.44 23.93
O47 40P O . 5.93 -26.64 26.07
C43 40P O . 5.34 -27.85 25.60
O44 40P O . 6.27 -28.91 25.84
C42 40P O . 4.14 -28.16 26.47
C55 40P O . 4.62 -29.19 27.46
C23 40P O . 6.03 -29.60 27.02
O48 40P O . 6.92 -29.08 28.00
C80 40P O . 6.05 -31.10 26.97
C60 40P O . 7.52 -31.52 26.80
C81 40P O . 8.42 -30.84 27.84
C21 40P O . 8.30 -29.32 27.75
O16 40P O . 11.08 -28.62 27.81
O65 40P O . 10.66 -29.67 29.78
C61 40P O . 12.05 -29.83 29.57
C62 40P O . 12.80 -28.84 30.47
O66 40P O . 12.58 -29.24 31.83
C63 40P O . 12.33 -27.40 30.23
C67 40P O . 12.75 -26.47 31.39
C64 40P O . 10.84 -27.31 29.90
C12 40P O . 13.46 -29.16 27.42
CA CA P . 30.45 -32.84 -0.92
C13 40P Q . 30.06 -27.35 0.13
C18 40P Q . 24.54 -28.46 -1.91
C15 40P Q . 27.84 -27.59 -0.90
C17 40P Q . 25.67 -28.34 -0.89
O1 40P Q . 32.51 -28.65 0.58
O3 40P Q . 33.56 -26.75 0.48
C2 40P Q . 32.49 -27.41 0.45
C8 40P Q . 31.22 -26.69 0.25
C9 40P Q . 31.29 -25.20 0.19
C10 40P Q . 29.94 -24.54 0.22
C27 40P Q . 28.89 -25.24 -0.65
C28 40P Q . 29.45 -25.33 -2.09
C46 40P Q . 28.45 -25.21 -3.24
C22 40P Q . 29.03 -25.98 -4.45
C29 40P Q . 28.16 -23.73 -3.52
C6 40P Q . 26.77 -23.53 -4.12
C30 40P Q . 28.27 -22.79 -2.32
N31 40P Q . 27.51 -23.30 -1.15
C32 40P Q . 27.70 -24.32 -0.42
C33 40P Q . 26.73 -24.56 0.76
C34 40P Q . 25.39 -23.83 0.67
C35 40P Q . 24.55 -24.40 -0.45
C36 40P Q . 23.10 -23.92 -0.55
C38 40P Q . 22.63 -22.92 0.18
C37 40P Q . 22.15 -24.65 -1.50
C48 40P Q . 22.59 -24.65 -2.97
C49 40P Q . 22.77 -23.24 -3.56
C50 40P Q . 23.07 -23.30 -5.06
C51 40P Q . 22.03 -24.17 -5.80
O52 40P Q . 22.40 -24.22 -7.18
C53 40P Q . 20.61 -23.56 -5.77
O47 40P Q . 21.67 -25.40 -3.76
C43 40P Q . 22.09 -25.54 -5.13
O44 40P Q . 23.41 -26.13 -5.17
C42 40P Q . 21.16 -26.58 -5.76
C55 40P Q . 21.96 -27.85 -5.73
C23 40P Q . 23.37 -27.52 -5.23
O48 40P Q . 23.53 -28.04 -3.89
C80 40P Q . 24.31 -28.15 -6.21
C60 40P Q . 25.71 -27.99 -5.59
C81 40P Q . 25.80 -28.53 -4.16
C21 40P Q . 24.80 -27.82 -3.27
O16 40P Q . 26.49 -27.16 -1.01
O65 40P Q . 26.54 -29.42 -1.07
C61 40P Q . 27.73 -29.03 -0.42
C62 40P Q . 27.51 -29.27 1.07
O66 40P Q . 27.37 -30.69 1.18
C63 40P Q . 26.27 -28.53 1.58
C67 40P Q . 25.72 -29.04 2.94
C64 40P Q . 25.14 -28.47 0.54
C12 40P Q . 28.73 -26.66 -0.07
CL CL R . 29.43 -31.59 -3.30
C13 40P S . -7.25 14.69 -36.91
C18 40P S . -10.19 14.97 -42.14
C15 40P S . -8.50 15.15 -39.01
C17 40P S . -9.55 14.34 -40.92
O1 40P S . -4.63 14.30 -36.07
O3 40P S . -5.09 15.26 -34.15
C2 40P S . -5.45 14.85 -35.28
C8 40P S . -6.84 15.08 -35.69
C9 40P S . -7.76 15.78 -34.73
C10 40P S . -9.21 15.76 -35.21
C27 40P S . -9.34 16.08 -36.71
C28 40P S . -8.67 17.44 -37.04
C46 40P S . -9.35 18.26 -38.14
C22 40P S . -8.36 19.12 -38.93
C29 40P S . -10.49 19.11 -37.62
C6 40P S . -11.49 19.42 -38.72
C30 40P S . -11.21 18.52 -36.42
N31 40P S . -11.55 17.13 -36.72
C32 40P S . -10.86 16.08 -36.90
C33 40P S . -11.65 14.80 -37.17
C34 40P S . -13.08 15.00 -37.67
C35 40P S . -13.09 15.51 -39.10
C36 40P S . -14.47 15.59 -39.76
C38 40P S . -15.58 15.34 -39.11
C37 40P S . -14.55 15.93 -41.24
C48 40P S . -13.88 17.26 -41.59
C49 40P S . -14.50 18.45 -40.86
C50 40P S . -14.09 19.81 -41.42
C51 40P S . -14.05 19.77 -42.95
O52 40P S . -13.39 20.96 -43.43
C53 40P S . -15.47 19.71 -43.48
O47 40P S . -13.84 17.38 -43.01
C43 40P S . -13.23 18.60 -43.43
O44 40P S . -11.89 18.67 -42.93
C42 40P S . -13.14 18.51 -44.95
C55 40P S . -11.72 18.02 -45.20
C23 40P S . -11.01 18.02 -43.86
O48 40P S . -10.78 16.69 -43.43
C80 40P S . -9.75 18.79 -44.08
C60 40P S . -8.93 18.65 -42.78
C81 40P S . -8.82 17.19 -42.27
C21 40P S . -10.18 16.50 -42.15
O16 40P S . -9.74 15.10 -39.72
O65 40P S . -8.14 14.30 -41.08
C61 40P S . -7.67 14.09 -39.76
C62 40P S . -7.92 12.61 -39.41
O66 40P S . -7.16 11.84 -40.34
C63 40P S . -9.39 12.20 -39.56
C67 40P S . -9.53 10.67 -39.64
C64 40P S . -10.05 12.89 -40.74
C12 40P S . -8.63 14.95 -37.48
C13 40P T . -14.99 29.88 -9.73
C18 40P T . -16.48 34.08 -13.79
C15 40P T . -15.90 31.67 -11.23
C17 40P T . -15.84 32.82 -13.23
O1 40P T . -12.96 29.41 -7.96
O3 40P T . -14.25 28.13 -6.76
C2 40P T . -14.07 28.85 -7.75
C8 40P T . -15.18 29.05 -8.68
C9 40P T . -16.50 28.35 -8.42
C10 40P T . -17.44 28.46 -9.60
C27 40P T . -17.48 29.88 -10.19
C28 40P T . -17.83 30.90 -9.09
C46 40P T . -18.70 32.07 -9.55
C22 40P T . -18.35 33.35 -8.76
C29 40P T . -20.18 31.74 -9.46
C6 40P T . -21.03 32.65 -10.34
C30 40P T . -20.50 30.27 -9.79
N31 40P T . -19.80 29.91 -11.02
C32 40P T . -18.56 29.74 -11.29
C33 40P T . -18.20 29.31 -12.70
C34 40P T . -19.30 29.48 -13.79
C35 40P T . -19.50 30.97 -14.07
C36 40P T . -20.42 31.33 -15.23
C38 40P T . -21.18 30.42 -15.84
C37 40P T . -20.45 32.76 -15.68
C48 40P T . -20.80 33.78 -14.59
C49 40P T . -22.16 33.49 -13.95
C50 40P T . -22.70 34.65 -13.11
C51 40P T . -22.48 36.00 -13.78
O52 40P T . -22.77 37.06 -12.87
C53 40P T . -23.38 36.13 -15.00
O47 40P T . -20.73 35.10 -15.10
C43 40P T . -21.01 36.12 -14.13
O44 40P T . -20.15 36.05 -12.95
C42 40P T . -20.66 37.41 -14.85
C55 40P T . -19.23 37.66 -14.40
C23 40P T . -18.92 36.59 -13.34
O48 40P T . -17.94 35.71 -13.80
C80 40P T . -18.49 37.40 -12.16
C60 40P T . -17.95 36.44 -11.09
C81 40P T . -16.90 35.49 -11.66
C21 40P T . -17.48 34.74 -12.87
O16 40P T . -16.67 32.01 -12.40
O65 40P T . -14.73 33.23 -12.42
C61 40P T . -14.48 32.06 -11.66
C62 40P T . -13.72 31.09 -12.58
O66 40P T . -12.50 31.72 -12.93
C63 40P T . -14.50 30.75 -13.85
C67 40P T . -13.61 30.12 -14.95
C64 40P T . -15.26 31.98 -14.36
C12 40P T . -16.07 30.20 -10.75
C13 40P U . -34.12 10.67 7.08
C18 40P U . -37.48 15.67 6.84
C15 40P U . -35.76 12.52 6.94
C17 40P U . -36.24 14.79 6.71
O1 40P U . -32.27 9.31 8.74
O3 40P U . -32.81 7.45 7.77
C2 40P U . -32.93 8.68 7.88
C8 40P U . -33.82 9.36 6.93
C9 40P U . -34.39 8.53 5.81
C10 40P U . -35.04 9.42 4.76
C27 40P U . -35.93 10.51 5.33
C28 40P U . -37.00 9.90 6.30
C46 40P U . -38.38 10.55 6.34
C22 40P U . -39.04 10.27 7.72
C29 40P U . -39.31 10.08 5.21
C6 40P U . -40.37 11.12 4.85
C30 40P U . -38.56 9.65 3.95
N31 40P U . -37.62 10.71 3.57
C32 40P U . -36.54 11.14 4.10
C33 40P U . -35.86 12.27 3.34
C34 40P U . -36.69 13.02 2.30
C35 40P U . -37.70 13.96 2.97
C36 40P U . -38.54 14.84 2.06
C38 40P U . -38.48 14.78 0.73
C37 40P U . -39.47 15.87 2.68
C48 40P U . -40.47 15.24 3.66
C49 40P U . -41.36 14.21 2.94
C50 40P U . -42.60 13.83 3.76
C51 40P U . -43.24 15.04 4.43
O52 40P U . -44.24 14.60 5.34
C53 40P U . -43.86 15.96 3.37
O47 40P U . -41.20 16.27 4.30
C43 40P U . -42.15 15.78 5.22
O44 40P U . -41.45 14.95 6.17
C42 40P U . -42.68 16.99 6.01
C55 40P U . -41.78 17.07 7.23
C23 40P U . -41.03 15.73 7.30
O48 40P U . -39.67 16.02 7.10
C80 40P U . -41.32 15.06 8.61
C60 40P U . -40.38 13.85 8.74
C81 40P U . -38.91 14.22 8.44
C21 40P U . -38.76 14.92 7.11
O16 40P U . -36.48 13.49 6.14
O65 40P U . -35.78 14.51 8.01
C61 40P U . -34.92 13.41 7.83
C62 40P U . -33.63 13.96 7.24
O66 40P U . -33.13 14.89 8.20
C63 40P U . -33.84 14.75 5.93
C67 40P U . -32.65 15.68 5.63
C64 40P U . -35.15 15.53 5.93
C12 40P U . -35.01 11.46 6.13
C13 40P V . -38.35 -16.43 -9.42
C18 40P V . -44.05 -14.86 -8.51
C15 40P V . -40.76 -15.93 -9.32
C17 40P V . -42.55 -14.89 -8.31
O1 40P V . -36.43 -18.12 -8.41
O3 40P V . -35.27 -17.98 -10.26
C2 40P V . -36.27 -17.66 -9.55
C8 40P V . -37.25 -16.72 -10.11
C9 40P V . -36.99 -16.13 -11.48
C10 40P V . -37.96 -15.00 -11.83
C27 40P V . -39.40 -15.32 -11.43
C28 40P V . -39.86 -16.64 -12.07
C46 40P V . -41.34 -16.66 -12.51
C22 40P V . -41.91 -18.09 -12.47
C29 40P V . -41.55 -16.06 -13.89
C6 40P V . -43.00 -15.57 -14.03
C30 40P V . -40.57 -14.96 -14.26
N31 40P V . -40.49 -13.97 -13.20
C32 40P V . -40.07 -14.05 -11.99
C33 40P V . -40.13 -12.77 -11.16
C34 40P V . -41.16 -11.73 -11.58
C35 40P V . -42.57 -12.23 -11.33
C36 40P V . -43.65 -11.21 -11.64
C38 40P V . -43.37 -10.01 -12.16
C37 40P V . -45.07 -11.55 -11.28
C48 40P V . -45.61 -12.82 -11.96
C49 40P V . -45.58 -12.67 -13.47
C50 40P V . -46.38 -13.79 -14.16
C51 40P V . -47.72 -14.05 -13.48
O52 40P V . -48.24 -15.25 -14.07
C53 40P V . -48.68 -12.88 -13.68
O47 40P V . -46.90 -13.08 -11.44
C43 40P V . -47.48 -14.25 -11.99
O44 40P V . -46.59 -15.33 -11.75
C42 40P V . -48.73 -14.58 -11.16
C55 40P V . -48.24 -15.59 -10.14
C23 40P V . -46.81 -15.98 -10.53
O48 40P V . -45.96 -15.44 -9.53
C80 40P V . -46.78 -17.47 -10.55
C60 40P V . -45.29 -17.84 -10.70
C81 40P V . -44.39 -17.19 -9.64
C21 40P V . -44.54 -15.66 -9.71
O16 40P V . -41.81 -14.98 -9.54
O65 40P V . -42.22 -16.04 -7.55
C61 40P V . -40.84 -16.19 -7.80
C62 40P V . -40.13 -15.16 -6.89
O66 40P V . -40.40 -15.49 -5.52
C63 40P V . -40.61 -13.74 -7.17
C67 40P V . -40.21 -12.79 -6.05
C64 40P V . -42.10 -13.68 -7.46
C12 40P V . -39.43 -15.48 -9.89
CA CA W . -21.21 -19.42 -37.40
C13 40P X . -21.73 -13.87 -36.57
C18 40P X . -27.25 -15.05 -38.69
C15 40P X . -23.97 -14.15 -37.66
C17 40P X . -26.14 -14.93 -37.68
O1 40P X . -19.31 -15.09 -36.11
O3 40P X . -18.29 -13.15 -36.05
C2 40P X . -19.33 -13.84 -36.18
C8 40P X . -20.59 -13.17 -36.44
C9 40P X . -20.53 -11.67 -36.58
C10 40P X . -21.90 -11.03 -36.59
C27 40P X . -22.93 -11.79 -37.44
C28 40P X . -22.41 -11.87 -38.88
C46 40P X . -23.50 -11.82 -39.97
C22 40P X . -23.03 -12.64 -41.18
C29 40P X . -23.81 -10.39 -40.37
C6 40P X . -25.18 -10.26 -40.99
C30 40P X . -23.66 -9.40 -39.22
N31 40P X . -24.41 -9.92 -38.07
C32 40P X . -24.18 -10.91 -37.30
C33 40P X . -25.20 -11.11 -36.16
C34 40P X . -26.54 -10.40 -36.32
C35 40P X . -27.37 -11.01 -37.44
C36 40P X . -28.81 -10.55 -37.51
C38 40P X . -29.28 -9.54 -36.80
C37 40P X . -29.76 -11.31 -38.43
C48 40P X . -29.24 -11.43 -39.88
C49 40P X . -28.99 -10.04 -40.48
C50 40P X . -28.80 -10.05 -42.00
C51 40P X . -29.69 -11.03 -42.74
O52 40P X . -29.28 -11.15 -44.11
C53 40P X . -31.13 -10.53 -42.75
O47 40P X . -30.12 -12.22 -40.71
C43 40P X . -29.62 -12.38 -42.05
O44 40P X . -28.28 -12.89 -42.03
C42 40P X . -30.46 -13.48 -42.70
C55 40P X . -29.67 -14.76 -42.50
C23 40P X . -28.28 -14.31 -42.04
O48 40P X . -28.16 -14.80 -40.70
C80 40P X . -27.29 -14.89 -42.99
C60 40P X . -25.89 -14.75 -42.36
C81 40P X . -25.90 -15.23 -40.90
C21 40P X . -26.92 -14.50 -40.07
O16 40P X . -25.34 -13.73 -37.82
O65 40P X . -25.25 -16.01 -37.82
C61 40P X . -24.12 -15.57 -37.12
C62 40P X . -24.38 -15.74 -35.63
O66 40P X . -24.46 -17.14 -35.41
C63 40P X . -25.67 -15.04 -35.21
C67 40P X . -26.26 -15.49 -33.84
C64 40P X . -26.73 -15.12 -36.30
C12 40P X . -23.09 -13.21 -36.84
CL CL Y . -22.71 -17.81 -39.96
#